data_3ACB
# 
_entry.id   3ACB 
# 
_audit_conform.dict_name       mmcif_pdbx.dic 
_audit_conform.dict_version    5.380 
_audit_conform.dict_location   http://mmcif.pdb.org/dictionaries/ascii/mmcif_pdbx.dic 
# 
loop_
_database_2.database_id 
_database_2.database_code 
_database_2.pdbx_database_accession 
_database_2.pdbx_DOI 
PDB   3ACB         pdb_00003acb 10.2210/pdb3acb/pdb 
RCSB  RCSB029077   ?            ?                   
WWPDB D_1000029077 ?            ?                   
# 
_pdbx_database_PDB_obs_spr.id               SPRSDE 
_pdbx_database_PDB_obs_spr.date             2010-02-23 
_pdbx_database_PDB_obs_spr.pdb_id           3ACB 
_pdbx_database_PDB_obs_spr.replace_pdb_id   2YWS 
_pdbx_database_PDB_obs_spr.details          ? 
# 
loop_
_pdbx_database_related.db_name 
_pdbx_database_related.db_id 
_pdbx_database_related.details 
_pdbx_database_related.content_type 
PDB 3ACC . unspecified 
PDB 3ACD . unspecified 
# 
_pdbx_database_status.status_code                     REL 
_pdbx_database_status.entry_id                        3ACB 
_pdbx_database_status.recvd_initial_deposition_date   2009-12-30 
_pdbx_database_status.deposit_site                    PDBJ 
_pdbx_database_status.process_site                    PDBJ 
_pdbx_database_status.status_code_sf                  REL 
_pdbx_database_status.status_code_mr                  ? 
_pdbx_database_status.SG_entry                        Y 
_pdbx_database_status.pdb_format_compatible           Y 
_pdbx_database_status.status_code_cs                  ? 
_pdbx_database_status.status_code_nmr_data            ? 
_pdbx_database_status.methods_development_category    ? 
# 
loop_
_audit_author.name 
_audit_author.pdbx_ordinal 
'Kanagawa, M.'                                           1 
'Baba, S.'                                               2 
'Hirotsu, K.'                                            3 
'Kuramitsu, S.'                                          4 
'Yokoyama, S.'                                           5 
'Kawai, G.'                                              6 
'Sampei, G.'                                             7 
'RIKEN Structural Genomics/Proteomics Initiative (RSGI)' 8 
# 
_citation.id                        primary 
_citation.title                     
'Structures of hypoxanthine-guanine phosphoribosyltransferase (TTHA0220) from Thermus thermophilus HB8.' 
_citation.journal_abbrev            'Acta Crystallogr.,Sect.F' 
_citation.journal_volume            66 
_citation.page_first                893 
_citation.page_last                 898 
_citation.year                      2010 
_citation.journal_id_ASTM           ? 
_citation.country                   DK 
_citation.journal_id_ISSN           1744-3091 
_citation.journal_id_CSD            ? 
_citation.book_publisher            ? 
_citation.pdbx_database_id_PubMed   20693661 
_citation.pdbx_database_id_DOI      10.1107/S1744309110023079 
# 
loop_
_citation_author.citation_id 
_citation_author.name 
_citation_author.ordinal 
_citation_author.identifier_ORCID 
primary 'Kanagawa, M.'  1  ? 
primary 'Baba, S.'      2  ? 
primary 'Ebihara, A.'   3  ? 
primary 'Shinkai, A.'   4  ? 
primary 'Hirotsu, K.'   5  ? 
primary 'Mega, R.'      6  ? 
primary 'Kim, K.'       7  ? 
primary 'Kuramitsu, S.' 8  ? 
primary 'Sampei, G.'    9  ? 
primary 'Kawai, G.'     10 ? 
# 
_cell.entry_id           3ACB 
_cell.length_a           66.712 
_cell.length_b           66.712 
_cell.length_c           152.557 
_cell.angle_alpha        90.00 
_cell.angle_beta         90.00 
_cell.angle_gamma        120.00 
_cell.Z_PDB              12 
_cell.pdbx_unique_axis   ? 
_cell.length_a_esd       ? 
_cell.length_b_esd       ? 
_cell.length_c_esd       ? 
_cell.angle_alpha_esd    ? 
_cell.angle_beta_esd     ? 
_cell.angle_gamma_esd    ? 
# 
_symmetry.entry_id                         3ACB 
_symmetry.space_group_name_H-M             'P 65 2 2' 
_symmetry.pdbx_full_space_group_name_H-M   ? 
_symmetry.cell_setting                     ? 
_symmetry.Int_Tables_number                179 
_symmetry.space_group_name_Hall            ? 
# 
loop_
_entity.id 
_entity.type 
_entity.src_method 
_entity.pdbx_description 
_entity.formula_weight 
_entity.pdbx_number_of_molecules 
_entity.pdbx_ec 
_entity.pdbx_mutation 
_entity.pdbx_fragment 
_entity.details 
1 polymer     man 'Hypoxanthine-guanine phosphoribosyltransferase' 20193.264 1   2.4.2.8 ? ? ? 
2 non-polymer syn '1,4-DIETHYLENE DIOXIDE'                         88.105    2   ?       ? ? ? 
3 water       nat water                                            18.015    127 ?       ? ? ? 
# 
_entity_poly.entity_id                      1 
_entity_poly.type                           'polypeptide(L)' 
_entity_poly.nstd_linkage                   no 
_entity_poly.nstd_monomer                   no 
_entity_poly.pdbx_seq_one_letter_code       
;MKGMFTPGNGPVQISAEAIKKRVEELGGEIARDYQGKTPHLICVLNGAFIFMADLVRAIPLPLTMDFIAISSYGNAFKSS
GEVELLKDLRLPIHGRDVIVVEDIVDTGLTLSYLLDYLEARKPASVRVAALLSKPSRRQVEVPIHYLGFEIEDAYVYGYG
LDRAQFDRNLPFITSIRPEEE
;
_entity_poly.pdbx_seq_one_letter_code_can   
;MKGMFTPGNGPVQISAEAIKKRVEELGGEIARDYQGKTPHLICVLNGAFIFMADLVRAIPLPLTMDFIAISSYGNAFKSS
GEVELLKDLRLPIHGRDVIVVEDIVDTGLTLSYLLDYLEARKPASVRVAALLSKPSRRQVEVPIHYLGFEIEDAYVYGYG
LDRAQFDRNLPFITSIRPEEE
;
_entity_poly.pdbx_strand_id                 A 
_entity_poly.pdbx_target_identifier         ? 
# 
loop_
_entity_poly_seq.entity_id 
_entity_poly_seq.num 
_entity_poly_seq.mon_id 
_entity_poly_seq.hetero 
1 1   MET n 
1 2   LYS n 
1 3   GLY n 
1 4   MET n 
1 5   PHE n 
1 6   THR n 
1 7   PRO n 
1 8   GLY n 
1 9   ASN n 
1 10  GLY n 
1 11  PRO n 
1 12  VAL n 
1 13  GLN n 
1 14  ILE n 
1 15  SER n 
1 16  ALA n 
1 17  GLU n 
1 18  ALA n 
1 19  ILE n 
1 20  LYS n 
1 21  LYS n 
1 22  ARG n 
1 23  VAL n 
1 24  GLU n 
1 25  GLU n 
1 26  LEU n 
1 27  GLY n 
1 28  GLY n 
1 29  GLU n 
1 30  ILE n 
1 31  ALA n 
1 32  ARG n 
1 33  ASP n 
1 34  TYR n 
1 35  GLN n 
1 36  GLY n 
1 37  LYS n 
1 38  THR n 
1 39  PRO n 
1 40  HIS n 
1 41  LEU n 
1 42  ILE n 
1 43  CYS n 
1 44  VAL n 
1 45  LEU n 
1 46  ASN n 
1 47  GLY n 
1 48  ALA n 
1 49  PHE n 
1 50  ILE n 
1 51  PHE n 
1 52  MET n 
1 53  ALA n 
1 54  ASP n 
1 55  LEU n 
1 56  VAL n 
1 57  ARG n 
1 58  ALA n 
1 59  ILE n 
1 60  PRO n 
1 61  LEU n 
1 62  PRO n 
1 63  LEU n 
1 64  THR n 
1 65  MET n 
1 66  ASP n 
1 67  PHE n 
1 68  ILE n 
1 69  ALA n 
1 70  ILE n 
1 71  SER n 
1 72  SER n 
1 73  TYR n 
1 74  GLY n 
1 75  ASN n 
1 76  ALA n 
1 77  PHE n 
1 78  LYS n 
1 79  SER n 
1 80  SER n 
1 81  GLY n 
1 82  GLU n 
1 83  VAL n 
1 84  GLU n 
1 85  LEU n 
1 86  LEU n 
1 87  LYS n 
1 88  ASP n 
1 89  LEU n 
1 90  ARG n 
1 91  LEU n 
1 92  PRO n 
1 93  ILE n 
1 94  HIS n 
1 95  GLY n 
1 96  ARG n 
1 97  ASP n 
1 98  VAL n 
1 99  ILE n 
1 100 VAL n 
1 101 VAL n 
1 102 GLU n 
1 103 ASP n 
1 104 ILE n 
1 105 VAL n 
1 106 ASP n 
1 107 THR n 
1 108 GLY n 
1 109 LEU n 
1 110 THR n 
1 111 LEU n 
1 112 SER n 
1 113 TYR n 
1 114 LEU n 
1 115 LEU n 
1 116 ASP n 
1 117 TYR n 
1 118 LEU n 
1 119 GLU n 
1 120 ALA n 
1 121 ARG n 
1 122 LYS n 
1 123 PRO n 
1 124 ALA n 
1 125 SER n 
1 126 VAL n 
1 127 ARG n 
1 128 VAL n 
1 129 ALA n 
1 130 ALA n 
1 131 LEU n 
1 132 LEU n 
1 133 SER n 
1 134 LYS n 
1 135 PRO n 
1 136 SER n 
1 137 ARG n 
1 138 ARG n 
1 139 GLN n 
1 140 VAL n 
1 141 GLU n 
1 142 VAL n 
1 143 PRO n 
1 144 ILE n 
1 145 HIS n 
1 146 TYR n 
1 147 LEU n 
1 148 GLY n 
1 149 PHE n 
1 150 GLU n 
1 151 ILE n 
1 152 GLU n 
1 153 ASP n 
1 154 ALA n 
1 155 TYR n 
1 156 VAL n 
1 157 TYR n 
1 158 GLY n 
1 159 TYR n 
1 160 GLY n 
1 161 LEU n 
1 162 ASP n 
1 163 ARG n 
1 164 ALA n 
1 165 GLN n 
1 166 PHE n 
1 167 ASP n 
1 168 ARG n 
1 169 ASN n 
1 170 LEU n 
1 171 PRO n 
1 172 PHE n 
1 173 ILE n 
1 174 THR n 
1 175 SER n 
1 176 ILE n 
1 177 ARG n 
1 178 PRO n 
1 179 GLU n 
1 180 GLU n 
1 181 GLU n 
# 
_entity_src_gen.entity_id                          1 
_entity_src_gen.pdbx_src_id                        1 
_entity_src_gen.pdbx_alt_source_flag               sample 
_entity_src_gen.pdbx_seq_type                      ? 
_entity_src_gen.pdbx_beg_seq_num                   ? 
_entity_src_gen.pdbx_end_seq_num                   ? 
_entity_src_gen.gene_src_common_name               ? 
_entity_src_gen.gene_src_genus                     ? 
_entity_src_gen.pdbx_gene_src_gene                 TTHA0220 
_entity_src_gen.gene_src_species                   ? 
_entity_src_gen.gene_src_strain                    HB8 
_entity_src_gen.gene_src_tissue                    ? 
_entity_src_gen.gene_src_tissue_fraction           ? 
_entity_src_gen.gene_src_details                   ? 
_entity_src_gen.pdbx_gene_src_fragment             ? 
_entity_src_gen.pdbx_gene_src_scientific_name      'Thermus thermophilus' 
_entity_src_gen.pdbx_gene_src_ncbi_taxonomy_id     300852 
_entity_src_gen.pdbx_gene_src_variant              ? 
_entity_src_gen.pdbx_gene_src_cell_line            ? 
_entity_src_gen.pdbx_gene_src_atcc                 ? 
_entity_src_gen.pdbx_gene_src_organ                ? 
_entity_src_gen.pdbx_gene_src_organelle            ? 
_entity_src_gen.pdbx_gene_src_cell                 ? 
_entity_src_gen.pdbx_gene_src_cellular_location    ? 
_entity_src_gen.host_org_common_name               ? 
_entity_src_gen.pdbx_host_org_scientific_name      'Escherichia coli' 
_entity_src_gen.pdbx_host_org_ncbi_taxonomy_id     562 
_entity_src_gen.host_org_genus                     ? 
_entity_src_gen.pdbx_host_org_gene                 ? 
_entity_src_gen.pdbx_host_org_organ                ? 
_entity_src_gen.host_org_species                   ? 
_entity_src_gen.pdbx_host_org_tissue               ? 
_entity_src_gen.pdbx_host_org_tissue_fraction      ? 
_entity_src_gen.pdbx_host_org_strain               ? 
_entity_src_gen.pdbx_host_org_variant              ? 
_entity_src_gen.pdbx_host_org_cell_line            ? 
_entity_src_gen.pdbx_host_org_atcc                 ? 
_entity_src_gen.pdbx_host_org_culture_collection   ? 
_entity_src_gen.pdbx_host_org_cell                 ? 
_entity_src_gen.pdbx_host_org_organelle            ? 
_entity_src_gen.pdbx_host_org_cellular_location    ? 
_entity_src_gen.pdbx_host_org_vector_type          PLASMID 
_entity_src_gen.pdbx_host_org_vector               ? 
_entity_src_gen.host_org_details                   ? 
_entity_src_gen.expression_system_id               ? 
_entity_src_gen.plasmid_name                       pET-11A 
_entity_src_gen.plasmid_details                    ? 
_entity_src_gen.pdbx_description                   ? 
# 
_struct_ref.id                         1 
_struct_ref.db_name                    UNP 
_struct_ref.db_code                    Q5SLS3_THET8 
_struct_ref.pdbx_db_accession          Q5SLS3 
_struct_ref.entity_id                  1 
_struct_ref.pdbx_seq_one_letter_code   
;MKGMFTPGNGPVQISAEAIKKRVEELGGEIARDYQGKTPHLICVLNGAFIFMADLVRAIPLPLTMDFIAISSYGNAFKSS
GEVELLKDLRLPIHGRDVIVVEDIVDTGLTLSYLLDYLEARKPASVRVAALLSKPSRRQVEVPIHYLGFEIEDAYVYGYG
LDRAQFDRNLPFITSIRPEEE
;
_struct_ref.pdbx_align_begin           1 
_struct_ref.pdbx_db_isoform            ? 
# 
_struct_ref_seq.align_id                      1 
_struct_ref_seq.ref_id                        1 
_struct_ref_seq.pdbx_PDB_id_code              3ACB 
_struct_ref_seq.pdbx_strand_id                A 
_struct_ref_seq.seq_align_beg                 1 
_struct_ref_seq.pdbx_seq_align_beg_ins_code   ? 
_struct_ref_seq.seq_align_end                 181 
_struct_ref_seq.pdbx_seq_align_end_ins_code   ? 
_struct_ref_seq.pdbx_db_accession             Q5SLS3 
_struct_ref_seq.db_align_beg                  1 
_struct_ref_seq.pdbx_db_align_beg_ins_code    ? 
_struct_ref_seq.db_align_end                  181 
_struct_ref_seq.pdbx_db_align_end_ins_code    ? 
_struct_ref_seq.pdbx_auth_seq_align_beg       1 
_struct_ref_seq.pdbx_auth_seq_align_end       181 
# 
loop_
_chem_comp.id 
_chem_comp.type 
_chem_comp.mon_nstd_flag 
_chem_comp.name 
_chem_comp.pdbx_synonyms 
_chem_comp.formula 
_chem_comp.formula_weight 
ALA 'L-peptide linking' y ALANINE                  ? 'C3 H7 N O2'     89.093  
ARG 'L-peptide linking' y ARGININE                 ? 'C6 H15 N4 O2 1' 175.209 
ASN 'L-peptide linking' y ASPARAGINE               ? 'C4 H8 N2 O3'    132.118 
ASP 'L-peptide linking' y 'ASPARTIC ACID'          ? 'C4 H7 N O4'     133.103 
CYS 'L-peptide linking' y CYSTEINE                 ? 'C3 H7 N O2 S'   121.158 
DIO non-polymer         . '1,4-DIETHYLENE DIOXIDE' ? 'C4 H8 O2'       88.105  
GLN 'L-peptide linking' y GLUTAMINE                ? 'C5 H10 N2 O3'   146.144 
GLU 'L-peptide linking' y 'GLUTAMIC ACID'          ? 'C5 H9 N O4'     147.129 
GLY 'peptide linking'   y GLYCINE                  ? 'C2 H5 N O2'     75.067  
HIS 'L-peptide linking' y HISTIDINE                ? 'C6 H10 N3 O2 1' 156.162 
HOH non-polymer         . WATER                    ? 'H2 O'           18.015  
ILE 'L-peptide linking' y ISOLEUCINE               ? 'C6 H13 N O2'    131.173 
LEU 'L-peptide linking' y LEUCINE                  ? 'C6 H13 N O2'    131.173 
LYS 'L-peptide linking' y LYSINE                   ? 'C6 H15 N2 O2 1' 147.195 
MET 'L-peptide linking' y METHIONINE               ? 'C5 H11 N O2 S'  149.211 
PHE 'L-peptide linking' y PHENYLALANINE            ? 'C9 H11 N O2'    165.189 
PRO 'L-peptide linking' y PROLINE                  ? 'C5 H9 N O2'     115.130 
SER 'L-peptide linking' y SERINE                   ? 'C3 H7 N O3'     105.093 
THR 'L-peptide linking' y THREONINE                ? 'C4 H9 N O3'     119.119 
TYR 'L-peptide linking' y TYROSINE                 ? 'C9 H11 N O3'    181.189 
VAL 'L-peptide linking' y VALINE                   ? 'C5 H11 N O2'    117.146 
# 
_exptl.entry_id          3ACB 
_exptl.method            'X-RAY DIFFRACTION' 
_exptl.crystals_number   1 
# 
_exptl_crystal.id                    1 
_exptl_crystal.density_meas          ? 
_exptl_crystal.density_Matthews      2.43 
_exptl_crystal.density_percent_sol   49.31 
_exptl_crystal.description           ? 
_exptl_crystal.F_000                 ? 
_exptl_crystal.preparation           ? 
# 
_exptl_crystal_grow.crystal_id      1 
_exptl_crystal_grow.method          'VAPOR DIFFUSION, HANGING DROP' 
_exptl_crystal_grow.temp            293 
_exptl_crystal_grow.temp_details    ? 
_exptl_crystal_grow.pH              8.0 
_exptl_crystal_grow.pdbx_details    '15% Glycerol, 38% Dioxane, pH 8.0, VAPOR DIFFUSION, HANGING DROP, temperature 293K' 
_exptl_crystal_grow.pdbx_pH_range   . 
# 
_diffrn.id                     1 
_diffrn.ambient_temp           100 
_diffrn.ambient_temp_details   ? 
_diffrn.crystal_id             1 
# 
_diffrn_detector.diffrn_id              1 
_diffrn_detector.detector               CCD 
_diffrn_detector.type                   'RIGAKU JUPITER 210' 
_diffrn_detector.pdbx_collection_date   2007-03-18 
_diffrn_detector.details                ? 
# 
_diffrn_radiation.diffrn_id                        1 
_diffrn_radiation.wavelength_id                    1 
_diffrn_radiation.pdbx_monochromatic_or_laue_m_l   M 
_diffrn_radiation.monochromator                    'Fixed exit Si double crystal monochromator' 
_diffrn_radiation.pdbx_diffrn_protocol             'SINGLE WAVELENGTH' 
_diffrn_radiation.pdbx_scattering_type             x-ray 
# 
_diffrn_radiation_wavelength.id           1 
_diffrn_radiation_wavelength.wavelength   1.0000 
_diffrn_radiation_wavelength.wt           1.0 
# 
_diffrn_source.diffrn_id                   1 
_diffrn_source.source                      SYNCHROTRON 
_diffrn_source.type                        'SPRING-8 BEAMLINE BL26B1' 
_diffrn_source.pdbx_synchrotron_site       SPring-8 
_diffrn_source.pdbx_synchrotron_beamline   BL26B1 
_diffrn_source.pdbx_wavelength             ? 
_diffrn_source.pdbx_wavelength_list        1.0000 
# 
_reflns.entry_id                     3ACB 
_reflns.observed_criterion_sigma_I   ? 
_reflns.observed_criterion_sigma_F   ? 
_reflns.d_resolution_low             50.0 
_reflns.d_resolution_high            2.06 
_reflns.number_obs                   12932 
_reflns.number_all                   ? 
_reflns.percent_possible_obs         99.8 
_reflns.pdbx_Rmerge_I_obs            0.088 
_reflns.pdbx_Rsym_value              ? 
_reflns.B_iso_Wilson_estimate        15.3 
_reflns.pdbx_redundancy              10.8 
_reflns.pdbx_netI_over_sigmaI        ? 
_reflns.R_free_details               ? 
_reflns.limit_h_max                  ? 
_reflns.limit_h_min                  ? 
_reflns.limit_k_max                  ? 
_reflns.limit_k_min                  ? 
_reflns.limit_l_max                  ? 
_reflns.limit_l_min                  ? 
_reflns.observed_criterion_F_max     ? 
_reflns.observed_criterion_F_min     ? 
_reflns.pdbx_chi_squared             ? 
_reflns.pdbx_scaling_rejects         ? 
_reflns.pdbx_diffrn_id               1 
_reflns.pdbx_ordinal                 1 
# 
_reflns_shell.d_res_high             2.06 
_reflns_shell.d_res_low              2.13 
_reflns_shell.percent_possible_all   98.3 
_reflns_shell.Rmerge_I_obs           0.319 
_reflns_shell.pdbx_Rsym_value        ? 
_reflns_shell.meanI_over_sigI_obs    ? 
_reflns_shell.pdbx_redundancy        7.9 
_reflns_shell.percent_possible_obs   ? 
_reflns_shell.number_unique_all      1215 
_reflns_shell.number_measured_all    ? 
_reflns_shell.number_measured_obs    ? 
_reflns_shell.number_unique_obs      ? 
_reflns_shell.pdbx_chi_squared       ? 
_reflns_shell.pdbx_diffrn_id         ? 
_reflns_shell.pdbx_ordinal           1 
# 
_refine.entry_id                                 3ACB 
_refine.ls_number_reflns_obs                     12932 
_refine.ls_number_reflns_all                     ? 
_refine.pdbx_ls_sigma_I                          ? 
_refine.pdbx_ls_sigma_F                          0.0 
_refine.pdbx_data_cutoff_high_absF               105374.82 
_refine.pdbx_data_cutoff_low_absF                0.000000 
_refine.pdbx_data_cutoff_high_rms_absF           ? 
_refine.ls_d_res_low                             46.06 
_refine.ls_d_res_high                            2.06 
_refine.ls_percent_reflns_obs                    98.4 
_refine.ls_R_factor_obs                          0.201 
_refine.ls_R_factor_all                          ? 
_refine.ls_R_factor_R_work                       0.201 
_refine.ls_R_factor_R_free                       0.228 
_refine.ls_R_factor_R_free_error                 0.006 
_refine.ls_R_factor_R_free_error_details         ? 
_refine.ls_percent_reflns_R_free                 10.3 
_refine.ls_number_reflns_R_free                  1326 
_refine.ls_number_parameters                     ? 
_refine.ls_number_restraints                     ? 
_refine.occupancy_min                            ? 
_refine.occupancy_max                            ? 
_refine.correlation_coeff_Fo_to_Fc               ? 
_refine.correlation_coeff_Fo_to_Fc_free          ? 
_refine.B_iso_mean                               28.6 
_refine.aniso_B[1][1]                            2.09 
_refine.aniso_B[2][2]                            2.09 
_refine.aniso_B[3][3]                            -4.19 
_refine.aniso_B[1][2]                            1.29 
_refine.aniso_B[1][3]                            0.00 
_refine.aniso_B[2][3]                            0.00 
_refine.solvent_model_details                    'FLAT MODEL' 
_refine.solvent_model_param_ksol                 0.361738 
_refine.solvent_model_param_bsol                 53.1703 
_refine.pdbx_solvent_vdw_probe_radii             ? 
_refine.pdbx_solvent_ion_probe_radii             ? 
_refine.pdbx_solvent_shrinkage_radii             ? 
_refine.pdbx_ls_cross_valid_method               THROUGHOUT 
_refine.details                                  ? 
_refine.pdbx_starting_model                      1YFZ 
_refine.pdbx_method_to_determine_struct          'MOLECULAR REPLACEMENT' 
_refine.pdbx_isotropic_thermal_model             RESTRAINED 
_refine.pdbx_stereochemistry_target_values       'MAXIMUM LIKELIHOOD' 
_refine.pdbx_stereochem_target_val_spec_case     ? 
_refine.pdbx_R_Free_selection_details            RANDOM 
_refine.pdbx_overall_ESU_R                       ? 
_refine.pdbx_overall_ESU_R_Free                  ? 
_refine.overall_SU_ML                            ? 
_refine.overall_SU_B                             ? 
_refine.ls_redundancy_reflns_obs                 ? 
_refine.B_iso_min                                ? 
_refine.B_iso_max                                ? 
_refine.overall_SU_R_Cruickshank_DPI             ? 
_refine.overall_SU_R_free                        ? 
_refine.ls_wR_factor_R_free                      ? 
_refine.ls_wR_factor_R_work                      ? 
_refine.overall_FOM_free_R_set                   ? 
_refine.overall_FOM_work_R_set                   ? 
_refine.pdbx_refine_id                           'X-RAY DIFFRACTION' 
_refine.pdbx_overall_phase_error                 ? 
_refine.pdbx_diffrn_id                           1 
_refine.pdbx_TLS_residual_ADP_flag               ? 
_refine.pdbx_overall_SU_R_free_Cruickshank_DPI   ? 
_refine.pdbx_overall_SU_R_Blow_DPI               ? 
_refine.pdbx_overall_SU_R_free_Blow_DPI          ? 
# 
_refine_analyze.entry_id                        3ACB 
_refine_analyze.Luzzati_coordinate_error_obs    0.22 
_refine_analyze.Luzzati_sigma_a_obs             0.12 
_refine_analyze.Luzzati_d_res_low_obs           5.00 
_refine_analyze.Luzzati_coordinate_error_free   0.26 
_refine_analyze.Luzzati_sigma_a_free            0.17 
_refine_analyze.Luzzati_d_res_low_free          ? 
_refine_analyze.number_disordered_residues      ? 
_refine_analyze.occupancy_sum_hydrogen          ? 
_refine_analyze.occupancy_sum_non_hydrogen      ? 
_refine_analyze.pdbx_Luzzati_d_res_high_obs     ? 
_refine_analyze.pdbx_refine_id                  'X-RAY DIFFRACTION' 
# 
_refine_hist.pdbx_refine_id                   'X-RAY DIFFRACTION' 
_refine_hist.cycle_id                         LAST 
_refine_hist.pdbx_number_atoms_protein        1308 
_refine_hist.pdbx_number_atoms_nucleic_acid   0 
_refine_hist.pdbx_number_atoms_ligand         12 
_refine_hist.number_atoms_solvent             127 
_refine_hist.number_atoms_total               1447 
_refine_hist.d_res_high                       2.06 
_refine_hist.d_res_low                        46.06 
# 
loop_
_refine_ls_restr.type 
_refine_ls_restr.dev_ideal 
_refine_ls_restr.dev_ideal_target 
_refine_ls_restr.weight 
_refine_ls_restr.number 
_refine_ls_restr.pdbx_refine_id 
_refine_ls_restr.pdbx_restraint_function 
c_bond_d           0.005 ? ? ? 'X-RAY DIFFRACTION' ? 
c_angle_deg        1.3   ? ? ? 'X-RAY DIFFRACTION' ? 
c_dihedral_angle_d 22.9  ? ? ? 'X-RAY DIFFRACTION' ? 
c_improper_angle_d 0.82  ? ? ? 'X-RAY DIFFRACTION' ? 
# 
_refine_ls_shell.pdbx_total_number_of_bins_used   6 
_refine_ls_shell.d_res_high                       2.06 
_refine_ls_shell.d_res_low                        2.19 
_refine_ls_shell.number_reflns_R_work             1822 
_refine_ls_shell.R_factor_R_work                  0.208 
_refine_ls_shell.percent_reflns_obs               95.8 
_refine_ls_shell.R_factor_R_free                  0.263 
_refine_ls_shell.R_factor_R_free_error            0.018 
_refine_ls_shell.percent_reflns_R_free            10.3 
_refine_ls_shell.number_reflns_R_free             210 
_refine_ls_shell.number_reflns_all                ? 
_refine_ls_shell.R_factor_all                     ? 
_refine_ls_shell.number_reflns_obs                ? 
_refine_ls_shell.redundancy_reflns_obs            ? 
_refine_ls_shell.pdbx_refine_id                   'X-RAY DIFFRACTION' 
# 
loop_
_pdbx_xplor_file.pdbx_refine_id 
_pdbx_xplor_file.serial_no 
_pdbx_xplor_file.param_file 
_pdbx_xplor_file.topol_file 
'X-RAY DIFFRACTION' 1 protein_rep.param protein.top   
'X-RAY DIFFRACTION' 2 water_rep.param   water_rep.top 
'X-RAY DIFFRACTION' 3 dio.param         dio.top       
'X-RAY DIFFRACTION' 4 cis_peptide.param ?             
# 
_struct.entry_id                  3ACB 
_struct.title                     
'Crystal structure of hypoxanthine-guanine phosphoribosyltransferase from Thermus thermophilus HB8' 
_struct.pdbx_model_details        ? 
_struct.pdbx_CASP_flag            ? 
_struct.pdbx_model_type_details   ? 
# 
_struct_keywords.entry_id        3ACB 
_struct_keywords.pdbx_keywords   TRANSFERASE 
_struct_keywords.text            
;Rossmann fold, Structural Genomics, NPPSFA, National Project on Protein Structural and Functional Analyses, RIKEN Structural Genomics/Proteomics Initiative, RSGI, Glycosyltransferase, Transferase
;
# 
loop_
_struct_asym.id 
_struct_asym.pdbx_blank_PDB_chainid_flag 
_struct_asym.pdbx_modified 
_struct_asym.entity_id 
_struct_asym.details 
A N N 1 ? 
B N N 2 ? 
C N N 2 ? 
D N N 3 ? 
# 
_struct_biol.id        1 
_struct_biol.details   ? 
# 
loop_
_struct_conf.conf_type_id 
_struct_conf.id 
_struct_conf.pdbx_PDB_helix_id 
_struct_conf.beg_label_comp_id 
_struct_conf.beg_label_asym_id 
_struct_conf.beg_label_seq_id 
_struct_conf.pdbx_beg_PDB_ins_code 
_struct_conf.end_label_comp_id 
_struct_conf.end_label_asym_id 
_struct_conf.end_label_seq_id 
_struct_conf.pdbx_end_PDB_ins_code 
_struct_conf.beg_auth_comp_id 
_struct_conf.beg_auth_asym_id 
_struct_conf.beg_auth_seq_id 
_struct_conf.end_auth_comp_id 
_struct_conf.end_auth_asym_id 
_struct_conf.end_auth_seq_id 
_struct_conf.pdbx_PDB_helix_class 
_struct_conf.details 
_struct_conf.pdbx_PDB_helix_length 
HELX_P HELX_P1 1 SER A 15  ? TYR A 34  ? SER A 15  TYR A 34  1 ? 20 
HELX_P HELX_P2 2 ALA A 48  ? ARG A 57  ? ALA A 48  ARG A 57  1 ? 10 
HELX_P HELX_P3 3 GLY A 108 ? ALA A 120 ? GLY A 108 ALA A 120 1 ? 13 
HELX_P HELX_P4 4 PRO A 135 ? ARG A 138 ? PRO A 135 ARG A 138 5 ? 4  
# 
_struct_conf_type.id          HELX_P 
_struct_conf_type.criteria    ? 
_struct_conf_type.reference   ? 
# 
_struct_mon_prot_cis.pdbx_id                1 
_struct_mon_prot_cis.label_comp_id          LEU 
_struct_mon_prot_cis.label_seq_id           45 
_struct_mon_prot_cis.label_asym_id          A 
_struct_mon_prot_cis.label_alt_id           . 
_struct_mon_prot_cis.pdbx_PDB_ins_code      ? 
_struct_mon_prot_cis.auth_comp_id           LEU 
_struct_mon_prot_cis.auth_seq_id            45 
_struct_mon_prot_cis.auth_asym_id           A 
_struct_mon_prot_cis.pdbx_label_comp_id_2   ASN 
_struct_mon_prot_cis.pdbx_label_seq_id_2    46 
_struct_mon_prot_cis.pdbx_label_asym_id_2   A 
_struct_mon_prot_cis.pdbx_PDB_ins_code_2    ? 
_struct_mon_prot_cis.pdbx_auth_comp_id_2    ASN 
_struct_mon_prot_cis.pdbx_auth_seq_id_2     46 
_struct_mon_prot_cis.pdbx_auth_asym_id_2    A 
_struct_mon_prot_cis.pdbx_PDB_model_num     1 
_struct_mon_prot_cis.pdbx_omega_angle       -0.30 
# 
loop_
_struct_sheet.id 
_struct_sheet.type 
_struct_sheet.number_strands 
_struct_sheet.details 
A ? 5 ? 
B ? 2 ? 
# 
loop_
_struct_sheet_order.sheet_id 
_struct_sheet_order.range_id_1 
_struct_sheet_order.range_id_2 
_struct_sheet_order.offset 
_struct_sheet_order.sense 
A 1 2 ? parallel      
A 2 3 ? parallel      
A 3 4 ? parallel      
A 4 5 ? parallel      
B 1 2 ? anti-parallel 
# 
loop_
_struct_sheet_range.sheet_id 
_struct_sheet_range.id 
_struct_sheet_range.beg_label_comp_id 
_struct_sheet_range.beg_label_asym_id 
_struct_sheet_range.beg_label_seq_id 
_struct_sheet_range.pdbx_beg_PDB_ins_code 
_struct_sheet_range.end_label_comp_id 
_struct_sheet_range.end_label_asym_id 
_struct_sheet_range.end_label_seq_id 
_struct_sheet_range.pdbx_end_PDB_ins_code 
_struct_sheet_range.beg_auth_comp_id 
_struct_sheet_range.beg_auth_asym_id 
_struct_sheet_range.beg_auth_seq_id 
_struct_sheet_range.end_auth_comp_id 
_struct_sheet_range.end_auth_asym_id 
_struct_sheet_range.end_auth_seq_id 
A 1 THR A 64  ? ALA A 69  ? THR A 64  ALA A 69  
A 2 PRO A 39  ? LEU A 45  ? PRO A 39  LEU A 45  
A 3 ASP A 97  ? VAL A 105 ? ASP A 97  VAL A 105 
A 4 SER A 125 ? SER A 133 ? SER A 125 SER A 133 
A 5 TYR A 146 ? GLU A 150 ? TYR A 146 GLU A 150 
B 1 TYR A 155 ? TYR A 157 ? TYR A 155 TYR A 157 
B 2 THR A 174 ? ILE A 176 ? THR A 174 ILE A 176 
# 
loop_
_pdbx_struct_sheet_hbond.sheet_id 
_pdbx_struct_sheet_hbond.range_id_1 
_pdbx_struct_sheet_hbond.range_id_2 
_pdbx_struct_sheet_hbond.range_1_label_atom_id 
_pdbx_struct_sheet_hbond.range_1_label_comp_id 
_pdbx_struct_sheet_hbond.range_1_label_asym_id 
_pdbx_struct_sheet_hbond.range_1_label_seq_id 
_pdbx_struct_sheet_hbond.range_1_PDB_ins_code 
_pdbx_struct_sheet_hbond.range_1_auth_atom_id 
_pdbx_struct_sheet_hbond.range_1_auth_comp_id 
_pdbx_struct_sheet_hbond.range_1_auth_asym_id 
_pdbx_struct_sheet_hbond.range_1_auth_seq_id 
_pdbx_struct_sheet_hbond.range_2_label_atom_id 
_pdbx_struct_sheet_hbond.range_2_label_comp_id 
_pdbx_struct_sheet_hbond.range_2_label_asym_id 
_pdbx_struct_sheet_hbond.range_2_label_seq_id 
_pdbx_struct_sheet_hbond.range_2_PDB_ins_code 
_pdbx_struct_sheet_hbond.range_2_auth_atom_id 
_pdbx_struct_sheet_hbond.range_2_auth_comp_id 
_pdbx_struct_sheet_hbond.range_2_auth_asym_id 
_pdbx_struct_sheet_hbond.range_2_auth_seq_id 
A 1 2 O ILE A 68  ? O ILE A 68  N LEU A 45  ? N LEU A 45  
A 2 3 N ILE A 42  ? N ILE A 42  O VAL A 101 ? O VAL A 101 
A 3 4 N VAL A 100 ? N VAL A 100 O ALA A 129 ? O ALA A 129 
A 4 5 N ALA A 130 ? N ALA A 130 O GLY A 148 ? O GLY A 148 
B 1 2 N TYR A 157 ? N TYR A 157 O THR A 174 ? O THR A 174 
# 
loop_
_struct_site.id 
_struct_site.pdbx_evidence_code 
_struct_site.pdbx_auth_asym_id 
_struct_site.pdbx_auth_comp_id 
_struct_site.pdbx_auth_seq_id 
_struct_site.pdbx_auth_ins_code 
_struct_site.pdbx_num_residues 
_struct_site.details 
AC1 Software A DIO 791 ? 6 'BINDING SITE FOR RESIDUE DIO A 791' 
AC2 Software A DIO 792 ? 6 'BINDING SITE FOR RESIDUE DIO A 792' 
# 
loop_
_struct_site_gen.id 
_struct_site_gen.site_id 
_struct_site_gen.pdbx_num_res 
_struct_site_gen.label_comp_id 
_struct_site_gen.label_asym_id 
_struct_site_gen.label_seq_id 
_struct_site_gen.pdbx_auth_ins_code 
_struct_site_gen.auth_comp_id 
_struct_site_gen.auth_asym_id 
_struct_site_gen.auth_seq_id 
_struct_site_gen.label_atom_id 
_struct_site_gen.label_alt_id 
_struct_site_gen.symmetry 
_struct_site_gen.details 
1  AC1 6 ASP A 33  ? ASP A 33  . ? 1_555  ? 
2  AC1 6 TYR A 34  ? TYR A 34  . ? 1_555  ? 
3  AC1 6 LYS A 37  ? LYS A 37  . ? 1_555  ? 
4  AC1 6 SER A 125 ? SER A 125 . ? 1_555  ? 
5  AC1 6 ARG A 127 ? ARG A 127 . ? 1_555  ? 
6  AC1 6 HOH D .   ? HOH A 917 . ? 1_555  ? 
7  AC2 6 MET A 4   ? MET A 4   . ? 10_665 ? 
8  AC2 6 PHE A 5   ? PHE A 5   . ? 10_665 ? 
9  AC2 6 PRO A 60  ? PRO A 60  . ? 1_555  ? 
10 AC2 6 LEU A 61  ? LEU A 61  . ? 1_555  ? 
11 AC2 6 PRO A 62  ? PRO A 62  . ? 1_555  ? 
12 AC2 6 ASP A 167 ? ASP A 167 . ? 10_665 ? 
# 
_atom_sites.entry_id                    3ACB 
_atom_sites.fract_transf_matrix[1][1]   0.01565931 
_atom_sites.fract_transf_matrix[1][2]   0.00726871 
_atom_sites.fract_transf_matrix[1][3]   -0.00124245 
_atom_sites.fract_transf_matrix[2][1]   0.00655101 
_atom_sites.fract_transf_matrix[2][2]   0.00878485 
_atom_sites.fract_transf_matrix[2][3]   0.01339822 
_atom_sites.fract_transf_matrix[3][1]   0.00273614 
_atom_sites.fract_transf_matrix[3][2]   -0.00550615 
_atom_sites.fract_transf_matrix[3][3]   0.00227241 
_atom_sites.fract_transf_vector[1]      0.365439 
_atom_sites.fract_transf_vector[2]      0.407288 
_atom_sites.fract_transf_vector[3]      0.028141 
# 
loop_
_atom_type.symbol 
C 
N 
O 
S 
# 
loop_
_atom_site.group_PDB 
_atom_site.id 
_atom_site.type_symbol 
_atom_site.label_atom_id 
_atom_site.label_alt_id 
_atom_site.label_comp_id 
_atom_site.label_asym_id 
_atom_site.label_entity_id 
_atom_site.label_seq_id 
_atom_site.pdbx_PDB_ins_code 
_atom_site.Cartn_x 
_atom_site.Cartn_y 
_atom_site.Cartn_z 
_atom_site.occupancy 
_atom_site.B_iso_or_equiv 
_atom_site.pdbx_formal_charge 
_atom_site.auth_seq_id 
_atom_site.auth_comp_id 
_atom_site.auth_asym_id 
_atom_site.auth_atom_id 
_atom_site.pdbx_PDB_model_num 
ATOM   1    N N     . GLY A 1 3   ? 10.190  11.977  22.615  1.00 67.98  ? 3   GLY A N     1 
ATOM   2    C CA    . GLY A 1 3   ? 9.111   12.357  21.658  1.00 65.94  ? 3   GLY A CA    1 
ATOM   3    C C     . GLY A 1 3   ? 9.407   13.656  20.934  1.00 64.70  ? 3   GLY A C     1 
ATOM   4    O O     . GLY A 1 3   ? 9.934   14.596  21.527  1.00 66.36  ? 3   GLY A O     1 
ATOM   5    N N     . MET A 1 4   ? 9.062   13.705  19.650  1.00 61.97  ? 4   MET A N     1 
ATOM   6    C CA    . MET A 1 4   ? 9.284   14.887  18.818  1.00 57.22  ? 4   MET A CA    1 
ATOM   7    C C     . MET A 1 4   ? 8.452   14.837  17.537  1.00 51.00  ? 4   MET A C     1 
ATOM   8    O O     . MET A 1 4   ? 8.524   15.749  16.715  1.00 50.66  ? 4   MET A O     1 
ATOM   9    C CB    . MET A 1 4   ? 10.766  15.008  18.435  1.00 61.07  ? 4   MET A CB    1 
ATOM   10   C CG    . MET A 1 4   ? 11.697  15.407  19.566  1.00 65.93  ? 4   MET A CG    1 
ATOM   11   S SD    . MET A 1 4   ? 11.322  17.039  20.237  1.00 73.79  ? 4   MET A SD    1 
ATOM   12   C CE    . MET A 1 4   ? 12.386  18.075  19.231  1.00 72.14  ? 4   MET A CE    1 
ATOM   13   N N     . PHE A 1 5   ? 7.670   13.775  17.360  1.00 43.71  ? 5   PHE A N     1 
ATOM   14   C CA    . PHE A 1 5   ? 6.850   13.643  16.155  1.00 37.80  ? 5   PHE A CA    1 
ATOM   15   C C     . PHE A 1 5   ? 5.795   14.742  16.084  1.00 36.77  ? 5   PHE A C     1 
ATOM   16   O O     . PHE A 1 5   ? 4.914   14.834  16.943  1.00 34.28  ? 5   PHE A O     1 
ATOM   17   C CB    . PHE A 1 5   ? 6.177   12.266  16.110  1.00 33.97  ? 5   PHE A CB    1 
ATOM   18   C CG    . PHE A 1 5   ? 7.144   11.121  15.958  1.00 30.34  ? 5   PHE A CG    1 
ATOM   19   C CD1   . PHE A 1 5   ? 8.086   11.118  14.931  1.00 28.21  ? 5   PHE A CD1   1 
ATOM   20   C CD2   . PHE A 1 5   ? 7.109   10.045  16.840  1.00 27.62  ? 5   PHE A CD2   1 
ATOM   21   C CE1   . PHE A 1 5   ? 8.983   10.057  14.780  1.00 30.12  ? 5   PHE A CE1   1 
ATOM   22   C CE2   . PHE A 1 5   ? 7.999   8.975   16.703  1.00 28.91  ? 5   PHE A CE2   1 
ATOM   23   C CZ    . PHE A 1 5   ? 8.938   8.981   15.670  1.00 27.93  ? 5   PHE A CZ    1 
ATOM   24   N N     . THR A 1 6   ? 5.884   15.566  15.047  1.00 35.79  ? 6   THR A N     1 
ATOM   25   C CA    . THR A 1 6   ? 4.955   16.674  14.873  1.00 37.71  ? 6   THR A CA    1 
ATOM   26   C C     . THR A 1 6   ? 4.233   16.649  13.528  1.00 35.80  ? 6   THR A C     1 
ATOM   27   O O     . THR A 1 6   ? 4.862   16.547  12.476  1.00 35.55  ? 6   THR A O     1 
ATOM   28   C CB    . THR A 1 6   ? 5.697   18.018  15.002  1.00 39.65  ? 6   THR A CB    1 
ATOM   29   O OG1   . THR A 1 6   ? 6.342   18.083  16.280  1.00 43.71  ? 6   THR A OG1   1 
ATOM   30   C CG2   . THR A 1 6   ? 4.728   19.182  14.868  1.00 41.74  ? 6   THR A CG2   1 
ATOM   31   N N     . PRO A 1 7   ? 2.896   16.748  13.549  1.00 34.80  ? 7   PRO A N     1 
ATOM   32   C CA    . PRO A 1 7   ? 2.112   16.736  12.311  1.00 33.31  ? 7   PRO A CA    1 
ATOM   33   C C     . PRO A 1 7   ? 2.234   18.048  11.539  1.00 32.93  ? 7   PRO A C     1 
ATOM   34   O O     . PRO A 1 7   ? 2.528   19.099  12.118  1.00 32.61  ? 7   PRO A O     1 
ATOM   35   C CB    . PRO A 1 7   ? 0.692   16.491  12.808  1.00 34.30  ? 7   PRO A CB    1 
ATOM   36   C CG    . PRO A 1 7   ? 0.684   17.196  14.129  1.00 35.30  ? 7   PRO A CG    1 
ATOM   37   C CD    . PRO A 1 7   ? 2.012   16.781  14.729  1.00 34.04  ? 7   PRO A CD    1 
ATOM   38   N N     . GLY A 1 8   ? 2.016   17.976  10.232  1.00 30.93  ? 8   GLY A N     1 
ATOM   39   C CA    . GLY A 1 8   ? 2.087   19.165  9.406   1.00 31.55  ? 8   GLY A CA    1 
ATOM   40   C C     . GLY A 1 8   ? 0.798   19.948  9.570   1.00 31.10  ? 8   GLY A C     1 
ATOM   41   O O     . GLY A 1 8   ? -0.093  19.525  10.308  1.00 29.52  ? 8   GLY A O     1 
ATOM   42   N N     . ASN A 1 9   ? 0.688   21.073  8.876   1.00 31.89  ? 9   ASN A N     1 
ATOM   43   C CA    . ASN A 1 9   ? -0.502  21.911  8.972   1.00 33.70  ? 9   ASN A CA    1 
ATOM   44   C C     . ASN A 1 9   ? -1.531  21.611  7.882   1.00 33.59  ? 9   ASN A C     1 
ATOM   45   O O     . ASN A 1 9   ? -2.542  22.304  7.772   1.00 33.36  ? 9   ASN A O     1 
ATOM   46   C CB    . ASN A 1 9   ? -0.095  23.387  8.918   1.00 35.03  ? 9   ASN A CB    1 
ATOM   47   C CG    . ASN A 1 9   ? 1.007   23.724  9.914   1.00 37.47  ? 9   ASN A CG    1 
ATOM   48   O OD1   . ASN A 1 9   ? 0.937   23.351  11.087  1.00 37.81  ? 9   ASN A OD1   1 
ATOM   49   N ND2   . ASN A 1 9   ? 2.030   24.438  9.449   1.00 38.12  ? 9   ASN A ND2   1 
ATOM   50   N N     . GLY A 1 10  ? -1.273  20.571  7.090   1.00 31.74  ? 10  GLY A N     1 
ATOM   51   C CA    . GLY A 1 10  ? -2.177  20.196  6.014   1.00 28.30  ? 10  GLY A CA    1 
ATOM   52   C C     . GLY A 1 10  ? -3.538  19.687  6.463   1.00 27.29  ? 10  GLY A C     1 
ATOM   53   O O     . GLY A 1 10  ? -3.752  19.426  7.648   1.00 26.19  ? 10  GLY A O     1 
ATOM   54   N N     . PRO A 1 11  ? -4.482  19.516  5.521   1.00 26.88  ? 11  PRO A N     1 
ATOM   55   C CA    . PRO A 1 11  ? -5.846  19.043  5.774   1.00 27.10  ? 11  PRO A CA    1 
ATOM   56   C C     . PRO A 1 11  ? -6.018  17.550  6.045   1.00 27.89  ? 11  PRO A C     1 
ATOM   57   O O     . PRO A 1 11  ? -7.072  17.126  6.520   1.00 26.89  ? 11  PRO A O     1 
ATOM   58   C CB    . PRO A 1 11  ? -6.589  19.481  4.519   1.00 28.94  ? 11  PRO A CB    1 
ATOM   59   C CG    . PRO A 1 11  ? -5.557  19.283  3.460   1.00 29.01  ? 11  PRO A CG    1 
ATOM   60   C CD    . PRO A 1 11  ? -4.311  19.870  4.100   1.00 27.35  ? 11  PRO A CD    1 
ATOM   61   N N     . VAL A 1 12  ? -5.005  16.748  5.726   1.00 27.42  ? 12  VAL A N     1 
ATOM   62   C CA    . VAL A 1 12  ? -5.096  15.312  5.960   1.00 26.62  ? 12  VAL A CA    1 
ATOM   63   C C     . VAL A 1 12  ? -4.316  14.928  7.209   1.00 27.30  ? 12  VAL A C     1 
ATOM   64   O O     . VAL A 1 12  ? -3.129  15.238  7.337   1.00 27.04  ? 12  VAL A O     1 
ATOM   65   C CB    . VAL A 1 12  ? -4.561  14.501  4.755   1.00 27.48  ? 12  VAL A CB    1 
ATOM   66   C CG1   . VAL A 1 12  ? -4.605  13.010  5.073   1.00 26.16  ? 12  VAL A CG1   1 
ATOM   67   C CG2   . VAL A 1 12  ? -5.402  14.791  3.524   1.00 27.12  ? 12  VAL A CG2   1 
ATOM   68   N N     . GLN A 1 13  ? -4.995  14.255  8.132   1.00 26.60  ? 13  GLN A N     1 
ATOM   69   C CA    . GLN A 1 13  ? -4.385  13.836  9.385   1.00 26.06  ? 13  GLN A CA    1 
ATOM   70   C C     . GLN A 1 13  ? -5.001  12.510  9.804   1.00 25.50  ? 13  GLN A C     1 
ATOM   71   O O     . GLN A 1 13  ? -6.208  12.425  10.020  1.00 26.23  ? 13  GLN A O     1 
ATOM   72   C CB    . GLN A 1 13  ? -4.649  14.873  10.488  1.00 26.58  ? 13  GLN A CB    1 
ATOM   73   C CG    . GLN A 1 13  ? -4.265  16.319  10.164  1.00 26.57  ? 13  GLN A CG    1 
ATOM   74   C CD    . GLN A 1 13  ? -2.764  16.539  10.074  1.00 28.24  ? 13  GLN A CD    1 
ATOM   75   O OE1   . GLN A 1 13  ? -1.979  15.849  10.729  1.00 28.71  ? 13  GLN A OE1   1 
ATOM   76   N NE2   . GLN A 1 13  ? -2.359  17.523  9.276   1.00 27.30  ? 13  GLN A NE2   1 
ATOM   77   N N     . ILE A 1 14  ? -4.180  11.475  9.916   1.00 24.11  ? 14  ILE A N     1 
ATOM   78   C CA    . ILE A 1 14  ? -4.680  10.167  10.323  1.00 23.45  ? 14  ILE A CA    1 
ATOM   79   C C     . ILE A 1 14  ? -3.759  9.646   11.414  1.00 23.31  ? 14  ILE A C     1 
ATOM   80   O O     . ILE A 1 14  ? -2.573  9.413   11.177  1.00 23.92  ? 14  ILE A O     1 
ATOM   81   C CB    . ILE A 1 14  ? -4.702  9.178   9.139   1.00 22.80  ? 14  ILE A CB    1 
ATOM   82   C CG1   . ILE A 1 14  ? -5.365  9.839   7.924   1.00 24.22  ? 14  ILE A CG1   1 
ATOM   83   C CG2   . ILE A 1 14  ? -5.478  7.923   9.529   1.00 21.10  ? 14  ILE A CG2   1 
ATOM   84   C CD1   . ILE A 1 14  ? -5.371  8.970   6.663   1.00 25.02  ? 14  ILE A CD1   1 
ATOM   85   N N     . SER A 1 15  ? -4.308  9.474   12.611  1.00 22.83  ? 15  SER A N     1 
ATOM   86   C CA    . SER A 1 15  ? -3.529  9.021   13.757  1.00 23.24  ? 15  SER A CA    1 
ATOM   87   C C     . SER A 1 15  ? -3.006  7.596   13.644  1.00 22.51  ? 15  SER A C     1 
ATOM   88   O O     . SER A 1 15  ? -3.522  6.782   12.874  1.00 20.61  ? 15  SER A O     1 
ATOM   89   C CB    . SER A 1 15  ? -4.358  9.130   15.033  1.00 22.41  ? 15  SER A CB    1 
ATOM   90   O OG    . SER A 1 15  ? -5.362  8.132   15.046  1.00 23.79  ? 15  SER A OG    1 
ATOM   91   N N     . ALA A 1 16  ? -1.981  7.304   14.438  1.00 22.86  ? 16  ALA A N     1 
ATOM   92   C CA    . ALA A 1 16  ? -1.377  5.980   14.463  1.00 24.25  ? 16  ALA A CA    1 
ATOM   93   C C     . ALA A 1 16  ? -2.420  4.975   14.923  1.00 23.83  ? 16  ALA A C     1 
ATOM   94   O O     . ALA A 1 16  ? -2.408  3.816   14.505  1.00 21.58  ? 16  ALA A O     1 
ATOM   95   C CB    . ALA A 1 16  ? -0.180  5.969   15.415  1.00 24.40  ? 16  ALA A CB    1 
ATOM   96   N N     . GLU A 1 17  ? -3.324  5.428   15.788  1.00 25.22  ? 17  GLU A N     1 
ATOM   97   C CA    . GLU A 1 17  ? -4.388  4.575   16.314  1.00 25.98  ? 17  GLU A CA    1 
ATOM   98   C C     . GLU A 1 17  ? -5.421  4.258   15.240  1.00 23.99  ? 17  GLU A C     1 
ATOM   99   O O     . GLU A 1 17  ? -5.881  3.118   15.118  1.00 24.72  ? 17  GLU A O     1 
ATOM   100  C CB    . GLU A 1 17  ? -5.079  5.265   17.492  1.00 30.93  ? 17  GLU A CB    1 
ATOM   101  C CG    . GLU A 1 17  ? -4.240  5.342   18.751  1.00 36.30  ? 17  GLU A CG    1 
ATOM   102  C CD    . GLU A 1 17  ? -4.097  3.999   19.436  1.00 41.72  ? 17  GLU A CD    1 
ATOM   103  O OE1   . GLU A 1 17  ? -3.584  3.051   18.803  1.00 45.47  ? 17  GLU A OE1   1 
ATOM   104  O OE2   . GLU A 1 17  ? -4.503  3.890   20.613  1.00 47.11  ? 17  GLU A OE2   1 
ATOM   105  N N     . ALA A 1 18  ? -5.795  5.273   14.472  1.00 21.57  ? 18  ALA A N     1 
ATOM   106  C CA    . ALA A 1 18  ? -6.771  5.094   13.408  1.00 21.31  ? 18  ALA A CA    1 
ATOM   107  C C     . ALA A 1 18  ? -6.193  4.136   12.361  1.00 21.67  ? 18  ALA A C     1 
ATOM   108  O O     . ALA A 1 18  ? -6.891  3.263   11.838  1.00 20.87  ? 18  ALA A O     1 
ATOM   109  C CB    . ALA A 1 18  ? -7.094  6.441   12.775  1.00 20.55  ? 18  ALA A CB    1 
ATOM   110  N N     . ILE A 1 19  ? -4.912  4.310   12.061  1.00 21.46  ? 19  ILE A N     1 
ATOM   111  C CA    . ILE A 1 19  ? -4.236  3.466   11.086  1.00 22.10  ? 19  ILE A CA    1 
ATOM   112  C C     . ILE A 1 19  ? -4.181  2.028   11.596  1.00 22.06  ? 19  ILE A C     1 
ATOM   113  O O     . ILE A 1 19  ? -4.502  1.085   10.866  1.00 20.30  ? 19  ILE A O     1 
ATOM   114  C CB    . ILE A 1 19  ? -2.802  3.985   10.826  1.00 22.04  ? 19  ILE A CB    1 
ATOM   115  C CG1   . ILE A 1 19  ? -2.878  5.331   10.099  1.00 20.68  ? 19  ILE A CG1   1 
ATOM   116  C CG2   . ILE A 1 19  ? -2.001  2.958   10.027  1.00 20.08  ? 19  ILE A CG2   1 
ATOM   117  C CD1   . ILE A 1 19  ? -1.543  6.049   9.965   1.00 18.74  ? 19  ILE A CD1   1 
ATOM   118  N N     . LYS A 1 20  ? -3.793  1.871   12.859  1.00 21.73  ? 20  LYS A N     1 
ATOM   119  C CA    . LYS A 1 20  ? -3.693  0.552   13.474  1.00 22.95  ? 20  LYS A CA    1 
ATOM   120  C C     . LYS A 1 20  ? -5.011  -0.213  13.377  1.00 22.75  ? 20  LYS A C     1 
ATOM   121  O O     . LYS A 1 20  ? -5.038  -1.383  12.990  1.00 20.69  ? 20  LYS A O     1 
ATOM   122  C CB    . LYS A 1 20  ? -3.291  0.693   14.947  1.00 24.88  ? 20  LYS A CB    1 
ATOM   123  C CG    . LYS A 1 20  ? -3.097  -0.623  15.679  1.00 28.05  ? 20  LYS A CG    1 
ATOM   124  C CD    . LYS A 1 20  ? -2.890  -0.373  17.170  1.00 33.98  ? 20  LYS A CD    1 
ATOM   125  C CE    . LYS A 1 20  ? -2.581  -1.652  17.929  1.00 36.22  ? 20  LYS A CE    1 
ATOM   126  N NZ    . LYS A 1 20  ? -1.245  -2.197  17.564  1.00 40.92  ? 20  LYS A NZ    1 
ATOM   127  N N     . LYS A 1 21  ? -6.101  0.450   13.744  1.00 23.39  ? 21  LYS A N     1 
ATOM   128  C CA    . LYS A 1 21  ? -7.421  -0.162  13.701  1.00 23.23  ? 21  LYS A CA    1 
ATOM   129  C C     . LYS A 1 21  ? -7.804  -0.528  12.271  1.00 21.94  ? 21  LYS A C     1 
ATOM   130  O O     . LYS A 1 21  ? -8.296  -1.626  12.006  1.00 20.50  ? 21  LYS A O     1 
ATOM   131  C CB    . LYS A 1 21  ? -8.461  0.802   14.283  1.00 26.78  ? 21  LYS A CB    1 
ATOM   132  C CG    . LYS A 1 21  ? -9.902  0.324   14.174  1.00 30.98  ? 21  LYS A CG    1 
ATOM   133  C CD    . LYS A 1 21  ? -10.869 1.399   14.659  1.00 36.58  ? 21  LYS A CD    1 
ATOM   134  C CE    . LYS A 1 21  ? -12.317 1.044   14.348  1.00 38.95  ? 21  LYS A CE    1 
ATOM   135  N NZ    . LYS A 1 21  ? -12.766 -0.181  15.066  1.00 43.01  ? 21  LYS A NZ    1 
ATOM   136  N N     . ARG A 1 22  ? -7.582  0.399   11.347  1.00 21.76  ? 22  ARG A N     1 
ATOM   137  C CA    . ARG A 1 22  ? -7.924  0.151   9.956   1.00 22.07  ? 22  ARG A CA    1 
ATOM   138  C C     . ARG A 1 22  ? -7.101  -0.998  9.363   1.00 21.45  ? 22  ARG A C     1 
ATOM   139  O O     . ARG A 1 22  ? -7.629  -1.828  8.627   1.00 20.50  ? 22  ARG A O     1 
ATOM   140  C CB    . ARG A 1 22  ? -7.727  1.424   9.130   1.00 22.52  ? 22  ARG A CB    1 
ATOM   141  C CG    . ARG A 1 22  ? -8.206  1.299   7.691   1.00 23.88  ? 22  ARG A CG    1 
ATOM   142  C CD    . ARG A 1 22  ? -9.650  0.820   7.637   1.00 25.06  ? 22  ARG A CD    1 
ATOM   143  N NE    . ARG A 1 22  ? -10.114 0.602   6.268   1.00 25.65  ? 22  ARG A NE    1 
ATOM   144  C CZ    . ARG A 1 22  ? -11.075 -0.256  5.943   1.00 24.74  ? 22  ARG A CZ    1 
ATOM   145  N NH1   . ARG A 1 22  ? -11.668 -0.974  6.889   1.00 24.04  ? 22  ARG A NH1   1 
ATOM   146  N NH2   . ARG A 1 22  ? -11.435 -0.410  4.677   1.00 24.96  ? 22  ARG A NH2   1 
ATOM   147  N N     . VAL A 1 23  ? -5.814  -1.048  9.689   1.00 21.76  ? 23  VAL A N     1 
ATOM   148  C CA    . VAL A 1 23  ? -4.956  -2.108  9.173   1.00 22.24  ? 23  VAL A CA    1 
ATOM   149  C C     . VAL A 1 23  ? -5.383  -3.477  9.696   1.00 22.89  ? 23  VAL A C     1 
ATOM   150  O O     . VAL A 1 23  ? -5.317  -4.473  8.977   1.00 21.69  ? 23  VAL A O     1 
ATOM   151  C CB    . VAL A 1 23  ? -3.477  -1.862  9.541   1.00 20.95  ? 23  VAL A CB    1 
ATOM   152  C CG1   . VAL A 1 23  ? -2.634  -3.100  9.208   1.00 20.20  ? 23  VAL A CG1   1 
ATOM   153  C CG2   . VAL A 1 23  ? -2.958  -0.653  8.775   1.00 19.47  ? 23  VAL A CG2   1 
ATOM   154  N N     . GLU A 1 24  ? -5.826  -3.528  10.947  1.00 23.78  ? 24  GLU A N     1 
ATOM   155  C CA    . GLU A 1 24  ? -6.264  -4.793  11.521  1.00 25.55  ? 24  GLU A CA    1 
ATOM   156  C C     . GLU A 1 24  ? -7.567  -5.248  10.861  1.00 25.14  ? 24  GLU A C     1 
ATOM   157  O O     . GLU A 1 24  ? -7.804  -6.446  10.691  1.00 25.18  ? 24  GLU A O     1 
ATOM   158  C CB    . GLU A 1 24  ? -6.444  -4.653  13.034  1.00 27.43  ? 24  GLU A CB    1 
ATOM   159  C CG    . GLU A 1 24  ? -5.173  -4.209  13.738  1.00 34.48  ? 24  GLU A CG    1 
ATOM   160  C CD    . GLU A 1 24  ? -5.326  -4.102  15.244  1.00 37.94  ? 24  GLU A CD    1 
ATOM   161  O OE1   . GLU A 1 24  ? -6.333  -3.522  15.704  1.00 39.06  ? 24  GLU A OE1   1 
ATOM   162  O OE2   . GLU A 1 24  ? -4.430  -4.587  15.966  1.00 40.51  ? 24  GLU A OE2   1 
ATOM   163  N N     . GLU A 1 25  ? -8.407  -4.293  10.477  1.00 22.95  ? 25  GLU A N     1 
ATOM   164  C CA    . GLU A 1 25  ? -9.663  -4.632  9.817   1.00 25.15  ? 25  GLU A CA    1 
ATOM   165  C C     . GLU A 1 25  ? -9.341  -5.207  8.439   1.00 23.15  ? 25  GLU A C     1 
ATOM   166  O O     . GLU A 1 25  ? -9.915  -6.213  8.024   1.00 24.35  ? 25  GLU A O     1 
ATOM   167  C CB    . GLU A 1 25  ? -10.550 -3.394  9.671   1.00 25.96  ? 25  GLU A CB    1 
ATOM   168  C CG    . GLU A 1 25  ? -10.845 -2.694  10.987  1.00 31.72  ? 25  GLU A CG    1 
ATOM   169  C CD    . GLU A 1 25  ? -11.724 -1.469  10.816  1.00 34.18  ? 25  GLU A CD    1 
ATOM   170  O OE1   . GLU A 1 25  ? -11.572 -0.763  9.796   1.00 34.86  ? 25  GLU A OE1   1 
ATOM   171  O OE2   . GLU A 1 25  ? -12.555 -1.206  11.710  1.00 36.24  ? 25  GLU A OE2   1 
ATOM   172  N N     . LEU A 1 26  ? -8.416  -4.565  7.732   1.00 22.66  ? 26  LEU A N     1 
ATOM   173  C CA    . LEU A 1 26  ? -8.035  -5.045  6.412   1.00 19.83  ? 26  LEU A CA    1 
ATOM   174  C C     . LEU A 1 26  ? -7.416  -6.430  6.527   1.00 19.75  ? 26  LEU A C     1 
ATOM   175  O O     . LEU A 1 26  ? -7.748  -7.327  5.752   1.00 19.57  ? 26  LEU A O     1 
ATOM   176  C CB    . LEU A 1 26  ? -7.053  -4.076  5.751   1.00 18.91  ? 26  LEU A CB    1 
ATOM   177  C CG    . LEU A 1 26  ? -7.639  -2.717  5.344   1.00 19.66  ? 26  LEU A CG    1 
ATOM   178  C CD1   . LEU A 1 26  ? -6.584  -1.914  4.586   1.00 19.88  ? 26  LEU A CD1   1 
ATOM   179  C CD2   . LEU A 1 26  ? -8.870  -2.926  4.459   1.00 19.04  ? 26  LEU A CD2   1 
ATOM   180  N N     . GLY A 1 27  ? -6.523  -6.609  7.500   1.00 18.95  ? 27  GLY A N     1 
ATOM   181  C CA    . GLY A 1 27  ? -5.902  -7.912  7.681   1.00 20.51  ? 27  GLY A CA    1 
ATOM   182  C C     . GLY A 1 27  ? -6.966  -8.972  7.914   1.00 22.75  ? 27  GLY A C     1 
ATOM   183  O O     . GLY A 1 27  ? -6.879  -10.092 7.399   1.00 21.57  ? 27  GLY A O     1 
ATOM   184  N N     . GLY A 1 28  ? -7.981  -8.612  8.697   1.00 24.06  ? 28  GLY A N     1 
ATOM   185  C CA    . GLY A 1 28  ? -9.063  -9.537  8.977   1.00 23.34  ? 28  GLY A CA    1 
ATOM   186  C C     . GLY A 1 28  ? -9.818  -9.920  7.715   1.00 23.47  ? 28  GLY A C     1 
ATOM   187  O O     . GLY A 1 28  ? -10.123 -11.092 7.503   1.00 23.49  ? 28  GLY A O     1 
ATOM   188  N N     . GLU A 1 29  ? -10.120 -8.936  6.873   1.00 23.19  ? 29  GLU A N     1 
ATOM   189  C CA    . GLU A 1 29  ? -10.842 -9.208  5.632   1.00 25.10  ? 29  GLU A CA    1 
ATOM   190  C C     . GLU A 1 29  ? -10.037 -10.141 4.733   1.00 24.12  ? 29  GLU A C     1 
ATOM   191  O O     . GLU A 1 29  ? -10.579 -11.088 4.154   1.00 22.07  ? 29  GLU A O     1 
ATOM   192  C CB    . GLU A 1 29  ? -11.133 -7.912  4.874   1.00 28.37  ? 29  GLU A CB    1 
ATOM   193  C CG    . GLU A 1 29  ? -11.872 -6.864  5.678   1.00 33.40  ? 29  GLU A CG    1 
ATOM   194  C CD    . GLU A 1 29  ? -12.414 -5.737  4.812   1.00 36.59  ? 29  GLU A CD    1 
ATOM   195  O OE1   . GLU A 1 29  ? -11.692 -5.278  3.904   1.00 35.48  ? 29  GLU A OE1   1 
ATOM   196  O OE2   . GLU A 1 29  ? -13.563 -5.305  5.045   1.00 40.62  ? 29  GLU A OE2   1 
ATOM   197  N N     . ILE A 1 30  ? -8.742  -9.868  4.605   1.00 23.76  ? 30  ILE A N     1 
ATOM   198  C CA    . ILE A 1 30  ? -7.887  -10.701 3.776   1.00 22.76  ? 30  ILE A CA    1 
ATOM   199  C C     . ILE A 1 30  ? -7.883  -12.128 4.318   1.00 22.17  ? 30  ILE A C     1 
ATOM   200  O O     . ILE A 1 30  ? -8.088  -13.081 3.566   1.00 23.57  ? 30  ILE A O     1 
ATOM   201  C CB    . ILE A 1 30  ? -6.441  -10.135 3.724   1.00 21.93  ? 30  ILE A CB    1 
ATOM   202  C CG1   . ILE A 1 30  ? -6.429  -8.852  2.881   1.00 21.10  ? 30  ILE A CG1   1 
ATOM   203  C CG2   . ILE A 1 30  ? -5.485  -11.167 3.132   1.00 17.33  ? 30  ILE A CG2   1 
ATOM   204  C CD1   . ILE A 1 30  ? -5.142  -8.054  2.973   1.00 22.35  ? 30  ILE A CD1   1 
ATOM   205  N N     . ALA A 1 31  ? -7.673  -12.276 5.622   1.00 22.02  ? 31  ALA A N     1 
ATOM   206  C CA    . ALA A 1 31  ? -7.658  -13.605 6.236   1.00 23.62  ? 31  ALA A CA    1 
ATOM   207  C C     . ALA A 1 31  ? -8.953  -14.343 5.910   1.00 24.25  ? 31  ALA A C     1 
ATOM   208  O O     . ALA A 1 31  ? -8.942  -15.534 5.607   1.00 24.42  ? 31  ALA A O     1 
ATOM   209  C CB    . ALA A 1 31  ? -7.490  -13.490 7.751   1.00 23.05  ? 31  ALA A CB    1 
ATOM   210  N N     . ARG A 1 32  ? -10.070 -13.624 5.970   1.00 25.51  ? 32  ARG A N     1 
ATOM   211  C CA    . ARG A 1 32  ? -11.375 -14.202 5.681   1.00 28.34  ? 32  ARG A CA    1 
ATOM   212  C C     . ARG A 1 32  ? -11.498 -14.614 4.216   1.00 27.34  ? 32  ARG A C     1 
ATOM   213  O O     . ARG A 1 32  ? -11.800 -15.767 3.909   1.00 27.24  ? 32  ARG A O     1 
ATOM   214  C CB    . ARG A 1 32  ? -12.469 -13.191 6.019   1.00 31.86  ? 32  ARG A CB    1 
ATOM   215  C CG    . ARG A 1 32  ? -13.879 -13.634 5.673   1.00 37.40  ? 32  ARG A CG    1 
ATOM   216  C CD    . ARG A 1 32  ? -14.817 -12.434 5.658   1.00 43.26  ? 32  ARG A CD    1 
ATOM   217  N NE    . ARG A 1 32  ? -14.430 -11.469 4.628   1.00 46.86  ? 32  ARG A NE    1 
ATOM   218  C CZ    . ARG A 1 32  ? -14.946 -10.249 4.505   1.00 48.87  ? 32  ARG A CZ    1 
ATOM   219  N NH1   . ARG A 1 32  ? -15.878 -9.829  5.351   1.00 50.68  ? 32  ARG A NH1   1 
ATOM   220  N NH2   . ARG A 1 32  ? -14.534 -9.449  3.529   1.00 48.21  ? 32  ARG A NH2   1 
ATOM   221  N N     . ASP A 1 33  ? -11.258 -13.667 3.315   1.00 26.85  ? 33  ASP A N     1 
ATOM   222  C CA    . ASP A 1 33  ? -11.363 -13.927 1.884   1.00 25.54  ? 33  ASP A CA    1 
ATOM   223  C C     . ASP A 1 33  ? -10.407 -14.987 1.372   1.00 26.29  ? 33  ASP A C     1 
ATOM   224  O O     . ASP A 1 33  ? -10.682 -15.636 0.363   1.00 25.73  ? 33  ASP A O     1 
ATOM   225  C CB    . ASP A 1 33  ? -11.114 -12.648 1.079   1.00 27.45  ? 33  ASP A CB    1 
ATOM   226  C CG    . ASP A 1 33  ? -12.150 -11.581 1.335   1.00 30.71  ? 33  ASP A CG    1 
ATOM   227  O OD1   . ASP A 1 33  ? -13.213 -11.919 1.891   1.00 29.71  ? 33  ASP A OD1   1 
ATOM   228  O OD2   . ASP A 1 33  ? -11.907 -10.409 0.971   1.00 30.11  ? 33  ASP A OD2   1 
ATOM   229  N N     . TYR A 1 34  ? -9.284  -15.168 2.053   1.00 25.07  ? 34  TYR A N     1 
ATOM   230  C CA    . TYR A 1 34  ? -8.296  -16.131 1.591   1.00 25.73  ? 34  TYR A CA    1 
ATOM   231  C C     . TYR A 1 34  ? -8.195  -17.391 2.421   1.00 27.09  ? 34  TYR A C     1 
ATOM   232  O O     . TYR A 1 34  ? -7.183  -18.091 2.374   1.00 23.50  ? 34  TYR A O     1 
ATOM   233  C CB    . TYR A 1 34  ? -6.924  -15.457 1.509   1.00 25.13  ? 34  TYR A CB    1 
ATOM   234  C CG    . TYR A 1 34  ? -6.796  -14.489 0.353   1.00 23.76  ? 34  TYR A CG    1 
ATOM   235  C CD1   . TYR A 1 34  ? -6.289  -14.905 -0.877  1.00 23.63  ? 34  TYR A CD1   1 
ATOM   236  C CD2   . TYR A 1 34  ? -7.217  -13.165 0.476   1.00 24.44  ? 34  TYR A CD2   1 
ATOM   237  C CE1   . TYR A 1 34  ? -6.208  -14.029 -1.957  1.00 22.19  ? 34  TYR A CE1   1 
ATOM   238  C CE2   . TYR A 1 34  ? -7.134  -12.279 -0.595  1.00 21.04  ? 34  TYR A CE2   1 
ATOM   239  C CZ    . TYR A 1 34  ? -6.632  -12.719 -1.808  1.00 19.68  ? 34  TYR A CZ    1 
ATOM   240  O OH    . TYR A 1 34  ? -6.566  -11.858 -2.874  1.00 17.08  ? 34  TYR A OH    1 
ATOM   241  N N     . GLN A 1 35  ? -9.245  -17.683 3.181   1.00 30.69  ? 35  GLN A N     1 
ATOM   242  C CA    . GLN A 1 35  ? -9.258  -18.881 4.001   1.00 32.61  ? 35  GLN A CA    1 
ATOM   243  C C     . GLN A 1 35  ? -9.032  -20.056 3.062   1.00 32.85  ? 35  GLN A C     1 
ATOM   244  O O     . GLN A 1 35  ? -9.608  -20.105 1.971   1.00 31.70  ? 35  GLN A O     1 
ATOM   245  C CB    . GLN A 1 35  ? -10.608 -19.032 4.711   1.00 36.20  ? 35  GLN A CB    1 
ATOM   246  C CG    . GLN A 1 35  ? -11.785 -19.297 3.780   1.00 42.06  ? 35  GLN A CG    1 
ATOM   247  C CD    . GLN A 1 35  ? -13.077 -19.553 4.533   1.00 46.60  ? 35  GLN A CD    1 
ATOM   248  O OE1   . GLN A 1 35  ? -13.157 -20.462 5.360   1.00 47.89  ? 35  GLN A OE1   1 
ATOM   249  N NE2   . GLN A 1 35  ? -14.098 -18.751 4.247   1.00 49.37  ? 35  GLN A NE2   1 
ATOM   250  N N     . GLY A 1 36  ? -8.178  -20.986 3.472   1.00 33.14  ? 36  GLY A N     1 
ATOM   251  C CA    . GLY A 1 36  ? -7.906  -22.149 2.648   1.00 33.92  ? 36  GLY A CA    1 
ATOM   252  C C     . GLY A 1 36  ? -6.870  -21.904 1.572   1.00 34.09  ? 36  GLY A C     1 
ATOM   253  O O     . GLY A 1 36  ? -6.512  -22.820 0.835   1.00 34.87  ? 36  GLY A O     1 
ATOM   254  N N     . LYS A 1 37  ? -6.381  -20.672 1.471   1.00 32.47  ? 37  LYS A N     1 
ATOM   255  C CA    . LYS A 1 37  ? -5.379  -20.360 0.463   1.00 31.59  ? 37  LYS A CA    1 
ATOM   256  C C     . LYS A 1 37  ? -4.082  -19.839 1.076   1.00 29.54  ? 37  LYS A C     1 
ATOM   257  O O     . LYS A 1 37  ? -3.997  -19.626 2.284   1.00 27.35  ? 37  LYS A O     1 
ATOM   258  C CB    . LYS A 1 37  ? -5.947  -19.356 -0.541  1.00 31.98  ? 37  LYS A CB    1 
ATOM   259  C CG    . LYS A 1 37  ? -7.231  -19.849 -1.186  1.00 35.17  ? 37  LYS A CG    1 
ATOM   260  C CD    . LYS A 1 37  ? -7.535  -19.148 -2.490  1.00 38.46  ? 37  LYS A CD    1 
ATOM   261  C CE    . LYS A 1 37  ? -8.775  -19.751 -3.129  1.00 40.46  ? 37  LYS A CE    1 
ATOM   262  N NZ    . LYS A 1 37  ? -9.008  -19.230 -4.501  1.00 45.85  ? 37  LYS A NZ    1 
ATOM   263  N N     . THR A 1 38  ? -3.073  -19.651 0.231   1.00 27.99  ? 38  THR A N     1 
ATOM   264  C CA    . THR A 1 38  ? -1.768  -19.168 0.669   1.00 27.38  ? 38  THR A CA    1 
ATOM   265  C C     . THR A 1 38  ? -1.386  -17.990 -0.220  1.00 25.24  ? 38  THR A C     1 
ATOM   266  O O     . THR A 1 38  ? -0.756  -18.160 -1.265  1.00 24.91  ? 38  THR A O     1 
ATOM   267  C CB    . THR A 1 38  ? -0.702  -20.270 0.529   1.00 30.69  ? 38  THR A CB    1 
ATOM   268  O OG1   . THR A 1 38  ? -1.178  -21.474 1.142   1.00 33.38  ? 38  THR A OG1   1 
ATOM   269  C CG2   . THR A 1 38  ? 0.588   -19.849 1.208   1.00 32.40  ? 38  THR A CG2   1 
ATOM   270  N N     . PRO A 1 39  ? -1.762  -16.773 0.187   1.00 23.23  ? 39  PRO A N     1 
ATOM   271  C CA    . PRO A 1 39  ? -1.433  -15.605 -0.628  1.00 22.27  ? 39  PRO A CA    1 
ATOM   272  C C     . PRO A 1 39  ? 0.050   -15.267 -0.704  1.00 20.31  ? 39  PRO A C     1 
ATOM   273  O O     . PRO A 1 39  ? 0.860   -15.711 0.114   1.00 18.98  ? 39  PRO A O     1 
ATOM   274  C CB    . PRO A 1 39  ? -2.252  -14.492 0.025   1.00 22.25  ? 39  PRO A CB    1 
ATOM   275  C CG    . PRO A 1 39  ? -2.232  -14.888 1.469   1.00 23.64  ? 39  PRO A CG    1 
ATOM   276  C CD    . PRO A 1 39  ? -2.483  -16.382 1.410   1.00 21.20  ? 39  PRO A CD    1 
ATOM   277  N N     . HIS A 1 40  ? 0.392   -14.488 -1.720  1.00 17.93  ? 40  HIS A N     1 
ATOM   278  C CA    . HIS A 1 40  ? 1.756   -14.036 -1.930  1.00 17.87  ? 40  HIS A CA    1 
ATOM   279  C C     . HIS A 1 40  ? 1.651   -12.515 -1.963  1.00 16.29  ? 40  HIS A C     1 
ATOM   280  O O     . HIS A 1 40  ? 1.132   -11.949 -2.921  1.00 15.63  ? 40  HIS A O     1 
ATOM   281  C CB    . HIS A 1 40  ? 2.286   -14.564 -3.263  1.00 15.49  ? 40  HIS A CB    1 
ATOM   282  C CG    . HIS A 1 40  ? 3.666   -14.089 -3.589  1.00 16.84  ? 40  HIS A CG    1 
ATOM   283  N ND1   . HIS A 1 40  ? 4.752   -14.350 -2.781  1.00 15.32  ? 40  HIS A ND1   1 
ATOM   284  C CD2   . HIS A 1 40  ? 4.135   -13.361 -4.631  1.00 13.55  ? 40  HIS A CD2   1 
ATOM   285  C CE1   . HIS A 1 40  ? 5.833   -13.805 -3.313  1.00 15.57  ? 40  HIS A CE1   1 
ATOM   286  N NE2   . HIS A 1 40  ? 5.485   -13.199 -4.434  1.00 13.80  ? 40  HIS A NE2   1 
ATOM   287  N N     . LEU A 1 41  ? 2.125   -11.860 -0.910  1.00 17.13  ? 41  LEU A N     1 
ATOM   288  C CA    . LEU A 1 41  ? 2.047   -10.405 -0.819  1.00 15.74  ? 41  LEU A CA    1 
ATOM   289  C C     . LEU A 1 41  ? 3.280   -9.685  -1.339  1.00 14.86  ? 41  LEU A C     1 
ATOM   290  O O     . LEU A 1 41  ? 4.404   -9.957  -0.908  1.00 16.02  ? 41  LEU A O     1 
ATOM   291  C CB    . LEU A 1 41  ? 1.773   -9.985  0.627   1.00 17.40  ? 41  LEU A CB    1 
ATOM   292  C CG    . LEU A 1 41  ? 0.318   -10.165 1.075   1.00 20.30  ? 41  LEU A CG    1 
ATOM   293  C CD1   . LEU A 1 41  ? -0.043  -11.645 1.057   1.00 16.51  ? 41  LEU A CD1   1 
ATOM   294  C CD2   . LEU A 1 41  ? 0.128   -9.575  2.465   1.00 21.36  ? 41  LEU A CD2   1 
ATOM   295  N N     . ILE A 1 42  ? 3.058   -8.754  -2.259  1.00 14.42  ? 42  ILE A N     1 
ATOM   296  C CA    . ILE A 1 42  ? 4.152   -7.998  -2.852  1.00 15.42  ? 42  ILE A CA    1 
ATOM   297  C C     . ILE A 1 42  ? 4.117   -6.547  -2.405  1.00 16.64  ? 42  ILE A C     1 
ATOM   298  O O     . ILE A 1 42  ? 3.212   -5.787  -2.775  1.00 16.00  ? 42  ILE A O     1 
ATOM   299  C CB    . ILE A 1 42  ? 4.095   -8.048  -4.391  1.00 13.48  ? 42  ILE A CB    1 
ATOM   300  C CG1   . ILE A 1 42  ? 4.127   -9.507  -4.858  1.00 16.64  ? 42  ILE A CG1   1 
ATOM   301  C CG2   . ILE A 1 42  ? 5.270   -7.273  -4.979  1.00 16.91  ? 42  ILE A CG2   1 
ATOM   302  C CD1   . ILE A 1 42  ? 3.968   -9.680  -6.363  1.00 15.81  ? 42  ILE A CD1   1 
ATOM   303  N N     . CYS A 1 43  ? 5.111   -6.178  -1.602  1.00 15.50  ? 43  CYS A N     1 
ATOM   304  C CA    . CYS A 1 43  ? 5.235   -4.830  -1.077  1.00 16.16  ? 43  CYS A CA    1 
ATOM   305  C C     . CYS A 1 43  ? 5.914   -3.890  -2.078  1.00 18.26  ? 43  CYS A C     1 
ATOM   306  O O     . CYS A 1 43  ? 7.015   -4.170  -2.561  1.00 15.15  ? 43  CYS A O     1 
ATOM   307  C CB    . CYS A 1 43  ? 6.043   -4.862  0.224   1.00 16.09  ? 43  CYS A CB    1 
ATOM   308  S SG    . CYS A 1 43  ? 6.508   -3.231  0.878   1.00 17.28  ? 43  CYS A SG    1 
ATOM   309  N N     . VAL A 1 44  ? 5.251   -2.779  -2.388  1.00 17.36  ? 44  VAL A N     1 
ATOM   310  C CA    . VAL A 1 44  ? 5.811   -1.796  -3.305  1.00 18.51  ? 44  VAL A CA    1 
ATOM   311  C C     . VAL A 1 44  ? 6.703   -0.838  -2.513  1.00 19.61  ? 44  VAL A C     1 
ATOM   312  O O     . VAL A 1 44  ? 6.210   0.028   -1.782  1.00 19.49  ? 44  VAL A O     1 
ATOM   313  C CB    . VAL A 1 44  ? 4.690   -0.993  -4.009  1.00 20.37  ? 44  VAL A CB    1 
ATOM   314  C CG1   . VAL A 1 44  ? 5.295   0.062   -4.931  1.00 20.89  ? 44  VAL A CG1   1 
ATOM   315  C CG2   . VAL A 1 44  ? 3.799   -1.939  -4.799  1.00 19.95  ? 44  VAL A CG2   1 
ATOM   316  N N     . LEU A 1 45  ? 8.016   -1.005  -2.649  1.00 19.50  ? 45  LEU A N     1 
ATOM   317  C CA    . LEU A 1 45  ? 8.988   -0.158  -1.955  1.00 20.29  ? 45  LEU A CA    1 
ATOM   318  C C     . LEU A 1 45  ? 9.096   1.214   -2.619  1.00 20.13  ? 45  LEU A C     1 
ATOM   319  O O     . LEU A 1 45  ? 8.832   1.337   -3.812  1.00 19.71  ? 45  LEU A O     1 
ATOM   320  C CB    . LEU A 1 45  ? 10.367  -0.823  -1.961  1.00 18.42  ? 45  LEU A CB    1 
ATOM   321  C CG    . LEU A 1 45  ? 10.530  -2.089  -1.120  1.00 19.80  ? 45  LEU A CG    1 
ATOM   322  C CD1   . LEU A 1 45  ? 11.916  -2.680  -1.349  1.00 17.89  ? 45  LEU A CD1   1 
ATOM   323  C CD2   . LEU A 1 45  ? 10.323  -1.749  0.354   1.00 19.69  ? 45  LEU A CD2   1 
ATOM   324  N N     . ASN A 1 46  ? 9.483   2.241   -1.863  1.00 18.32  ? 46  ASN A N     1 
ATOM   325  C CA    . ASN A 1 46  ? 9.806   2.136   -0.436  1.00 20.87  ? 46  ASN A CA    1 
ATOM   326  C C     . ASN A 1 46  ? 8.600   2.455   0.449   1.00 20.69  ? 46  ASN A C     1 
ATOM   327  O O     . ASN A 1 46  ? 8.473   1.932   1.557   1.00 22.12  ? 46  ASN A O     1 
ATOM   328  C CB    . ASN A 1 46  ? 10.913  3.132   -0.064  1.00 20.40  ? 46  ASN A CB    1 
ATOM   329  C CG    . ASN A 1 46  ? 12.251  2.811   -0.710  1.00 25.11  ? 46  ASN A CG    1 
ATOM   330  O OD1   . ASN A 1 46  ? 13.188  3.612   -0.634  1.00 25.90  ? 46  ASN A OD1   1 
ATOM   331  N ND2   . ASN A 1 46  ? 12.352  1.643   -1.334  1.00 21.52  ? 46  ASN A ND2   1 
ATOM   332  N N     . GLY A 1 47  ? 7.729   3.324   -0.056  1.00 19.88  ? 47  GLY A N     1 
ATOM   333  C CA    . GLY A 1 47  ? 6.566   3.783   0.683   1.00 19.90  ? 47  GLY A CA    1 
ATOM   334  C C     . GLY A 1 47  ? 5.634   2.855   1.438   1.00 20.70  ? 47  GLY A C     1 
ATOM   335  O O     . GLY A 1 47  ? 5.087   3.251   2.468   1.00 19.43  ? 47  GLY A O     1 
ATOM   336  N N     . ALA A 1 48  ? 5.441   1.633   0.958   1.00 17.55  ? 48  ALA A N     1 
ATOM   337  C CA    . ALA A 1 48  ? 4.511   0.723   1.615   1.00 16.80  ? 48  ALA A CA    1 
ATOM   338  C C     . ALA A 1 48  ? 5.100   -0.218  2.652   1.00 16.40  ? 48  ALA A C     1 
ATOM   339  O O     . ALA A 1 48  ? 4.369   -1.005  3.242   1.00 15.56  ? 48  ALA A O     1 
ATOM   340  C CB    . ALA A 1 48  ? 3.768   -0.095  0.556   1.00 16.76  ? 48  ALA A CB    1 
ATOM   341  N N     . PHE A 1 49  ? 6.403   -0.130  2.905   1.00 16.18  ? 49  PHE A N     1 
ATOM   342  C CA    . PHE A 1 49  ? 7.027   -1.061  3.838   1.00 16.03  ? 49  PHE A CA    1 
ATOM   343  C C     . PHE A 1 49  ? 6.478   -1.104  5.266   1.00 15.72  ? 49  PHE A C     1 
ATOM   344  O O     . PHE A 1 49  ? 6.447   -2.172  5.878   1.00 15.14  ? 49  PHE A O     1 
ATOM   345  C CB    . PHE A 1 49  ? 8.556   -0.864  3.830   1.00 16.88  ? 49  PHE A CB    1 
ATOM   346  C CG    . PHE A 1 49  ? 9.086   0.012   4.927   1.00 16.97  ? 49  PHE A CG    1 
ATOM   347  C CD1   . PHE A 1 49  ? 9.536   -0.547  6.122   1.00 18.92  ? 49  PHE A CD1   1 
ATOM   348  C CD2   . PHE A 1 49  ? 9.213   1.384   4.740   1.00 17.92  ? 49  PHE A CD2   1 
ATOM   349  C CE1   . PHE A 1 49  ? 10.110  0.250   7.111   1.00 17.07  ? 49  PHE A CE1   1 
ATOM   350  C CE2   . PHE A 1 49  ? 9.788   2.193   5.724   1.00 17.56  ? 49  PHE A CE2   1 
ATOM   351  C CZ    . PHE A 1 49  ? 10.239  1.625   6.909   1.00 17.18  ? 49  PHE A CZ    1 
ATOM   352  N N     . ILE A 1 50  ? 6.034   0.025   5.807   1.00 15.54  ? 50  ILE A N     1 
ATOM   353  C CA    . ILE A 1 50  ? 5.491   0.007   7.166   1.00 15.80  ? 50  ILE A CA    1 
ATOM   354  C C     . ILE A 1 50  ? 4.069   -0.556  7.120   1.00 16.48  ? 50  ILE A C     1 
ATOM   355  O O     . ILE A 1 50  ? 3.680   -1.360  7.965   1.00 17.44  ? 50  ILE A O     1 
ATOM   356  C CB    . ILE A 1 50  ? 5.496   1.419   7.800   1.00 15.99  ? 50  ILE A CB    1 
ATOM   357  C CG1   . ILE A 1 50  ? 6.936   1.950   7.844   1.00 14.29  ? 50  ILE A CG1   1 
ATOM   358  C CG2   . ILE A 1 50  ? 4.891   1.363   9.212   1.00 17.43  ? 50  ILE A CG2   1 
ATOM   359  C CD1   . ILE A 1 50  ? 7.131   3.203   8.692   1.00 16.26  ? 50  ILE A CD1   1 
ATOM   360  N N     . PHE A 1 51  ? 3.298   -0.142  6.119   1.00 16.64  ? 51  PHE A N     1 
ATOM   361  C CA    . PHE A 1 51  ? 1.940   -0.642  5.942   1.00 15.31  ? 51  PHE A CA    1 
ATOM   362  C C     . PHE A 1 51  ? 2.032   -2.167  5.799   1.00 16.65  ? 51  PHE A C     1 
ATOM   363  O O     . PHE A 1 51  ? 1.259   -2.912  6.402   1.00 16.25  ? 51  PHE A O     1 
ATOM   364  C CB    . PHE A 1 51  ? 1.328   -0.009  4.681   1.00 16.08  ? 51  PHE A CB    1 
ATOM   365  C CG    . PHE A 1 51  ? -0.020  -0.568  4.288   1.00 15.00  ? 51  PHE A CG    1 
ATOM   366  C CD1   . PHE A 1 51  ? -1.003  -0.810  5.240   1.00 17.26  ? 51  PHE A CD1   1 
ATOM   367  C CD2   . PHE A 1 51  ? -0.317  -0.806  2.948   1.00 18.63  ? 51  PHE A CD2   1 
ATOM   368  C CE1   . PHE A 1 51  ? -2.270  -1.274  4.859   1.00 17.57  ? 51  PHE A CE1   1 
ATOM   369  C CE2   . PHE A 1 51  ? -1.579  -1.269  2.554   1.00 18.60  ? 51  PHE A CE2   1 
ATOM   370  C CZ    . PHE A 1 51  ? -2.557  -1.504  3.513   1.00 17.02  ? 51  PHE A CZ    1 
ATOM   371  N N     . MET A 1 52  ? 3.002   -2.619  5.010   1.00 16.01  ? 52  MET A N     1 
ATOM   372  C CA    . MET A 1 52  ? 3.216   -4.047  4.783   1.00 15.76  ? 52  MET A CA    1 
ATOM   373  C C     . MET A 1 52  ? 3.512   -4.779  6.096   1.00 16.61  ? 52  MET A C     1 
ATOM   374  O O     . MET A 1 52  ? 2.935   -5.831  6.381   1.00 17.00  ? 52  MET A O     1 
ATOM   375  C CB    . MET A 1 52  ? 4.387   -4.241  3.808   1.00 16.81  ? 52  MET A CB    1 
ATOM   376  C CG    . MET A 1 52  ? 4.765   -5.691  3.547   1.00 16.02  ? 52  MET A CG    1 
ATOM   377  S SD    . MET A 1 52  ? 3.642   -6.520  2.416   1.00 17.77  ? 52  MET A SD    1 
ATOM   378  C CE    . MET A 1 52  ? 4.562   -8.044  2.060   1.00 18.96  ? 52  MET A CE    1 
ATOM   379  N N     . ALA A 1 53  ? 4.417   -4.218  6.892   1.00 15.86  ? 53  ALA A N     1 
ATOM   380  C CA    . ALA A 1 53  ? 4.805   -4.818  8.165   1.00 16.16  ? 53  ALA A CA    1 
ATOM   381  C C     . ALA A 1 53  ? 3.630   -4.980  9.131   1.00 16.06  ? 53  ALA A C     1 
ATOM   382  O O     . ALA A 1 53  ? 3.484   -6.023  9.775   1.00 15.21  ? 53  ALA A O     1 
ATOM   383  C CB    . ALA A 1 53  ? 5.902   -3.980  8.814   1.00 13.20  ? 53  ALA A CB    1 
ATOM   384  N N     . ASP A 1 54  ? 2.794   -3.954  9.238   1.00 16.42  ? 54  ASP A N     1 
ATOM   385  C CA    . ASP A 1 54  ? 1.652   -4.033  10.136  1.00 18.17  ? 54  ASP A CA    1 
ATOM   386  C C     . ASP A 1 54  ? 0.550   -4.920  9.576   1.00 17.72  ? 54  ASP A C     1 
ATOM   387  O O     . ASP A 1 54  ? -0.088  -5.666  10.315  1.00 18.10  ? 54  ASP A O     1 
ATOM   388  C CB    . ASP A 1 54  ? 1.100   -2.635  10.430  1.00 17.96  ? 54  ASP A CB    1 
ATOM   389  C CG    . ASP A 1 54  ? 2.074   -1.782  11.219  1.00 20.16  ? 54  ASP A CG    1 
ATOM   390  O OD1   . ASP A 1 54  ? 3.100   -2.331  11.685  1.00 17.08  ? 54  ASP A OD1   1 
ATOM   391  O OD2   . ASP A 1 54  ? 1.817   -0.568  11.375  1.00 20.72  ? 54  ASP A OD2   1 
ATOM   392  N N     . LEU A 1 55  ? 0.341   -4.850  8.266   1.00 17.59  ? 55  LEU A N     1 
ATOM   393  C CA    . LEU A 1 55  ? -0.696  -5.646  7.623   1.00 17.12  ? 55  LEU A CA    1 
ATOM   394  C C     . LEU A 1 55  ? -0.446  -7.155  7.693   1.00 17.87  ? 55  LEU A C     1 
ATOM   395  O O     . LEU A 1 55  ? -1.352  -7.920  8.035   1.00 18.84  ? 55  LEU A O     1 
ATOM   396  C CB    . LEU A 1 55  ? -0.860  -5.219  6.158   1.00 16.71  ? 55  LEU A CB    1 
ATOM   397  C CG    . LEU A 1 55  ? -1.937  -5.983  5.377   1.00 17.84  ? 55  LEU A CG    1 
ATOM   398  C CD1   . LEU A 1 55  ? -3.302  -5.706  5.998   1.00 17.27  ? 55  LEU A CD1   1 
ATOM   399  C CD2   . LEU A 1 55  ? -1.919  -5.568  3.909   1.00 19.68  ? 55  LEU A CD2   1 
ATOM   400  N N     . VAL A 1 56  ? 0.771   -7.597  7.385   1.00 17.44  ? 56  VAL A N     1 
ATOM   401  C CA    . VAL A 1 56  ? 1.048   -9.031  7.412   1.00 17.31  ? 56  VAL A CA    1 
ATOM   402  C C     . VAL A 1 56  ? 0.848   -9.624  8.802   1.00 17.89  ? 56  VAL A C     1 
ATOM   403  O O     . VAL A 1 56  ? 0.385   -10.759 8.948   1.00 16.40  ? 56  VAL A O     1 
ATOM   404  C CB    . VAL A 1 56  ? 2.473   -9.350  6.918   1.00 18.24  ? 56  VAL A CB    1 
ATOM   405  C CG1   . VAL A 1 56  ? 2.627   -8.896  5.469   1.00 17.83  ? 56  VAL A CG1   1 
ATOM   406  C CG2   . VAL A 1 56  ? 3.506   -8.685  7.814   1.00 18.58  ? 56  VAL A CG2   1 
ATOM   407  N N     . ARG A 1 57  ? 1.181   -8.853  9.827   1.00 18.95  ? 57  ARG A N     1 
ATOM   408  C CA    . ARG A 1 57  ? 1.012   -9.324  11.188  1.00 19.74  ? 57  ARG A CA    1 
ATOM   409  C C     . ARG A 1 57  ? -0.460  -9.391  11.587  1.00 20.93  ? 57  ARG A C     1 
ATOM   410  O O     . ARG A 1 57  ? -0.791  -9.876  12.669  1.00 20.09  ? 57  ARG A O     1 
ATOM   411  C CB    . ARG A 1 57  ? 1.791   -8.428  12.148  1.00 18.99  ? 57  ARG A CB    1 
ATOM   412  C CG    . ARG A 1 57  ? 3.287   -8.693  12.090  1.00 18.75  ? 57  ARG A CG    1 
ATOM   413  C CD    . ARG A 1 57  ? 4.056   -7.802  13.032  1.00 18.74  ? 57  ARG A CD    1 
ATOM   414  N NE    . ARG A 1 57  ? 4.133   -6.434  12.534  1.00 17.03  ? 57  ARG A NE    1 
ATOM   415  C CZ    . ARG A 1 57  ? 4.752   -5.452  13.175  1.00 17.03  ? 57  ARG A CZ    1 
ATOM   416  N NH1   . ARG A 1 57  ? 5.343   -5.693  14.340  1.00 14.79  ? 57  ARG A NH1   1 
ATOM   417  N NH2   . ARG A 1 57  ? 4.793   -4.239  12.646  1.00 15.43  ? 57  ARG A NH2   1 
ATOM   418  N N     . ALA A 1 58  ? -1.337  -8.913  10.705  1.00 20.36  ? 58  ALA A N     1 
ATOM   419  C CA    . ALA A 1 58  ? -2.775  -8.937  10.959  1.00 21.93  ? 58  ALA A CA    1 
ATOM   420  C C     . ALA A 1 58  ? -3.477  -9.965  10.070  1.00 23.44  ? 58  ALA A C     1 
ATOM   421  O O     . ALA A 1 58  ? -4.707  -9.978  9.979   1.00 25.00  ? 58  ALA A O     1 
ATOM   422  C CB    . ALA A 1 58  ? -3.376  -7.555  10.726  1.00 20.13  ? 58  ALA A CB    1 
ATOM   423  N N     . ILE A 1 59  ? -2.695  -10.814 9.407   1.00 22.35  ? 59  ILE A N     1 
ATOM   424  C CA    . ILE A 1 59  ? -3.258  -11.844 8.539   1.00 23.88  ? 59  ILE A CA    1 
ATOM   425  C C     . ILE A 1 59  ? -2.820  -13.220 9.030   1.00 25.56  ? 59  ILE A C     1 
ATOM   426  O O     . ILE A 1 59  ? -1.731  -13.696 8.690   1.00 23.79  ? 59  ILE A O     1 
ATOM   427  C CB    . ILE A 1 59  ? -2.795  -11.679 7.074   1.00 22.95  ? 59  ILE A CB    1 
ATOM   428  C CG1   . ILE A 1 59  ? -3.174  -10.290 6.554   1.00 22.44  ? 59  ILE A CG1   1 
ATOM   429  C CG2   . ILE A 1 59  ? -3.440  -12.757 6.204   1.00 21.46  ? 59  ILE A CG2   1 
ATOM   430  C CD1   . ILE A 1 59  ? -2.656  -9.997  5.159   1.00 23.55  ? 59  ILE A CD1   1 
ATOM   431  N N     . PRO A 1 60  ? -3.664  -13.876 9.843   1.00 28.02  ? 60  PRO A N     1 
ATOM   432  C CA    . PRO A 1 60  ? -3.378  -15.206 10.396  1.00 27.93  ? 60  PRO A CA    1 
ATOM   433  C C     . PRO A 1 60  ? -3.461  -16.330 9.365   1.00 28.62  ? 60  PRO A C     1 
ATOM   434  O O     . PRO A 1 60  ? -4.249  -17.261 9.520   1.00 29.47  ? 60  PRO A O     1 
ATOM   435  C CB    . PRO A 1 60  ? -4.436  -15.363 11.494  1.00 29.46  ? 60  PRO A CB    1 
ATOM   436  C CG    . PRO A 1 60  ? -4.793  -13.948 11.851  1.00 29.94  ? 60  PRO A CG    1 
ATOM   437  C CD    . PRO A 1 60  ? -4.839  -13.284 10.504  1.00 27.66  ? 60  PRO A CD    1 
ATOM   438  N N     . LEU A 1 61  ? -2.651  -16.245 8.317   1.00 25.63  ? 61  LEU A N     1 
ATOM   439  C CA    . LEU A 1 61  ? -2.642  -17.274 7.280   1.00 25.45  ? 61  LEU A CA    1 
ATOM   440  C C     . LEU A 1 61  ? -1.221  -17.582 6.836   1.00 25.42  ? 61  LEU A C     1 
ATOM   441  O O     . LEU A 1 61  ? -0.322  -16.753 6.979   1.00 25.38  ? 61  LEU A O     1 
ATOM   442  C CB    . LEU A 1 61  ? -3.420  -16.811 6.042   1.00 24.95  ? 61  LEU A CB    1 
ATOM   443  C CG    . LEU A 1 61  ? -4.936  -16.604 6.066   1.00 26.19  ? 61  LEU A CG    1 
ATOM   444  C CD1   . LEU A 1 61  ? -5.373  -16.014 4.731   1.00 25.09  ? 61  LEU A CD1   1 
ATOM   445  C CD2   . LEU A 1 61  ? -5.643  -17.927 6.320   1.00 25.00  ? 61  LEU A CD2   1 
ATOM   446  N N     . PRO A 1 62  ? -0.993  -18.791 6.308   1.00 25.04  ? 62  PRO A N     1 
ATOM   447  C CA    . PRO A 1 62  ? 0.366   -19.087 5.855   1.00 24.22  ? 62  PRO A CA    1 
ATOM   448  C C     . PRO A 1 62  ? 0.510   -18.283 4.568   1.00 24.33  ? 62  PRO A C     1 
ATOM   449  O O     . PRO A 1 62  ? -0.361  -18.337 3.698   1.00 23.17  ? 62  PRO A O     1 
ATOM   450  C CB    . PRO A 1 62  ? 0.333   -20.593 5.610   1.00 25.58  ? 62  PRO A CB    1 
ATOM   451  C CG    . PRO A 1 62  ? -1.108  -20.848 5.237   1.00 27.46  ? 62  PRO A CG    1 
ATOM   452  C CD    . PRO A 1 62  ? -1.857  -19.983 6.222   1.00 25.26  ? 62  PRO A CD    1 
ATOM   453  N N     . LEU A 1 63  ? 1.586   -17.518 4.448   1.00 22.20  ? 63  LEU A N     1 
ATOM   454  C CA    . LEU A 1 63  ? 1.770   -16.704 3.255   1.00 21.86  ? 63  LEU A CA    1 
ATOM   455  C C     . LEU A 1 63  ? 3.231   -16.390 3.002   1.00 20.19  ? 63  LEU A C     1 
ATOM   456  O O     . LEU A 1 63  ? 4.069   -16.509 3.898   1.00 21.93  ? 63  LEU A O     1 
ATOM   457  C CB    . LEU A 1 63  ? 0.972   -15.401 3.393   1.00 21.38  ? 63  LEU A CB    1 
ATOM   458  C CG    . LEU A 1 63  ? 1.248   -14.548 4.639   1.00 22.45  ? 63  LEU A CG    1 
ATOM   459  C CD1   . LEU A 1 63  ? 2.496   -13.701 4.420   1.00 22.68  ? 63  LEU A CD1   1 
ATOM   460  C CD2   . LEU A 1 63  ? 0.045   -13.639 4.920   1.00 23.27  ? 63  LEU A CD2   1 
ATOM   461  N N     . THR A 1 64  ? 3.530   -16.006 1.767   1.00 17.84  ? 64  THR A N     1 
ATOM   462  C CA    . THR A 1 64  ? 4.884   -15.649 1.384   1.00 15.69  ? 64  THR A CA    1 
ATOM   463  C C     . THR A 1 64  ? 4.855   -14.191 0.954   1.00 16.51  ? 64  THR A C     1 
ATOM   464  O O     . THR A 1 64  ? 3.784   -13.601 0.800   1.00 14.51  ? 64  THR A O     1 
ATOM   465  C CB    . THR A 1 64  ? 5.393   -16.517 0.215   1.00 17.27  ? 64  THR A CB    1 
ATOM   466  O OG1   . THR A 1 64  ? 4.517   -16.375 -0.911  1.00 16.90  ? 64  THR A OG1   1 
ATOM   467  C CG2   . THR A 1 64  ? 5.457   -17.981 0.629   1.00 17.18  ? 64  THR A CG2   1 
ATOM   468  N N     . MET A 1 65  ? 6.025   -13.598 0.769   1.00 15.86  ? 65  MET A N     1 
ATOM   469  C CA    . MET A 1 65  ? 6.062   -12.207 0.362   1.00 18.29  ? 65  MET A CA    1 
ATOM   470  C C     . MET A 1 65  ? 7.282   -11.871 -0.467  1.00 16.85  ? 65  MET A C     1 
ATOM   471  O O     . MET A 1 65  ? 8.233   -12.640 -0.540  1.00 15.76  ? 65  MET A O     1 
ATOM   472  C CB    . MET A 1 65  ? 5.964   -11.276 1.587   1.00 20.54  ? 65  MET A CB    1 
ATOM   473  C CG    . MET A 1 65  ? 6.588   -11.795 2.875   1.00 25.61  ? 65  MET A CG    1 
ATOM   474  S SD    . MET A 1 65  ? 6.304   -10.711 4.326   1.00 21.40  ? 65  MET A SD    1 
ATOM   475  C CE    . MET A 1 65  ? 5.062   -11.620 5.220   1.00 23.22  ? 65  MET A CE    1 
ATOM   476  N N     . ASP A 1 66  ? 7.226   -10.721 -1.124  1.00 17.46  ? 66  ASP A N     1 
ATOM   477  C CA    . ASP A 1 66  ? 8.330   -10.265 -1.941  1.00 17.21  ? 66  ASP A CA    1 
ATOM   478  C C     . ASP A 1 66  ? 8.279   -8.749  -1.972  1.00 19.15  ? 66  ASP A C     1 
ATOM   479  O O     . ASP A 1 66  ? 7.286   -8.139  -1.561  1.00 16.84  ? 66  ASP A O     1 
ATOM   480  C CB    . ASP A 1 66  ? 8.230   -10.825 -3.358  1.00 18.86  ? 66  ASP A CB    1 
ATOM   481  C CG    . ASP A 1 66  ? 9.585   -10.944 -4.029  1.00 20.86  ? 66  ASP A CG    1 
ATOM   482  O OD1   . ASP A 1 66  ? 10.569  -10.401 -3.483  1.00 20.82  ? 66  ASP A OD1   1 
ATOM   483  O OD2   . ASP A 1 66  ? 9.670   -11.572 -5.103  1.00 21.99  ? 66  ASP A OD2   1 
ATOM   484  N N     . PHE A 1 67  ? 9.353   -8.148  -2.461  1.00 19.41  ? 67  PHE A N     1 
ATOM   485  C CA    . PHE A 1 67  ? 9.455   -6.705  -2.525  1.00 22.56  ? 67  PHE A CA    1 
ATOM   486  C C     . PHE A 1 67  ? 9.836   -6.269  -3.922  1.00 24.03  ? 67  PHE A C     1 
ATOM   487  O O     . PHE A 1 67  ? 10.684  -6.884  -4.571  1.00 25.22  ? 67  PHE A O     1 
ATOM   488  C CB    . PHE A 1 67  ? 10.507  -6.231  -1.529  1.00 21.81  ? 67  PHE A CB    1 
ATOM   489  C CG    . PHE A 1 67  ? 10.163  -6.540  -0.106  1.00 23.42  ? 67  PHE A CG    1 
ATOM   490  C CD1   . PHE A 1 67  ? 9.534   -5.586  0.694   1.00 23.10  ? 67  PHE A CD1   1 
ATOM   491  C CD2   . PHE A 1 67  ? 10.443  -7.791  0.434   1.00 22.61  ? 67  PHE A CD2   1 
ATOM   492  C CE1   . PHE A 1 67  ? 9.191   -5.874  2.012   1.00 21.73  ? 67  PHE A CE1   1 
ATOM   493  C CE2   . PHE A 1 67  ? 10.105  -8.090  1.749   1.00 23.13  ? 67  PHE A CE2   1 
ATOM   494  C CZ    . PHE A 1 67  ? 9.475   -7.127  2.541   1.00 24.43  ? 67  PHE A CZ    1 
ATOM   495  N N     . ILE A 1 68  ? 9.192   -5.210  -4.390  1.00 23.03  ? 68  ILE A N     1 
ATOM   496  C CA    . ILE A 1 68  ? 9.483   -4.686  -5.711  1.00 24.51  ? 68  ILE A CA    1 
ATOM   497  C C     . ILE A 1 68  ? 9.544   -3.166  -5.607  1.00 25.42  ? 68  ILE A C     1 
ATOM   498  O O     . ILE A 1 68  ? 8.815   -2.554  -4.821  1.00 21.71  ? 68  ILE A O     1 
ATOM   499  C CB    . ILE A 1 68  ? 8.398   -5.112  -6.735  1.00 25.13  ? 68  ILE A CB    1 
ATOM   500  C CG1   . ILE A 1 68  ? 8.880   -4.823  -8.159  1.00 29.46  ? 68  ILE A CG1   1 
ATOM   501  C CG2   . ILE A 1 68  ? 7.102   -4.362  -6.477  1.00 24.20  ? 68  ILE A CG2   1 
ATOM   502  C CD1   . ILE A 1 68  ? 7.947   -5.344  -9.245  1.00 31.39  ? 68  ILE A CD1   1 
ATOM   503  N N     . ALA A 1 69  ? 10.441  -2.560  -6.373  1.00 28.25  ? 69  ALA A N     1 
ATOM   504  C CA    . ALA A 1 69  ? 10.567  -1.108  -6.363  1.00 32.42  ? 69  ALA A CA    1 
ATOM   505  C C     . ALA A 1 69  ? 10.327  -0.613  -7.777  1.00 35.17  ? 69  ALA A C     1 
ATOM   506  O O     . ALA A 1 69  ? 10.980  -1.064  -8.715  1.00 34.47  ? 69  ALA A O     1 
ATOM   507  C CB    . ALA A 1 69  ? 11.950  -0.697  -5.883  1.00 31.13  ? 69  ALA A CB    1 
ATOM   508  N N     . ILE A 1 70  ? 9.372   0.296   -7.925  1.00 39.43  ? 70  ILE A N     1 
ATOM   509  C CA    . ILE A 1 70  ? 9.042   0.855   -9.228  1.00 45.88  ? 70  ILE A CA    1 
ATOM   510  C C     . ILE A 1 70  ? 8.834   2.360   -9.114  1.00 48.89  ? 70  ILE A C     1 
ATOM   511  O O     . ILE A 1 70  ? 8.390   2.857   -8.079  1.00 50.01  ? 70  ILE A O     1 
ATOM   512  C CB    . ILE A 1 70  ? 7.763   0.210   -9.804  1.00 47.29  ? 70  ILE A CB    1 
ATOM   513  C CG1   . ILE A 1 70  ? 6.629   0.296   -8.782  1.00 49.47  ? 70  ILE A CG1   1 
ATOM   514  C CG2   . ILE A 1 70  ? 8.032   -1.236  -10.175 1.00 47.76  ? 70  ILE A CG2   1 
ATOM   515  C CD1   . ILE A 1 70  ? 5.363   -0.418  -9.208  1.00 52.55  ? 70  ILE A CD1   1 
ATOM   516  N N     . SER A 1 71  ? 9.164   3.085   -10.176 1.00 52.17  ? 71  SER A N     1 
ATOM   517  C CA    . SER A 1 71  ? 9.008   4.534   -10.176 1.00 55.12  ? 71  SER A CA    1 
ATOM   518  C C     . SER A 1 71  ? 8.741   5.055   -11.583 1.00 55.35  ? 71  SER A C     1 
ATOM   519  O O     . SER A 1 71  ? 7.623   5.457   -11.900 1.00 56.92  ? 71  SER A O     1 
ATOM   520  C CB    . SER A 1 71  ? 10.263  5.195   -9.606  1.00 56.20  ? 71  SER A CB    1 
ATOM   521  O OG    . SER A 1 71  ? 10.097  6.598   -9.503  1.00 60.95  ? 71  SER A OG    1 
ATOM   522  N N     . GLU A 1 84  ? 9.240   2.156   -15.207 1.00 56.56  ? 84  GLU A N     1 
ATOM   523  C CA    . GLU A 1 84  ? 10.622  1.796   -14.908 1.00 56.55  ? 84  GLU A CA    1 
ATOM   524  C C     . GLU A 1 84  ? 10.718  0.932   -13.651 1.00 56.73  ? 84  GLU A C     1 
ATOM   525  O O     . GLU A 1 84  ? 10.467  1.397   -12.538 1.00 56.50  ? 84  GLU A O     1 
ATOM   526  C CB    . GLU A 1 84  ? 11.468  3.063   -14.744 1.00 56.34  ? 84  GLU A CB    1 
ATOM   527  C CG    . GLU A 1 84  ? 12.930  2.805   -14.415 1.00 56.35  ? 84  GLU A CG    1 
ATOM   528  C CD    . GLU A 1 84  ? 13.787  4.053   -14.529 1.00 55.85  ? 84  GLU A CD    1 
ATOM   529  O OE1   . GLU A 1 84  ? 14.941  4.026   -14.053 1.00 55.74  ? 84  GLU A OE1   1 
ATOM   530  O OE2   . GLU A 1 84  ? 13.314  5.058   -15.101 1.00 55.06  ? 84  GLU A OE2   1 
ATOM   531  N N     . LEU A 1 85  ? 11.085  -0.332  -13.844 1.00 57.31  ? 85  LEU A N     1 
ATOM   532  C CA    . LEU A 1 85  ? 11.217  -1.287  -12.749 1.00 57.81  ? 85  LEU A CA    1 
ATOM   533  C C     . LEU A 1 85  ? 12.557  -1.118  -12.039 1.00 58.05  ? 85  LEU A C     1 
ATOM   534  O O     . LEU A 1 85  ? 13.598  -1.512  -12.564 1.00 58.43  ? 85  LEU A O     1 
ATOM   535  C CB    . LEU A 1 85  ? 11.090  -2.711  -13.296 1.00 58.25  ? 85  LEU A CB    1 
ATOM   536  C CG    . LEU A 1 85  ? 11.072  -3.877  -12.306 1.00 58.61  ? 85  LEU A CG    1 
ATOM   537  C CD1   . LEU A 1 85  ? 9.914   -3.712  -11.341 1.00 58.52  ? 85  LEU A CD1   1 
ATOM   538  C CD2   . LEU A 1 85  ? 10.946  -5.189  -13.069 1.00 58.64  ? 85  LEU A CD2   1 
ATOM   539  N N     . LEU A 1 86  ? 12.525  -0.536  -10.842 1.00 57.86  ? 86  LEU A N     1 
ATOM   540  C CA    . LEU A 1 86  ? 13.739  -0.304  -10.062 1.00 57.40  ? 86  LEU A CA    1 
ATOM   541  C C     . LEU A 1 86  ? 14.274  -1.581  -9.414  1.00 57.01  ? 86  LEU A C     1 
ATOM   542  O O     . LEU A 1 86  ? 15.467  -1.873  -9.500  1.00 57.03  ? 86  LEU A O     1 
ATOM   543  C CB    . LEU A 1 86  ? 13.475  0.758   -8.993  1.00 58.24  ? 86  LEU A CB    1 
ATOM   544  C CG    . LEU A 1 86  ? 12.992  2.115   -9.518  1.00 60.01  ? 86  LEU A CG    1 
ATOM   545  C CD1   . LEU A 1 86  ? 12.766  3.066   -8.351  1.00 60.47  ? 86  LEU A CD1   1 
ATOM   546  C CD2   . LEU A 1 86  ? 14.020  2.690   -10.484 1.00 60.44  ? 86  LEU A CD2   1 
ATOM   547  N N     . LYS A 1 87  ? 13.397  -2.332  -8.755  1.00 56.39  ? 87  LYS A N     1 
ATOM   548  C CA    . LYS A 1 87  ? 13.792  -3.590  -8.122  1.00 56.03  ? 87  LYS A CA    1 
ATOM   549  C C     . LYS A 1 87  ? 12.867  -4.691  -8.628  1.00 53.92  ? 87  LYS A C     1 
ATOM   550  O O     . LYS A 1 87  ? 11.656  -4.499  -8.701  1.00 53.59  ? 87  LYS A O     1 
ATOM   551  C CB    . LYS A 1 87  ? 13.694  -3.502  -6.598  1.00 56.85  ? 87  LYS A CB    1 
ATOM   552  C CG    . LYS A 1 87  ? 14.127  -4.787  -5.909  1.00 59.64  ? 87  LYS A CG    1 
ATOM   553  C CD    . LYS A 1 87  ? 13.892  -4.753  -4.412  1.00 61.78  ? 87  LYS A CD    1 
ATOM   554  C CE    . LYS A 1 87  ? 14.265  -6.089  -3.781  1.00 62.31  ? 87  LYS A CE    1 
ATOM   555  N NZ    . LYS A 1 87  ? 13.961  -6.124  -2.326  1.00 64.34  ? 87  LYS A NZ    1 
ATOM   556  N N     . ASP A 1 88  ? 13.435  -5.844  -8.965  1.00 51.50  ? 88  ASP A N     1 
ATOM   557  C CA    . ASP A 1 88  ? 12.644  -6.949  -9.492  1.00 50.03  ? 88  ASP A CA    1 
ATOM   558  C C     . ASP A 1 88  ? 12.264  -8.011  -8.456  1.00 46.84  ? 88  ASP A C     1 
ATOM   559  O O     . ASP A 1 88  ? 12.847  -8.079  -7.372  1.00 46.01  ? 88  ASP A O     1 
ATOM   560  C CB    . ASP A 1 88  ? 13.396  -7.598  -10.659 1.00 51.13  ? 88  ASP A CB    1 
ATOM   561  C CG    . ASP A 1 88  ? 12.545  -8.592  -11.417 1.00 54.67  ? 88  ASP A CG    1 
ATOM   562  O OD1   . ASP A 1 88  ? 11.393  -8.249  -11.753 1.00 54.40  ? 88  ASP A OD1   1 
ATOM   563  O OD2   . ASP A 1 88  ? 13.029  -9.713  -11.685 1.00 57.40  ? 88  ASP A OD2   1 
ATOM   564  N N     . LEU A 1 89  ? 11.273  -8.829  -8.803  1.00 43.32  ? 89  LEU A N     1 
ATOM   565  C CA    . LEU A 1 89  ? 10.795  -9.900  -7.933  1.00 39.19  ? 89  LEU A CA    1 
ATOM   566  C C     . LEU A 1 89  ? 11.815  -11.029 -7.890  1.00 37.85  ? 89  LEU A C     1 
ATOM   567  O O     . LEU A 1 89  ? 12.674  -11.127 -8.764  1.00 37.60  ? 89  LEU A O     1 
ATOM   568  C CB    . LEU A 1 89  ? 9.466   -10.453 -8.451  1.00 37.91  ? 89  LEU A CB    1 
ATOM   569  C CG    . LEU A 1 89  ? 8.280   -9.492  -8.556  1.00 38.10  ? 89  LEU A CG    1 
ATOM   570  C CD1   . LEU A 1 89  ? 7.112   -10.202 -9.231  1.00 36.69  ? 89  LEU A CD1   1 
ATOM   571  C CD2   . LEU A 1 89  ? 7.885   -9.002  -7.167  1.00 36.80  ? 89  LEU A CD2   1 
ATOM   572  N N     . ARG A 1 90  ? 11.712  -11.882 -6.876  1.00 35.41  ? 90  ARG A N     1 
ATOM   573  C CA    . ARG A 1 90  ? 12.625  -13.008 -6.733  1.00 34.12  ? 90  ARG A CA    1 
ATOM   574  C C     . ARG A 1 90  ? 11.851  -14.320 -6.625  1.00 32.01  ? 90  ARG A C     1 
ATOM   575  O O     . ARG A 1 90  ? 12.349  -15.374 -7.014  1.00 30.66  ? 90  ARG A O     1 
ATOM   576  C CB    . ARG A 1 90  ? 13.505  -12.819 -5.495  1.00 37.13  ? 90  ARG A CB    1 
ATOM   577  C CG    . ARG A 1 90  ? 14.288  -11.523 -5.511  1.00 43.50  ? 90  ARG A CG    1 
ATOM   578  C CD    . ARG A 1 90  ? 15.142  -11.352 -4.264  1.00 50.06  ? 90  ARG A CD    1 
ATOM   579  N NE    . ARG A 1 90  ? 15.654  -9.988  -4.153  1.00 54.78  ? 90  ARG A NE    1 
ATOM   580  C CZ    . ARG A 1 90  ? 16.425  -9.399  -5.062  1.00 57.79  ? 90  ARG A CZ    1 
ATOM   581  N NH1   . ARG A 1 90  ? 16.785  -10.055 -6.158  1.00 59.91  ? 90  ARG A NH1   1 
ATOM   582  N NH2   . ARG A 1 90  ? 16.828  -8.148  -4.882  1.00 58.40  ? 90  ARG A NH2   1 
ATOM   583  N N     . LEU A 1 91  ? 10.635  -14.253 -6.091  1.00 27.32  ? 91  LEU A N     1 
ATOM   584  C CA    . LEU A 1 91  ? 9.811   -15.447 -5.949  1.00 25.03  ? 91  LEU A CA    1 
ATOM   585  C C     . LEU A 1 91  ? 8.816   -15.547 -7.100  1.00 22.36  ? 91  LEU A C     1 
ATOM   586  O O     . LEU A 1 91  ? 8.337   -14.531 -7.612  1.00 20.18  ? 91  LEU A O     1 
ATOM   587  C CB    . LEU A 1 91  ? 9.069   -15.438 -4.609  1.00 24.82  ? 91  LEU A CB    1 
ATOM   588  C CG    . LEU A 1 91  ? 9.879   -15.875 -3.379  1.00 26.92  ? 91  LEU A CG    1 
ATOM   589  C CD1   . LEU A 1 91  ? 11.038  -14.928 -3.141  1.00 27.97  ? 91  LEU A CD1   1 
ATOM   590  C CD2   . LEU A 1 91  ? 8.969   -15.911 -2.160  1.00 26.58  ? 91  LEU A CD2   1 
ATOM   591  N N     . PRO A 1 92  ? 8.500   -16.778 -7.530  1.00 20.52  ? 92  PRO A N     1 
ATOM   592  C CA    . PRO A 1 92  ? 7.557   -17.005 -8.631  1.00 19.75  ? 92  PRO A CA    1 
ATOM   593  C C     . PRO A 1 92  ? 6.148   -16.554 -8.265  1.00 19.79  ? 92  PRO A C     1 
ATOM   594  O O     . PRO A 1 92  ? 5.753   -16.622 -7.101  1.00 19.16  ? 92  PRO A O     1 
ATOM   595  C CB    . PRO A 1 92  ? 7.613   -18.522 -8.834  1.00 19.99  ? 92  PRO A CB    1 
ATOM   596  C CG    . PRO A 1 92  ? 8.962   -18.909 -8.293  1.00 20.97  ? 92  PRO A CG    1 
ATOM   597  C CD    . PRO A 1 92  ? 9.066   -18.052 -7.059  1.00 19.89  ? 92  PRO A CD    1 
ATOM   598  N N     . ILE A 1 93  ? 5.388   -16.090 -9.249  1.00 19.53  ? 93  ILE A N     1 
ATOM   599  C CA    . ILE A 1 93  ? 4.014   -15.693 -8.976  1.00 20.80  ? 93  ILE A CA    1 
ATOM   600  C C     . ILE A 1 93  ? 3.050   -16.500 -9.841  1.00 19.71  ? 93  ILE A C     1 
ATOM   601  O O     . ILE A 1 93  ? 1.842   -16.500 -9.605  1.00 18.27  ? 93  ILE A O     1 
ATOM   602  C CB    . ILE A 1 93  ? 3.775   -14.185 -9.205  1.00 23.06  ? 93  ILE A CB    1 
ATOM   603  C CG1   . ILE A 1 93  ? 3.943   -13.835 -10.677 1.00 21.55  ? 93  ILE A CG1   1 
ATOM   604  C CG2   . ILE A 1 93  ? 4.740   -13.364 -8.336  1.00 22.12  ? 93  ILE A CG2   1 
ATOM   605  C CD1   . ILE A 1 93  ? 3.674   -12.374 -10.973 1.00 25.85  ? 93  ILE A CD1   1 
ATOM   606  N N     . HIS A 1 94  ? 3.586   -17.203 -10.836 1.00 19.85  ? 94  HIS A N     1 
ATOM   607  C CA    . HIS A 1 94  ? 2.738   -18.018 -11.700 1.00 21.14  ? 94  HIS A CA    1 
ATOM   608  C C     . HIS A 1 94  ? 1.922   -18.981 -10.839 1.00 20.35  ? 94  HIS A C     1 
ATOM   609  O O     . HIS A 1 94  ? 2.476   -19.711 -10.022 1.00 21.45  ? 94  HIS A O     1 
ATOM   610  C CB    . HIS A 1 94  ? 3.592   -18.807 -12.702 1.00 23.61  ? 94  HIS A CB    1 
ATOM   611  C CG    . HIS A 1 94  ? 2.803   -19.745 -13.561 1.00 25.98  ? 94  HIS A CG    1 
ATOM   612  N ND1   . HIS A 1 94  ? 1.710   -19.339 -14.297 1.00 26.28  ? 94  HIS A ND1   1 
ATOM   613  C CD2   . HIS A 1 94  ? 2.953   -21.067 -13.808 1.00 27.79  ? 94  HIS A CD2   1 
ATOM   614  C CE1   . HIS A 1 94  ? 1.221   -20.372 -14.962 1.00 29.20  ? 94  HIS A CE1   1 
ATOM   615  N NE2   . HIS A 1 94  ? 1.956   -21.433 -14.683 1.00 28.73  ? 94  HIS A NE2   1 
ATOM   616  N N     . GLY A 1 95  ? 0.605   -18.962 -11.008 1.00 21.34  ? 95  GLY A N     1 
ATOM   617  C CA    . GLY A 1 95  ? -0.246  -19.854 -10.238 1.00 22.02  ? 95  GLY A CA    1 
ATOM   618  C C     . GLY A 1 95  ? -0.454  -19.465 -8.784  1.00 23.00  ? 95  GLY A C     1 
ATOM   619  O O     . GLY A 1 95  ? -1.103  -20.196 -8.038  1.00 23.07  ? 95  GLY A O     1 
ATOM   620  N N     . ARG A 1 96  ? 0.087   -18.320 -8.371  1.00 20.62  ? 96  ARG A N     1 
ATOM   621  C CA    . ARG A 1 96  ? -0.077  -17.876 -6.985  1.00 20.04  ? 96  ARG A CA    1 
ATOM   622  C C     . ARG A 1 96  ? -1.222  -16.878 -6.850  1.00 18.69  ? 96  ARG A C     1 
ATOM   623  O O     . ARG A 1 96  ? -1.574  -16.188 -7.804  1.00 17.85  ? 96  ARG A O     1 
ATOM   624  C CB    . ARG A 1 96  ? 1.210   -17.208 -6.466  1.00 20.21  ? 96  ARG A CB    1 
ATOM   625  C CG    . ARG A 1 96  ? 2.427   -18.130 -6.289  1.00 21.42  ? 96  ARG A CG    1 
ATOM   626  C CD    . ARG A 1 96  ? 2.163   -19.258 -5.298  1.00 19.77  ? 96  ARG A CD    1 
ATOM   627  N NE    . ARG A 1 96  ? 1.752   -18.782 -3.974  1.00 22.26  ? 96  ARG A NE    1 
ATOM   628  C CZ    . ARG A 1 96  ? 2.560   -18.192 -3.096  1.00 22.61  ? 96  ARG A CZ    1 
ATOM   629  N NH1   . ARG A 1 96  ? 3.837   -17.995 -3.387  1.00 21.39  ? 96  ARG A NH1   1 
ATOM   630  N NH2   . ARG A 1 96  ? 2.090   -17.812 -1.913  1.00 20.14  ? 96  ARG A NH2   1 
ATOM   631  N N     . ASP A 1 97  ? -1.813  -16.818 -5.661  1.00 19.57  ? 97  ASP A N     1 
ATOM   632  C CA    . ASP A 1 97  ? -2.868  -15.848 -5.395  1.00 18.94  ? 97  ASP A CA    1 
ATOM   633  C C     . ASP A 1 97  ? -2.105  -14.636 -4.857  1.00 18.91  ? 97  ASP A C     1 
ATOM   634  O O     . ASP A 1 97  ? -1.717  -14.584 -3.690  1.00 19.48  ? 97  ASP A O     1 
ATOM   635  C CB    . ASP A 1 97  ? -3.857  -16.399 -4.368  1.00 19.25  ? 97  ASP A CB    1 
ATOM   636  C CG    . ASP A 1 97  ? -4.721  -17.518 -4.943  1.00 21.88  ? 97  ASP A CG    1 
ATOM   637  O OD1   . ASP A 1 97  ? -5.402  -17.273 -5.963  1.00 21.50  ? 97  ASP A OD1   1 
ATOM   638  O OD2   . ASP A 1 97  ? -4.717  -18.637 -4.385  1.00 21.08  ? 97  ASP A OD2   1 
ATOM   639  N N     . VAL A 1 98  ? -1.877  -13.671 -5.738  1.00 20.23  ? 98  VAL A N     1 
ATOM   640  C CA    . VAL A 1 98  ? -1.108  -12.478 -5.409  1.00 17.87  ? 98  VAL A CA    1 
ATOM   641  C C     . VAL A 1 98  ? -1.889  -11.298 -4.838  1.00 18.35  ? 98  VAL A C     1 
ATOM   642  O O     . VAL A 1 98  ? -3.018  -11.017 -5.248  1.00 17.40  ? 98  VAL A O     1 
ATOM   643  C CB    . VAL A 1 98  ? -0.344  -11.999 -6.669  1.00 18.72  ? 98  VAL A CB    1 
ATOM   644  C CG1   . VAL A 1 98  ? 0.459   -10.737 -6.373  1.00 17.20  ? 98  VAL A CG1   1 
ATOM   645  C CG2   . VAL A 1 98  ? 0.566   -13.117 -7.168  1.00 17.47  ? 98  VAL A CG2   1 
ATOM   646  N N     . ILE A 1 99  ? -1.274  -10.618 -3.879  1.00 16.79  ? 99  ILE A N     1 
ATOM   647  C CA    . ILE A 1 99  ? -1.870  -9.430  -3.284  1.00 17.29  ? 99  ILE A CA    1 
ATOM   648  C C     . ILE A 1 99  ? -0.830  -8.320  -3.328  1.00 17.17  ? 99  ILE A C     1 
ATOM   649  O O     . ILE A 1 99  ? 0.211   -8.402  -2.667  1.00 16.98  ? 99  ILE A O     1 
ATOM   650  C CB    . ILE A 1 99  ? -2.297  -9.632  -1.808  1.00 17.43  ? 99  ILE A CB    1 
ATOM   651  C CG1   . ILE A 1 99  ? -3.404  -10.690 -1.713  1.00 17.39  ? 99  ILE A CG1   1 
ATOM   652  C CG2   . ILE A 1 99  ? -2.807  -8.302  -1.241  1.00 17.11  ? 99  ILE A CG2   1 
ATOM   653  C CD1   . ILE A 1 99  ? -3.946  -10.897 -0.299  1.00 18.77  ? 99  ILE A CD1   1 
ATOM   654  N N     . VAL A 1 100 ? -1.101  -7.299  -4.128  1.00 16.17  ? 100 VAL A N     1 
ATOM   655  C CA    . VAL A 1 100 ? -0.201  -6.161  -4.239  1.00 17.74  ? 100 VAL A CA    1 
ATOM   656  C C     . VAL A 1 100 ? -0.444  -5.253  -3.035  1.00 17.69  ? 100 VAL A C     1 
ATOM   657  O O     . VAL A 1 100 ? -1.592  -4.979  -2.682  1.00 18.84  ? 100 VAL A O     1 
ATOM   658  C CB    . VAL A 1 100 ? -0.470  -5.364  -5.538  1.00 16.34  ? 100 VAL A CB    1 
ATOM   659  C CG1   . VAL A 1 100 ? 0.389   -4.100  -5.573  1.00 17.40  ? 100 VAL A CG1   1 
ATOM   660  C CG2   . VAL A 1 100 ? -0.175  -6.235  -6.743  1.00 16.64  ? 100 VAL A CG2   1 
ATOM   661  N N     . VAL A 1 101 ? 0.630   -4.808  -2.392  1.00 16.84  ? 101 VAL A N     1 
ATOM   662  C CA    . VAL A 1 101 ? 0.500   -3.929  -1.232  1.00 17.16  ? 101 VAL A CA    1 
ATOM   663  C C     . VAL A 1 101 ? 1.095   -2.572  -1.600  1.00 19.79  ? 101 VAL A C     1 
ATOM   664  O O     . VAL A 1 101 ? 2.316   -2.423  -1.711  1.00 18.69  ? 101 VAL A O     1 
ATOM   665  C CB    . VAL A 1 101 ? 1.220   -4.519  0.003   1.00 16.24  ? 101 VAL A CB    1 
ATOM   666  C CG1   . VAL A 1 101 ? 1.113   -3.559  1.191   1.00 17.45  ? 101 VAL A CG1   1 
ATOM   667  C CG2   . VAL A 1 101 ? 0.592   -5.855  0.370   1.00 15.61  ? 101 VAL A CG2   1 
ATOM   668  N N     . GLU A 1 102 ? 0.209   -1.598  -1.805  1.00 19.49  ? 102 GLU A N     1 
ATOM   669  C CA    . GLU A 1 102 ? 0.575   -0.240  -2.202  1.00 21.97  ? 102 GLU A CA    1 
ATOM   670  C C     . GLU A 1 102 ? 0.484   0.780   -1.076  1.00 22.46  ? 102 GLU A C     1 
ATOM   671  O O     . GLU A 1 102 ? -0.331  0.647   -0.160  1.00 20.16  ? 102 GLU A O     1 
ATOM   672  C CB    . GLU A 1 102 ? -0.345  0.232   -3.329  1.00 25.94  ? 102 GLU A CB    1 
ATOM   673  C CG    . GLU A 1 102 ? 0.011   -0.247  -4.714  1.00 30.46  ? 102 GLU A CG    1 
ATOM   674  C CD    . GLU A 1 102 ? 1.124   0.567   -5.334  1.00 32.75  ? 102 GLU A CD    1 
ATOM   675  O OE1   . GLU A 1 102 ? 1.367   0.413   -6.550  1.00 35.81  ? 102 GLU A OE1   1 
ATOM   676  O OE2   . GLU A 1 102 ? 1.758   1.356   -4.603  1.00 32.26  ? 102 GLU A OE2   1 
ATOM   677  N N     . ASP A 1 103 ? 1.309   1.818   -1.163  1.00 22.38  ? 103 ASP A N     1 
ATOM   678  C CA    . ASP A 1 103 ? 1.284   2.870   -0.161  1.00 24.10  ? 103 ASP A CA    1 
ATOM   679  C C     . ASP A 1 103 ? 0.163   3.842   -0.531  1.00 23.55  ? 103 ASP A C     1 
ATOM   680  O O     . ASP A 1 103 ? -0.701  4.154   0.288   1.00 24.08  ? 103 ASP A O     1 
ATOM   681  C CB    . ASP A 1 103 ? 2.640   3.591   -0.095  1.00 24.56  ? 103 ASP A CB    1 
ATOM   682  C CG    . ASP A 1 103 ? 3.129   4.083   -1.456  1.00 28.81  ? 103 ASP A CG    1 
ATOM   683  O OD1   . ASP A 1 103 ? 2.553   3.704   -2.499  1.00 28.91  ? 103 ASP A OD1   1 
ATOM   684  O OD2   . ASP A 1 103 ? 4.118   4.849   -1.477  1.00 28.55  ? 103 ASP A OD2   1 
ATOM   685  N N     . ILE A 1 104 ? 0.166   4.297   -1.776  1.00 21.70  ? 104 ILE A N     1 
ATOM   686  C CA    . ILE A 1 104 ? -0.859  5.223   -2.228  1.00 23.40  ? 104 ILE A CA    1 
ATOM   687  C C     . ILE A 1 104 ? -1.143  5.091   -3.715  1.00 22.74  ? 104 ILE A C     1 
ATOM   688  O O     . ILE A 1 104 ? -0.232  4.926   -4.525  1.00 24.23  ? 104 ILE A O     1 
ATOM   689  C CB    . ILE A 1 104 ? -0.460  6.685   -1.920  1.00 24.47  ? 104 ILE A CB    1 
ATOM   690  C CG1   . ILE A 1 104 ? -1.598  7.634   -2.306  1.00 25.94  ? 104 ILE A CG1   1 
ATOM   691  C CG2   . ILE A 1 104 ? 0.802   7.052   -2.682  1.00 24.70  ? 104 ILE A CG2   1 
ATOM   692  C CD1   . ILE A 1 104 ? -1.356  9.072   -1.882  1.00 26.58  ? 104 ILE A CD1   1 
ATOM   693  N N     . VAL A 1 105 ? -2.421  5.150   -4.064  1.00 21.19  ? 105 VAL A N     1 
ATOM   694  C CA    . VAL A 1 105 ? -2.840  5.068   -5.453  1.00 19.83  ? 105 VAL A CA    1 
ATOM   695  C C     . VAL A 1 105 ? -3.513  6.383   -5.819  1.00 20.86  ? 105 VAL A C     1 
ATOM   696  O O     . VAL A 1 105 ? -4.589  6.697   -5.302  1.00 18.79  ? 105 VAL A O     1 
ATOM   697  C CB    . VAL A 1 105 ? -3.858  3.926   -5.677  1.00 20.49  ? 105 VAL A CB    1 
ATOM   698  C CG1   . VAL A 1 105 ? -4.287  3.896   -7.147  1.00 18.75  ? 105 VAL A CG1   1 
ATOM   699  C CG2   . VAL A 1 105 ? -3.246  2.589   -5.269  1.00 19.43  ? 105 VAL A CG2   1 
ATOM   700  N N     . ASP A 1 106 ? -2.868  7.167   -6.680  1.00 21.84  ? 106 ASP A N     1 
ATOM   701  C CA    . ASP A 1 106 ? -3.447  8.432   -7.110  1.00 21.93  ? 106 ASP A CA    1 
ATOM   702  C C     . ASP A 1 106 ? -3.810  8.408   -8.591  1.00 22.47  ? 106 ASP A C     1 
ATOM   703  O O     . ASP A 1 106 ? -4.989  8.292   -8.936  1.00 21.72  ? 106 ASP A O     1 
ATOM   704  C CB    . ASP A 1 106 ? -2.514  9.615   -6.797  1.00 25.67  ? 106 ASP A CB    1 
ATOM   705  C CG    . ASP A 1 106 ? -1.054  9.324   -7.096  1.00 28.00  ? 106 ASP A CG    1 
ATOM   706  O OD1   . ASP A 1 106 ? -0.738  8.855   -8.209  1.00 29.86  ? 106 ASP A OD1   1 
ATOM   707  O OD2   . ASP A 1 106 ? -0.214  9.586   -6.210  1.00 29.46  ? 106 ASP A OD2   1 
ATOM   708  N N     . THR A 1 107 ? -2.814  8.511   -9.467  1.00 21.75  ? 107 THR A N     1 
ATOM   709  C CA    . THR A 1 107 ? -3.075  8.493   -10.905 1.00 22.34  ? 107 THR A CA    1 
ATOM   710  C C     . THR A 1 107 ? -3.439  7.081   -11.348 1.00 20.61  ? 107 THR A C     1 
ATOM   711  O O     . THR A 1 107 ? -4.221  6.896   -12.276 1.00 21.85  ? 107 THR A O     1 
ATOM   712  C CB    . THR A 1 107 ? -1.841  8.945   -11.723 1.00 22.34  ? 107 THR A CB    1 
ATOM   713  O OG1   . THR A 1 107 ? -0.798  7.974   -11.585 1.00 23.93  ? 107 THR A OG1   1 
ATOM   714  C CG2   . THR A 1 107 ? -1.332  10.301  -11.230 1.00 22.94  ? 107 THR A CG2   1 
ATOM   715  N N     . GLY A 1 108 ? -2.862  6.090   -10.675 1.00 21.19  ? 108 GLY A N     1 
ATOM   716  C CA    . GLY A 1 108 ? -3.125  4.703   -11.016 1.00 21.55  ? 108 GLY A CA    1 
ATOM   717  C C     . GLY A 1 108 ? -2.203  4.196   -12.113 1.00 24.19  ? 108 GLY A C     1 
ATOM   718  O O     . GLY A 1 108 ? -2.250  3.020   -12.482 1.00 23.53  ? 108 GLY A O     1 
ATOM   719  N N     . LEU A 1 109 ? -1.358  5.083   -12.631 1.00 24.48  ? 109 LEU A N     1 
ATOM   720  C CA    . LEU A 1 109 ? -0.429  4.732   -13.703 1.00 26.24  ? 109 LEU A CA    1 
ATOM   721  C C     . LEU A 1 109 ? 0.586   3.675   -13.286 1.00 26.36  ? 109 LEU A C     1 
ATOM   722  O O     . LEU A 1 109 ? 0.819   2.711   -14.013 1.00 25.64  ? 109 LEU A O     1 
ATOM   723  C CB    . LEU A 1 109 ? 0.308   5.984   -14.187 1.00 26.93  ? 109 LEU A CB    1 
ATOM   724  C CG    . LEU A 1 109 ? -0.591  7.054   -14.810 1.00 29.18  ? 109 LEU A CG    1 
ATOM   725  C CD1   . LEU A 1 109 ? 0.199   8.329   -15.056 1.00 29.79  ? 109 LEU A CD1   1 
ATOM   726  C CD2   . LEU A 1 109 ? -1.180  6.524   -16.103 1.00 28.86  ? 109 LEU A CD2   1 
ATOM   727  N N     . THR A 1 110 ? 1.186   3.863   -12.116 1.00 27.34  ? 110 THR A N     1 
ATOM   728  C CA    . THR A 1 110 ? 2.179   2.931   -11.606 1.00 28.15  ? 110 THR A CA    1 
ATOM   729  C C     . THR A 1 110 ? 1.576   1.569   -11.300 1.00 26.64  ? 110 THR A C     1 
ATOM   730  O O     . THR A 1 110 ? 2.154   0.540   -11.651 1.00 26.45  ? 110 THR A O     1 
ATOM   731  C CB    . THR A 1 110 ? 2.847   3.479   -10.331 1.00 31.04  ? 110 THR A CB    1 
ATOM   732  O OG1   . THR A 1 110 ? 3.571   4.672   -10.650 1.00 36.66  ? 110 THR A OG1   1 
ATOM   733  C CG2   . THR A 1 110 ? 3.808   2.459   -9.750  1.00 34.77  ? 110 THR A CG2   1 
ATOM   734  N N     . LEU A 1 111 ? 0.418   1.559   -10.647 1.00 23.59  ? 111 LEU A N     1 
ATOM   735  C CA    . LEU A 1 111 ? -0.244  0.309   -10.303 1.00 24.13  ? 111 LEU A CA    1 
ATOM   736  C C     . LEU A 1 111 ? -0.676  -0.445  -11.560 1.00 23.50  ? 111 LEU A C     1 
ATOM   737  O O     . LEU A 1 111 ? -0.591  -1.672  -11.614 1.00 23.20  ? 111 LEU A O     1 
ATOM   738  C CB    . LEU A 1 111 ? -1.464  0.579   -9.412  1.00 22.00  ? 111 LEU A CB    1 
ATOM   739  C CG    . LEU A 1 111 ? -2.325  -0.634  -9.037  1.00 20.90  ? 111 LEU A CG    1 
ATOM   740  C CD1   . LEU A 1 111 ? -1.480  -1.672  -8.293  1.00 19.92  ? 111 LEU A CD1   1 
ATOM   741  C CD2   . LEU A 1 111 ? -3.486  -0.180  -8.166  1.00 18.49  ? 111 LEU A CD2   1 
ATOM   742  N N     . SER A 1 112 ? -1.144  0.298   -12.561 1.00 24.14  ? 112 SER A N     1 
ATOM   743  C CA    . SER A 1 112 ? -1.597  -0.292  -13.819 1.00 24.48  ? 112 SER A CA    1 
ATOM   744  C C     . SER A 1 112 ? -0.445  -1.030  -14.499 1.00 23.63  ? 112 SER A C     1 
ATOM   745  O O     . SER A 1 112 ? -0.617  -2.126  -15.028 1.00 21.85  ? 112 SER A O     1 
ATOM   746  C CB    . SER A 1 112 ? -2.125  0.801   -14.751 1.00 23.58  ? 112 SER A CB    1 
ATOM   747  O OG    . SER A 1 112 ? -2.612  0.237   -15.951 1.00 26.08  ? 112 SER A OG    1 
ATOM   748  N N     . TYR A 1 113 ? 0.727   -0.410  -14.493 1.00 24.73  ? 113 TYR A N     1 
ATOM   749  C CA    . TYR A 1 113 ? 1.905   -1.026  -15.084 1.00 27.49  ? 113 TYR A CA    1 
ATOM   750  C C     . TYR A 1 113 ? 2.199   -2.309  -14.319 1.00 26.20  ? 113 TYR A C     1 
ATOM   751  O O     . TYR A 1 113 ? 2.318   -3.386  -14.907 1.00 25.22  ? 113 TYR A O     1 
ATOM   752  C CB    . TYR A 1 113 ? 3.102   -0.069  -14.997 1.00 33.03  ? 113 TYR A CB    1 
ATOM   753  C CG    . TYR A 1 113 ? 4.446   -0.705  -15.304 1.00 39.51  ? 113 TYR A CG    1 
ATOM   754  C CD1   . TYR A 1 113 ? 5.044   -1.589  -14.401 1.00 42.11  ? 113 TYR A CD1   1 
ATOM   755  C CD2   . TYR A 1 113 ? 5.112   -0.434  -16.500 1.00 42.47  ? 113 TYR A CD2   1 
ATOM   756  C CE1   . TYR A 1 113 ? 6.271   -2.187  -14.681 1.00 45.40  ? 113 TYR A CE1   1 
ATOM   757  C CE2   . TYR A 1 113 ? 6.342   -1.030  -16.790 1.00 44.80  ? 113 TYR A CE2   1 
ATOM   758  C CZ    . TYR A 1 113 ? 6.914   -1.905  -15.875 1.00 46.30  ? 113 TYR A CZ    1 
ATOM   759  O OH    . TYR A 1 113 ? 8.125   -2.499  -16.151 1.00 49.84  ? 113 TYR A OH    1 
ATOM   760  N N     . LEU A 1 114 ? 2.302   -2.185  -12.999 1.00 24.73  ? 114 LEU A N     1 
ATOM   761  C CA    . LEU A 1 114 ? 2.590   -3.320  -12.133 1.00 23.62  ? 114 LEU A CA    1 
ATOM   762  C C     . LEU A 1 114 ? 1.625   -4.488  -12.352 1.00 23.02  ? 114 LEU A C     1 
ATOM   763  O O     . LEU A 1 114 ? 2.045   -5.645  -12.412 1.00 21.28  ? 114 LEU A O     1 
ATOM   764  C CB    . LEU A 1 114 ? 2.555   -2.873  -10.667 1.00 23.95  ? 114 LEU A CB    1 
ATOM   765  C CG    . LEU A 1 114 ? 2.857   -3.924  -9.598  1.00 25.49  ? 114 LEU A CG    1 
ATOM   766  C CD1   . LEU A 1 114 ? 4.252   -4.504  -9.812  1.00 26.07  ? 114 LEU A CD1   1 
ATOM   767  C CD2   . LEU A 1 114 ? 2.753   -3.281  -8.215  1.00 26.39  ? 114 LEU A CD2   1 
ATOM   768  N N     . LEU A 1 115 ? 0.333   -4.189  -12.466 1.00 20.86  ? 115 LEU A N     1 
ATOM   769  C CA    . LEU A 1 115 ? -0.664  -5.232  -12.682 1.00 20.96  ? 115 LEU A CA    1 
ATOM   770  C C     . LEU A 1 115 ? -0.422  -5.945  -14.014 1.00 20.74  ? 115 LEU A C     1 
ATOM   771  O O     . LEU A 1 115 ? -0.515  -7.171  -14.093 1.00 19.15  ? 115 LEU A O     1 
ATOM   772  C CB    . LEU A 1 115 ? -2.080  -4.639  -12.631 1.00 20.00  ? 115 LEU A CB    1 
ATOM   773  C CG    . LEU A 1 115 ? -2.515  -4.196  -11.227 1.00 21.39  ? 115 LEU A CG    1 
ATOM   774  C CD1   . LEU A 1 115 ? -3.914  -3.581  -11.257 1.00 20.44  ? 115 LEU A CD1   1 
ATOM   775  C CD2   . LEU A 1 115 ? -2.482  -5.401  -10.296 1.00 19.05  ? 115 LEU A CD2   1 
ATOM   776  N N     . ASP A 1 116 ? -0.103  -5.183  -15.055 1.00 22.38  ? 116 ASP A N     1 
ATOM   777  C CA    . ASP A 1 116 ? 0.168   -5.780  -16.357 1.00 24.06  ? 116 ASP A CA    1 
ATOM   778  C C     . ASP A 1 116 ? 1.420   -6.649  -16.265 1.00 24.98  ? 116 ASP A C     1 
ATOM   779  O O     . ASP A 1 116 ? 1.490   -7.722  -16.859 1.00 24.24  ? 116 ASP A O     1 
ATOM   780  C CB    . ASP A 1 116 ? 0.386   -4.698  -17.417 1.00 26.06  ? 116 ASP A CB    1 
ATOM   781  C CG    . ASP A 1 116 ? -0.870  -3.899  -17.703 1.00 29.94  ? 116 ASP A CG    1 
ATOM   782  O OD1   . ASP A 1 116 ? -1.974  -4.482  -17.646 1.00 30.43  ? 116 ASP A OD1   1 
ATOM   783  O OD2   . ASP A 1 116 ? -0.749  -2.692  -17.999 1.00 33.51  ? 116 ASP A OD2   1 
ATOM   784  N N     . TYR A 1 117 ? 2.407   -6.166  -15.519 1.00 24.81  ? 117 TYR A N     1 
ATOM   785  C CA    . TYR A 1 117 ? 3.665   -6.879  -15.333 1.00 26.51  ? 117 TYR A CA    1 
ATOM   786  C C     . TYR A 1 117 ? 3.431   -8.214  -14.624 1.00 25.51  ? 117 TYR A C     1 
ATOM   787  O O     . TYR A 1 117 ? 4.018   -9.232  -14.988 1.00 25.09  ? 117 TYR A O     1 
ATOM   788  C CB    . TYR A 1 117 ? 4.625   -6.017  -14.515 1.00 29.61  ? 117 TYR A CB    1 
ATOM   789  C CG    . TYR A 1 117 ? 5.988   -6.628  -14.294 1.00 33.93  ? 117 TYR A CG    1 
ATOM   790  C CD1   . TYR A 1 117 ? 6.931   -6.671  -15.322 1.00 35.42  ? 117 TYR A CD1   1 
ATOM   791  C CD2   . TYR A 1 117 ? 6.343   -7.151  -13.050 1.00 35.66  ? 117 TYR A CD2   1 
ATOM   792  C CE1   . TYR A 1 117 ? 8.199   -7.215  -15.115 1.00 36.60  ? 117 TYR A CE1   1 
ATOM   793  C CE2   . TYR A 1 117 ? 7.607   -7.700  -12.831 1.00 37.16  ? 117 TYR A CE2   1 
ATOM   794  C CZ    . TYR A 1 117 ? 8.529   -7.725  -13.867 1.00 38.14  ? 117 TYR A CZ    1 
ATOM   795  O OH    . TYR A 1 117 ? 9.781   -8.250  -13.652 1.00 39.78  ? 117 TYR A OH    1 
ATOM   796  N N     . LEU A 1 118 ? 2.571   -8.207  -13.612 1.00 24.15  ? 118 LEU A N     1 
ATOM   797  C CA    . LEU A 1 118 ? 2.270   -9.426  -12.866 1.00 23.62  ? 118 LEU A CA    1 
ATOM   798  C C     . LEU A 1 118 ? 1.386   -10.368 -13.682 1.00 24.28  ? 118 LEU A C     1 
ATOM   799  O O     . LEU A 1 118 ? 1.631   -11.576 -13.733 1.00 23.72  ? 118 LEU A O     1 
ATOM   800  C CB    . LEU A 1 118 ? 1.581   -9.079  -11.543 1.00 22.98  ? 118 LEU A CB    1 
ATOM   801  C CG    . LEU A 1 118 ? 2.344   -8.146  -10.595 1.00 24.25  ? 118 LEU A CG    1 
ATOM   802  C CD1   . LEU A 1 118 ? 1.465   -7.792  -9.401  1.00 20.66  ? 118 LEU A CD1   1 
ATOM   803  C CD2   . LEU A 1 118 ? 3.633   -8.817  -10.137 1.00 24.35  ? 118 LEU A CD2   1 
ATOM   804  N N     . GLU A 1 119 ? 0.360   -9.821  -14.325 1.00 24.19  ? 119 GLU A N     1 
ATOM   805  C CA    . GLU A 1 119 ? -0.540  -10.646 -15.126 1.00 25.76  ? 119 GLU A CA    1 
ATOM   806  C C     . GLU A 1 119 ? 0.227   -11.393 -16.212 1.00 24.63  ? 119 GLU A C     1 
ATOM   807  O O     . GLU A 1 119 ? -0.146  -12.498 -16.594 1.00 24.18  ? 119 GLU A O     1 
ATOM   808  C CB    . GLU A 1 119 ? -1.638  -9.791  -15.764 1.00 27.84  ? 119 GLU A CB    1 
ATOM   809  C CG    . GLU A 1 119 ? -2.715  -9.326  -14.789 1.00 32.93  ? 119 GLU A CG    1 
ATOM   810  C CD    . GLU A 1 119 ? -3.350  -10.478 -14.028 1.00 34.86  ? 119 GLU A CD    1 
ATOM   811  O OE1   . GLU A 1 119 ? -3.337  -11.613 -14.548 1.00 38.17  ? 119 GLU A OE1   1 
ATOM   812  O OE2   . GLU A 1 119 ? -3.874  -10.248 -12.919 1.00 37.78  ? 119 GLU A OE2   1 
ATOM   813  N N     . ALA A 1 120 ? 1.303   -10.789 -16.700 1.00 23.57  ? 120 ALA A N     1 
ATOM   814  C CA    . ALA A 1 120 ? 2.118   -11.415 -17.732 1.00 24.34  ? 120 ALA A CA    1 
ATOM   815  C C     . ALA A 1 120 ? 2.653   -12.771 -17.269 1.00 25.87  ? 120 ALA A C     1 
ATOM   816  O O     . ALA A 1 120 ? 2.854   -13.673 -18.080 1.00 27.12  ? 120 ALA A O     1 
ATOM   817  C CB    . ALA A 1 120 ? 3.271   -10.499 -18.110 1.00 25.50  ? 120 ALA A CB    1 
ATOM   818  N N     . ARG A 1 121 ? 2.876   -12.920 -15.964 1.00 25.45  ? 121 ARG A N     1 
ATOM   819  C CA    . ARG A 1 121 ? 3.394   -14.177 -15.431 1.00 26.08  ? 121 ARG A CA    1 
ATOM   820  C C     . ARG A 1 121 ? 2.300   -15.183 -15.082 1.00 24.71  ? 121 ARG A C     1 
ATOM   821  O O     . ARG A 1 121 ? 2.567   -16.245 -14.514 1.00 22.93  ? 121 ARG A O     1 
ATOM   822  C CB    . ARG A 1 121 ? 4.277   -13.902 -14.215 1.00 28.92  ? 121 ARG A CB    1 
ATOM   823  C CG    . ARG A 1 121 ? 5.434   -12.975 -14.536 1.00 31.61  ? 121 ARG A CG    1 
ATOM   824  C CD    . ARG A 1 121 ? 6.568   -13.177 -13.567 1.00 37.28  ? 121 ARG A CD    1 
ATOM   825  N NE    . ARG A 1 121 ? 7.722   -12.341 -13.879 1.00 39.13  ? 121 ARG A NE    1 
ATOM   826  C CZ    . ARG A 1 121 ? 8.904   -12.472 -13.289 1.00 40.24  ? 121 ARG A CZ    1 
ATOM   827  N NH1   . ARG A 1 121 ? 9.078   -13.405 -12.363 1.00 38.37  ? 121 ARG A NH1   1 
ATOM   828  N NH2   . ARG A 1 121 ? 9.910   -11.672 -13.618 1.00 43.66  ? 121 ARG A NH2   1 
ATOM   829  N N     . LYS A 1 122 ? 1.066   -14.832 -15.423 1.00 22.82  ? 122 LYS A N     1 
ATOM   830  C CA    . LYS A 1 122 ? -0.083  -15.700 -15.199 1.00 22.73  ? 122 LYS A CA    1 
ATOM   831  C C     . LYS A 1 122 ? -0.302  -16.191 -13.771 1.00 22.80  ? 122 LYS A C     1 
ATOM   832  O O     . LYS A 1 122 ? -0.207  -17.388 -13.489 1.00 21.26  ? 122 LYS A O     1 
ATOM   833  C CB    . LYS A 1 122 ? -0.003  -16.906 -16.138 1.00 25.07  ? 122 LYS A CB    1 
ATOM   834  C CG    . LYS A 1 122 ? 0.118   -16.536 -17.607 1.00 26.39  ? 122 LYS A CG    1 
ATOM   835  C CD    . LYS A 1 122 ? 0.230   -17.778 -18.478 1.00 30.37  ? 122 LYS A CD    1 
ATOM   836  C CE    . LYS A 1 122 ? 0.504   -17.408 -19.929 1.00 32.05  ? 122 LYS A CE    1 
ATOM   837  N NZ    . LYS A 1 122 ? -0.566  -16.534 -20.484 1.00 35.40  ? 122 LYS A NZ    1 
ATOM   838  N N     . PRO A 1 123 ? -0.592  -15.269 -12.844 1.00 22.97  ? 123 PRO A N     1 
ATOM   839  C CA    . PRO A 1 123 ? -0.829  -15.682 -11.460 1.00 21.95  ? 123 PRO A CA    1 
ATOM   840  C C     . PRO A 1 123 ? -2.229  -16.290 -11.390 1.00 22.47  ? 123 PRO A C     1 
ATOM   841  O O     . PRO A 1 123 ? -3.021  -16.125 -12.318 1.00 23.37  ? 123 PRO A O     1 
ATOM   842  C CB    . PRO A 1 123 ? -0.727  -14.368 -10.687 1.00 21.83  ? 123 PRO A CB    1 
ATOM   843  C CG    . PRO A 1 123 ? -1.240  -13.364 -11.675 1.00 21.59  ? 123 PRO A CG    1 
ATOM   844  C CD    . PRO A 1 123 ? -0.576  -13.800 -12.967 1.00 21.01  ? 123 PRO A CD    1 
ATOM   845  N N     . ALA A 1 124 ? -2.537  -16.999 -10.310 1.00 21.60  ? 124 ALA A N     1 
ATOM   846  C CA    . ALA A 1 124 ? -3.862  -17.596 -10.170 1.00 21.50  ? 124 ALA A CA    1 
ATOM   847  C C     . ALA A 1 124 ? -4.889  -16.478 -10.006 1.00 23.83  ? 124 ALA A C     1 
ATOM   848  O O     . ALA A 1 124 ? -6.028  -16.588 -10.465 1.00 23.22  ? 124 ALA A O     1 
ATOM   849  C CB    . ALA A 1 124 ? -3.900  -18.532 -8.962  1.00 21.49  ? 124 ALA A CB    1 
ATOM   850  N N     . SER A 1 125 ? -4.474  -15.397 -9.349  1.00 21.08  ? 125 SER A N     1 
ATOM   851  C CA    . SER A 1 125 ? -5.345  -14.248 -9.133  1.00 21.22  ? 125 SER A CA    1 
ATOM   852  C C     . SER A 1 125 ? -4.533  -13.079 -8.596  1.00 19.83  ? 125 SER A C     1 
ATOM   853  O O     . SER A 1 125 ? -3.396  -13.249 -8.146  1.00 17.74  ? 125 SER A O     1 
ATOM   854  C CB    . SER A 1 125 ? -6.455  -14.591 -8.134  1.00 21.58  ? 125 SER A CB    1 
ATOM   855  O OG    . SER A 1 125 ? -5.929  -14.778 -6.832  1.00 23.65  ? 125 SER A OG    1 
ATOM   856  N N     . VAL A 1 126 ? -5.117  -11.889 -8.649  1.00 19.17  ? 126 VAL A N     1 
ATOM   857  C CA    . VAL A 1 126 ? -4.450  -10.699 -8.146  1.00 18.92  ? 126 VAL A CA    1 
ATOM   858  C C     . VAL A 1 126 ? -5.452  -9.711  -7.562  1.00 20.47  ? 126 VAL A C     1 
ATOM   859  O O     . VAL A 1 126 ? -6.447  -9.375  -8.204  1.00 20.26  ? 126 VAL A O     1 
ATOM   860  C CB    . VAL A 1 126 ? -3.666  -9.950  -9.263  1.00 18.80  ? 126 VAL A CB    1 
ATOM   861  C CG1   . VAL A 1 126 ? -2.919  -8.763  -8.658  1.00 17.67  ? 126 VAL A CG1   1 
ATOM   862  C CG2   . VAL A 1 126 ? -2.693  -10.888 -9.955  1.00 19.77  ? 126 VAL A CG2   1 
ATOM   863  N N     . ARG A 1 127 ? -5.191  -9.266  -6.336  1.00 19.06  ? 127 ARG A N     1 
ATOM   864  C CA    . ARG A 1 127 ? -6.026  -8.262  -5.691  1.00 19.35  ? 127 ARG A CA    1 
ATOM   865  C C     . ARG A 1 127 ? -5.068  -7.203  -5.185  1.00 19.95  ? 127 ARG A C     1 
ATOM   866  O O     . ARG A 1 127 ? -3.865  -7.457  -5.060  1.00 17.86  ? 127 ARG A O     1 
ATOM   867  C CB    . ARG A 1 127 ? -6.851  -8.853  -4.543  1.00 19.47  ? 127 ARG A CB    1 
ATOM   868  C CG    . ARG A 1 127 ? -8.056  -9.624  -5.056  1.00 22.32  ? 127 ARG A CG    1 
ATOM   869  C CD    . ARG A 1 127 ? -9.026  -10.000 -3.960  1.00 25.23  ? 127 ARG A CD    1 
ATOM   870  N NE    . ARG A 1 127 ? -10.176 -10.717 -4.505  1.00 27.74  ? 127 ARG A NE    1 
ATOM   871  C CZ    . ARG A 1 127 ? -11.237 -11.072 -3.790  1.00 30.26  ? 127 ARG A CZ    1 
ATOM   872  N NH1   . ARG A 1 127 ? -11.292 -10.777 -2.499  1.00 29.02  ? 127 ARG A NH1   1 
ATOM   873  N NH2   . ARG A 1 127 ? -12.244 -11.712 -4.368  1.00 29.15  ? 127 ARG A NH2   1 
ATOM   874  N N     . VAL A 1 128 ? -5.593  -6.017  -4.910  1.00 19.81  ? 128 VAL A N     1 
ATOM   875  C CA    . VAL A 1 128 ? -4.767  -4.912  -4.451  1.00 19.57  ? 128 VAL A CA    1 
ATOM   876  C C     . VAL A 1 128 ? -5.160  -4.391  -3.068  1.00 20.02  ? 128 VAL A C     1 
ATOM   877  O O     . VAL A 1 128 ? -6.343  -4.192  -2.774  1.00 17.49  ? 128 VAL A O     1 
ATOM   878  C CB    . VAL A 1 128 ? -4.840  -3.732  -5.455  1.00 20.77  ? 128 VAL A CB    1 
ATOM   879  C CG1   . VAL A 1 128 ? -4.015  -2.560  -4.953  1.00 19.78  ? 128 VAL A CG1   1 
ATOM   880  C CG2   . VAL A 1 128 ? -4.355  -4.183  -6.829  1.00 20.48  ? 128 VAL A CG2   1 
ATOM   881  N N     . ALA A 1 129 ? -4.154  -4.189  -2.224  1.00 17.92  ? 129 ALA A N     1 
ATOM   882  C CA    . ALA A 1 129 ? -4.356  -3.636  -0.889  1.00 18.18  ? 129 ALA A CA    1 
ATOM   883  C C     . ALA A 1 129 ? -3.592  -2.314  -0.909  1.00 19.44  ? 129 ALA A C     1 
ATOM   884  O O     . ALA A 1 129 ? -2.417  -2.285  -1.268  1.00 21.90  ? 129 ALA A O     1 
ATOM   885  C CB    . ALA A 1 129 ? -3.777  -4.567  0.167   1.00 16.80  ? 129 ALA A CB    1 
ATOM   886  N N     . ALA A 1 130 ? -4.259  -1.219  -0.557  1.00 17.31  ? 130 ALA A N     1 
ATOM   887  C CA    . ALA A 1 130 ? -3.611  0.090   -0.561  1.00 18.43  ? 130 ALA A CA    1 
ATOM   888  C C     . ALA A 1 130 ? -3.956  0.882   0.690   1.00 18.95  ? 130 ALA A C     1 
ATOM   889  O O     . ALA A 1 130 ? -5.108  0.910   1.120   1.00 19.92  ? 130 ALA A O     1 
ATOM   890  C CB    . ALA A 1 130 ? -4.024  0.876   -1.805  1.00 16.29  ? 130 ALA A CB    1 
ATOM   891  N N     . LEU A 1 131 ? -2.959  1.535   1.273   1.00 19.57  ? 131 LEU A N     1 
ATOM   892  C CA    . LEU A 1 131 ? -3.202  2.322   2.472   1.00 20.90  ? 131 LEU A CA    1 
ATOM   893  C C     . LEU A 1 131 ? -4.030  3.562   2.137   1.00 19.90  ? 131 LEU A C     1 
ATOM   894  O O     . LEU A 1 131 ? -5.025  3.848   2.799   1.00 21.31  ? 131 LEU A O     1 
ATOM   895  C CB    . LEU A 1 131 ? -1.880  2.756   3.112   1.00 22.55  ? 131 LEU A CB    1 
ATOM   896  C CG    . LEU A 1 131 ? -2.037  3.706   4.309   1.00 24.22  ? 131 LEU A CG    1 
ATOM   897  C CD1   . LEU A 1 131 ? -2.672  2.969   5.481   1.00 25.49  ? 131 LEU A CD1   1 
ATOM   898  C CD2   . LEU A 1 131 ? -0.683  4.266   4.701   1.00 24.81  ? 131 LEU A CD2   1 
ATOM   899  N N     . LEU A 1 132 ? -3.621  4.286   1.099   1.00 19.22  ? 132 LEU A N     1 
ATOM   900  C CA    . LEU A 1 132 ? -4.308  5.506   0.701   1.00 19.28  ? 132 LEU A CA    1 
ATOM   901  C C     . LEU A 1 132 ? -4.714  5.538   -0.766  1.00 20.58  ? 132 LEU A C     1 
ATOM   902  O O     . LEU A 1 132 ? -4.081  4.914   -1.622  1.00 19.04  ? 132 LEU A O     1 
ATOM   903  C CB    . LEU A 1 132 ? -3.417  6.716   0.974   1.00 19.71  ? 132 LEU A CB    1 
ATOM   904  C CG    . LEU A 1 132 ? -2.799  6.822   2.371   1.00 22.82  ? 132 LEU A CG    1 
ATOM   905  C CD1   . LEU A 1 132 ? -1.841  8.014   2.403   1.00 22.92  ? 132 LEU A CD1   1 
ATOM   906  C CD2   . LEU A 1 132 ? -3.898  6.971   3.418   1.00 23.34  ? 132 LEU A CD2   1 
ATOM   907  N N     . SER A 1 133 ? -5.767  6.301   -1.046  1.00 19.88  ? 133 SER A N     1 
ATOM   908  C CA    . SER A 1 133 ? -6.269  6.458   -2.399  1.00 19.47  ? 133 SER A CA    1 
ATOM   909  C C     . SER A 1 133 ? -6.735  7.892   -2.643  1.00 19.39  ? 133 SER A C     1 
ATOM   910  O O     . SER A 1 133 ? -7.488  8.451   -1.845  1.00 19.09  ? 133 SER A O     1 
ATOM   911  C CB    . SER A 1 133 ? -7.433  5.494   -2.645  1.00 19.74  ? 133 SER A CB    1 
ATOM   912  O OG    . SER A 1 133 ? -8.039  5.745   -3.903  1.00 21.25  ? 133 SER A OG    1 
ATOM   913  N N     . LYS A 1 134 ? -6.263  8.485   -3.736  1.00 19.37  ? 134 LYS A N     1 
ATOM   914  C CA    . LYS A 1 134 ? -6.656  9.840   -4.123  1.00 19.30  ? 134 LYS A CA    1 
ATOM   915  C C     . LYS A 1 134 ? -7.402  9.660   -5.435  1.00 19.59  ? 134 LYS A C     1 
ATOM   916  O O     . LYS A 1 134 ? -6.849  9.888   -6.512  1.00 20.25  ? 134 LYS A O     1 
ATOM   917  C CB    . LYS A 1 134 ? -5.436  10.729  -4.371  1.00 20.02  ? 134 LYS A CB    1 
ATOM   918  C CG    . LYS A 1 134 ? -4.625  11.093  -3.144  1.00 19.66  ? 134 LYS A CG    1 
ATOM   919  C CD    . LYS A 1 134 ? -3.492  12.014  -3.568  1.00 21.81  ? 134 LYS A CD    1 
ATOM   920  C CE    . LYS A 1 134 ? -2.657  12.496  -2.407  1.00 21.90  ? 134 LYS A CE    1 
ATOM   921  N NZ    . LYS A 1 134 ? -1.659  13.483  -2.890  1.00 20.27  ? 134 LYS A NZ    1 
ATOM   922  N N     . PRO A 1 135 ? -8.673  9.246   -5.364  1.00 19.65  ? 135 PRO A N     1 
ATOM   923  C CA    . PRO A 1 135 ? -9.475  9.029   -6.568  1.00 19.92  ? 135 PRO A CA    1 
ATOM   924  C C     . PRO A 1 135 ? -9.597  10.202  -7.534  1.00 20.42  ? 135 PRO A C     1 
ATOM   925  O O     . PRO A 1 135 ? -9.792  9.990   -8.727  1.00 19.56  ? 135 PRO A O     1 
ATOM   926  C CB    . PRO A 1 135 ? -10.824 8.582   -6.004  1.00 19.95  ? 135 PRO A CB    1 
ATOM   927  C CG    . PRO A 1 135 ? -10.884 9.286   -4.677  1.00 21.87  ? 135 PRO A CG    1 
ATOM   928  C CD    . PRO A 1 135 ? -9.489  9.083   -4.148  1.00 18.09  ? 135 PRO A CD    1 
ATOM   929  N N     . SER A 1 136 ? -9.470  11.430  -7.037  1.00 21.10  ? 136 SER A N     1 
ATOM   930  C CA    . SER A 1 136 ? -9.588  12.603  -7.902  1.00 23.53  ? 136 SER A CA    1 
ATOM   931  C C     . SER A 1 136 ? -8.413  12.742  -8.863  1.00 24.83  ? 136 SER A C     1 
ATOM   932  O O     . SER A 1 136 ? -8.472  13.523  -9.812  1.00 22.28  ? 136 SER A O     1 
ATOM   933  C CB    . SER A 1 136 ? -9.706  13.876  -7.066  1.00 22.78  ? 136 SER A CB    1 
ATOM   934  O OG    . SER A 1 136 ? -8.529  14.096  -6.307  1.00 27.34  ? 136 SER A OG    1 
ATOM   935  N N     . ARG A 1 137 ? -7.354  11.973  -8.617  1.00 25.97  ? 137 ARG A N     1 
ATOM   936  C CA    . ARG A 1 137 ? -6.153  12.012  -9.450  1.00 26.45  ? 137 ARG A CA    1 
ATOM   937  C C     . ARG A 1 137 ? -6.109  10.899  -10.499 1.00 25.83  ? 137 ARG A C     1 
ATOM   938  O O     . ARG A 1 137 ? -5.190  10.856  -11.319 1.00 25.27  ? 137 ARG A O     1 
ATOM   939  C CB    . ARG A 1 137 ? -4.904  11.901  -8.566  1.00 26.65  ? 137 ARG A CB    1 
ATOM   940  C CG    . ARG A 1 137 ? -4.642  13.105  -7.675  1.00 27.26  ? 137 ARG A CG    1 
ATOM   941  C CD    . ARG A 1 137 ? -4.057  14.262  -8.471  1.00 32.61  ? 137 ARG A CD    1 
ATOM   942  N NE    . ARG A 1 137 ? -2.756  13.927  -9.050  1.00 36.55  ? 137 ARG A NE    1 
ATOM   943  C CZ    . ARG A 1 137 ? -1.669  13.633  -8.341  1.00 38.59  ? 137 ARG A CZ    1 
ATOM   944  N NH1   . ARG A 1 137 ? -1.713  13.631  -7.014  1.00 39.45  ? 137 ARG A NH1   1 
ATOM   945  N NH2   . ARG A 1 137 ? -0.531  13.344  -8.958  1.00 39.50  ? 137 ARG A NH2   1 
ATOM   946  N N     . ARG A 1 138 ? -7.096  10.007  -10.477 1.00 25.47  ? 138 ARG A N     1 
ATOM   947  C CA    . ARG A 1 138 ? -7.130  8.886   -11.415 1.00 25.29  ? 138 ARG A CA    1 
ATOM   948  C C     . ARG A 1 138 ? -7.008  9.261   -12.885 1.00 27.60  ? 138 ARG A C     1 
ATOM   949  O O     . ARG A 1 138 ? -7.747  10.103  -13.394 1.00 24.35  ? 138 ARG A O     1 
ATOM   950  C CB    . ARG A 1 138 ? -8.411  8.072   -11.227 1.00 24.58  ? 138 ARG A CB    1 
ATOM   951  C CG    . ARG A 1 138 ? -8.467  7.264   -9.938  1.00 23.98  ? 138 ARG A CG    1 
ATOM   952  C CD    . ARG A 1 138 ? -7.544  6.051   -9.974  1.00 22.40  ? 138 ARG A CD    1 
ATOM   953  N NE    . ARG A 1 138 ? -7.805  5.176   -8.837  1.00 21.79  ? 138 ARG A NE    1 
ATOM   954  C CZ    . ARG A 1 138 ? -7.458  5.445   -7.583  1.00 21.82  ? 138 ARG A CZ    1 
ATOM   955  N NH1   . ARG A 1 138 ? -6.813  6.570   -7.289  1.00 19.71  ? 138 ARG A NH1   1 
ATOM   956  N NH2   . ARG A 1 138 ? -7.779  4.598   -6.613  1.00 20.87  ? 138 ARG A NH2   1 
ATOM   957  N N     . GLN A 1 139 ? -6.069  8.614   -13.567 1.00 29.96  ? 139 GLN A N     1 
ATOM   958  C CA    . GLN A 1 139 ? -5.865  8.845   -14.989 1.00 31.66  ? 139 GLN A CA    1 
ATOM   959  C C     . GLN A 1 139 ? -6.191  7.550   -15.723 1.00 31.05  ? 139 GLN A C     1 
ATOM   960  O O     . GLN A 1 139 ? -6.369  7.538   -16.938 1.00 31.65  ? 139 GLN A O     1 
ATOM   961  C CB    . GLN A 1 139 ? -4.423  9.275   -15.262 1.00 33.24  ? 139 GLN A CB    1 
ATOM   962  C CG    . GLN A 1 139 ? -4.024  10.544  -14.525 1.00 37.12  ? 139 GLN A CG    1 
ATOM   963  C CD    . GLN A 1 139 ? -2.799  11.211  -15.118 1.00 40.99  ? 139 GLN A CD    1 
ATOM   964  O OE1   . GLN A 1 139 ? -1.744  10.594  -15.249 1.00 43.36  ? 139 GLN A OE1   1 
ATOM   965  N NE2   . GLN A 1 139 ? -2.935  12.482  -15.477 1.00 43.87  ? 139 GLN A NE2   1 
ATOM   966  N N     . VAL A 1 140 ? -6.271  6.464   -14.958 1.00 31.15  ? 140 VAL A N     1 
ATOM   967  C CA    . VAL A 1 140 ? -6.599  5.144   -15.488 1.00 31.11  ? 140 VAL A CA    1 
ATOM   968  C C     . VAL A 1 140 ? -7.332  4.345   -14.418 1.00 30.28  ? 140 VAL A C     1 
ATOM   969  O O     . VAL A 1 140 ? -7.091  4.527   -13.225 1.00 31.38  ? 140 VAL A O     1 
ATOM   970  C CB    . VAL A 1 140 ? -5.333  4.359   -15.907 1.00 30.75  ? 140 VAL A CB    1 
ATOM   971  C CG1   . VAL A 1 140 ? -4.641  5.069   -17.057 1.00 34.70  ? 140 VAL A CG1   1 
ATOM   972  C CG2   . VAL A 1 140 ? -4.391  4.213   -14.722 1.00 29.70  ? 140 VAL A CG2   1 
ATOM   973  N N     . GLU A 1 141 ? -8.226  3.461   -14.843 1.00 30.01  ? 141 GLU A N     1 
ATOM   974  C CA    . GLU A 1 141 ? -8.981  2.645   -13.902 1.00 31.57  ? 141 GLU A CA    1 
ATOM   975  C C     . GLU A 1 141 ? -8.168  1.470   -13.373 1.00 29.62  ? 141 GLU A C     1 
ATOM   976  O O     . GLU A 1 141 ? -7.675  0.645   -14.141 1.00 28.90  ? 141 GLU A O     1 
ATOM   977  C CB    . GLU A 1 141 ? -10.257 2.117   -14.556 1.00 35.16  ? 141 GLU A CB    1 
ATOM   978  C CG    . GLU A 1 141 ? -11.274 3.186   -14.892 1.00 42.82  ? 141 GLU A CG    1 
ATOM   979  C CD    . GLU A 1 141 ? -12.546 2.604   -15.478 1.00 47.97  ? 141 GLU A CD    1 
ATOM   980  O OE1   . GLU A 1 141 ? -13.195 1.787   -14.791 1.00 50.95  ? 141 GLU A OE1   1 
ATOM   981  O OE2   . GLU A 1 141 ? -12.894 2.962   -16.624 1.00 51.51  ? 141 GLU A OE2   1 
ATOM   982  N N     . VAL A 1 142 ? -8.027  1.410   -12.056 1.00 26.77  ? 142 VAL A N     1 
ATOM   983  C CA    . VAL A 1 142 ? -7.304  0.330   -11.397 1.00 25.45  ? 142 VAL A CA    1 
ATOM   984  C C     . VAL A 1 142 ? -8.142  -0.092  -10.200 1.00 25.33  ? 142 VAL A C     1 
ATOM   985  O O     . VAL A 1 142 ? -8.834  0.730   -9.594  1.00 26.26  ? 142 VAL A O     1 
ATOM   986  C CB    . VAL A 1 142 ? -5.913  0.778   -10.915 1.00 24.17  ? 142 VAL A CB    1 
ATOM   987  C CG1   . VAL A 1 142 ? -5.007  1.035   -12.112 1.00 25.09  ? 142 VAL A CG1   1 
ATOM   988  C CG2   . VAL A 1 142 ? -6.036  2.030   -10.060 1.00 23.04  ? 142 VAL A CG2   1 
ATOM   989  N N     . PRO A 1 143 ? -8.106  -1.382  -9.851  1.00 23.02  ? 143 PRO A N     1 
ATOM   990  C CA    . PRO A 1 143 ? -8.897  -1.833  -8.711  1.00 23.55  ? 143 PRO A CA    1 
ATOM   991  C C     . PRO A 1 143 ? -8.146  -1.771  -7.388  1.00 23.95  ? 143 PRO A C     1 
ATOM   992  O O     . PRO A 1 143 ? -6.923  -1.890  -7.354  1.00 24.41  ? 143 PRO A O     1 
ATOM   993  C CB    . PRO A 1 143 ? -9.234  -3.266  -9.093  1.00 23.83  ? 143 PRO A CB    1 
ATOM   994  C CG    . PRO A 1 143 ? -7.938  -3.723  -9.706  1.00 20.92  ? 143 PRO A CG    1 
ATOM   995  C CD    . PRO A 1 143 ? -7.549  -2.532  -10.589 1.00 24.17  ? 143 PRO A CD    1 
ATOM   996  N N     . ILE A 1 144 ? -8.894  -1.556  -6.308  1.00 21.68  ? 144 ILE A N     1 
ATOM   997  C CA    . ILE A 1 144 ? -8.343  -1.546  -4.959  1.00 21.40  ? 144 ILE A CA    1 
ATOM   998  C C     . ILE A 1 144 ? -9.354  -2.345  -4.146  1.00 22.00  ? 144 ILE A C     1 
ATOM   999  O O     . ILE A 1 144 ? -10.444 -1.858  -3.843  1.00 21.79  ? 144 ILE A O     1 
ATOM   1000 C CB    . ILE A 1 144 ? -8.236  -0.135  -4.363  1.00 20.44  ? 144 ILE A CB    1 
ATOM   1001 C CG1   . ILE A 1 144 ? -7.258  0.710   -5.181  1.00 19.87  ? 144 ILE A CG1   1 
ATOM   1002 C CG2   . ILE A 1 144 ? -7.749  -0.228  -2.923  1.00 18.29  ? 144 ILE A CG2   1 
ATOM   1003 C CD1   . ILE A 1 144 ? -7.007  2.093   -4.595  1.00 17.48  ? 144 ILE A CD1   1 
ATOM   1004 N N     . HIS A 1 145 ? -8.995  -3.577  -3.812  1.00 22.22  ? 145 HIS A N     1 
ATOM   1005 C CA    . HIS A 1 145 ? -9.885  -4.456  -3.066  1.00 22.57  ? 145 HIS A CA    1 
ATOM   1006 C C     . HIS A 1 145 ? -9.870  -4.240  -1.557  1.00 22.61  ? 145 HIS A C     1 
ATOM   1007 O O     . HIS A 1 145 ? -10.875 -4.473  -0.886  1.00 22.63  ? 145 HIS A O     1 
ATOM   1008 C CB    . HIS A 1 145 ? -9.550  -5.913  -3.392  1.00 22.93  ? 145 HIS A CB    1 
ATOM   1009 C CG    . HIS A 1 145 ? -9.480  -6.193  -4.862  1.00 25.09  ? 145 HIS A CG    1 
ATOM   1010 N ND1   . HIS A 1 145 ? -8.395  -5.841  -5.638  1.00 23.07  ? 145 HIS A ND1   1 
ATOM   1011 C CD2   . HIS A 1 145 ? -10.382 -6.749  -5.708  1.00 25.19  ? 145 HIS A CD2   1 
ATOM   1012 C CE1   . HIS A 1 145 ? -8.631  -6.167  -6.896  1.00 24.68  ? 145 HIS A CE1   1 
ATOM   1013 N NE2   . HIS A 1 145 ? -9.830  -6.718  -6.965  1.00 25.37  ? 145 HIS A NE2   1 
ATOM   1014 N N     . TYR A 1 146 ? -8.734  -3.796  -1.028  1.00 20.42  ? 146 TYR A N     1 
ATOM   1015 C CA    . TYR A 1 146 ? -8.592  -3.557  0.406   1.00 20.67  ? 146 TYR A CA    1 
ATOM   1016 C C     . TYR A 1 146 ? -7.977  -2.176  0.587   1.00 21.02  ? 146 TYR A C     1 
ATOM   1017 O O     . TYR A 1 146 ? -6.768  -2.000  0.450   1.00 19.24  ? 146 TYR A O     1 
ATOM   1018 C CB    . TYR A 1 146 ? -7.701  -4.638  1.022   1.00 19.81  ? 146 TYR A CB    1 
ATOM   1019 C CG    . TYR A 1 146 ? -8.190  -6.037  0.719   1.00 18.75  ? 146 TYR A CG    1 
ATOM   1020 C CD1   . TYR A 1 146 ? -9.357  -6.533  1.304   1.00 20.49  ? 146 TYR A CD1   1 
ATOM   1021 C CD2   . TYR A 1 146 ? -7.524  -6.843  -0.207  1.00 18.54  ? 146 TYR A CD2   1 
ATOM   1022 C CE1   . TYR A 1 146 ? -9.854  -7.792  0.971   1.00 17.50  ? 146 TYR A CE1   1 
ATOM   1023 C CE2   . TYR A 1 146 ? -8.013  -8.105  -0.549  1.00 19.84  ? 146 TYR A CE2   1 
ATOM   1024 C CZ    . TYR A 1 146 ? -9.176  -8.572  0.041   1.00 19.80  ? 146 TYR A CZ    1 
ATOM   1025 O OH    . TYR A 1 146 ? -9.665  -9.810  -0.309  1.00 19.17  ? 146 TYR A OH    1 
ATOM   1026 N N     . LEU A 1 147 ? -8.823  -1.198  0.898   1.00 20.55  ? 147 LEU A N     1 
ATOM   1027 C CA    . LEU A 1 147 ? -8.373  0.177   1.051   1.00 18.83  ? 147 LEU A CA    1 
ATOM   1028 C C     . LEU A 1 147 ? -8.367  0.704   2.480   1.00 20.50  ? 147 LEU A C     1 
ATOM   1029 O O     . LEU A 1 147 ? -9.343  0.552   3.220   1.00 19.21  ? 147 LEU A O     1 
ATOM   1030 C CB    . LEU A 1 147 ? -9.240  1.091   0.183   1.00 17.20  ? 147 LEU A CB    1 
ATOM   1031 C CG    . LEU A 1 147 ? -8.968  2.592   0.275   1.00 19.28  ? 147 LEU A CG    1 
ATOM   1032 C CD1   . LEU A 1 147 ? -7.515  2.874   -0.113  1.00 14.13  ? 147 LEU A CD1   1 
ATOM   1033 C CD2   . LEU A 1 147 ? -9.937  3.351   -0.632  1.00 16.23  ? 147 LEU A CD2   1 
ATOM   1034 N N     . GLY A 1 148 ? -7.257  1.329   2.856   1.00 19.54  ? 148 GLY A N     1 
ATOM   1035 C CA    . GLY A 1 148 ? -7.152  1.895   4.184   1.00 20.63  ? 148 GLY A CA    1 
ATOM   1036 C C     . GLY A 1 148 ? -8.024  3.134   4.281   1.00 21.00  ? 148 GLY A C     1 
ATOM   1037 O O     . GLY A 1 148 ? -9.034  3.131   4.985   1.00 20.12  ? 148 GLY A O     1 
ATOM   1038 N N     . PHE A 1 149 ? -7.644  4.185   3.556   1.00 20.59  ? 149 PHE A N     1 
ATOM   1039 C CA    . PHE A 1 149 ? -8.382  5.445   3.576   1.00 21.30  ? 149 PHE A CA    1 
ATOM   1040 C C     . PHE A 1 149 ? -8.411  6.147   2.222   1.00 22.90  ? 149 PHE A C     1 
ATOM   1041 O O     . PHE A 1 149 ? -7.443  6.105   1.461   1.00 23.00  ? 149 PHE A O     1 
ATOM   1042 C CB    . PHE A 1 149 ? -7.744  6.415   4.573   1.00 21.27  ? 149 PHE A CB    1 
ATOM   1043 C CG    . PHE A 1 149 ? -7.532  5.835   5.939   1.00 22.37  ? 149 PHE A CG    1 
ATOM   1044 C CD1   . PHE A 1 149 ? -8.540  5.889   6.897   1.00 21.46  ? 149 PHE A CD1   1 
ATOM   1045 C CD2   . PHE A 1 149 ? -6.326  5.215   6.262   1.00 21.40  ? 149 PHE A CD2   1 
ATOM   1046 C CE1   . PHE A 1 149 ? -8.350  5.334   8.162   1.00 21.71  ? 149 PHE A CE1   1 
ATOM   1047 C CE2   . PHE A 1 149 ? -6.128  4.656   7.522   1.00 22.39  ? 149 PHE A CE2   1 
ATOM   1048 C CZ    . PHE A 1 149 ? -7.142  4.716   8.473   1.00 20.69  ? 149 PHE A CZ    1 
ATOM   1049 N N     . GLU A 1 150 ? -9.529  6.807   1.938   1.00 21.06  ? 150 GLU A N     1 
ATOM   1050 C CA    . GLU A 1 150 ? -9.674  7.577   0.717   1.00 20.23  ? 150 GLU A CA    1 
ATOM   1051 C C     . GLU A 1 150 ? -9.459  9.023   1.151   1.00 20.57  ? 150 GLU A C     1 
ATOM   1052 O O     . GLU A 1 150 ? -10.058 9.471   2.127   1.00 20.23  ? 150 GLU A O     1 
ATOM   1053 C CB    . GLU A 1 150 ? -11.076 7.400   0.136   1.00 20.89  ? 150 GLU A CB    1 
ATOM   1054 C CG    . GLU A 1 150 ? -11.348 8.285   -1.065  1.00 21.43  ? 150 GLU A CG    1 
ATOM   1055 C CD    . GLU A 1 150 ? -12.654 7.944   -1.745  1.00 23.00  ? 150 GLU A CD    1 
ATOM   1056 O OE1   . GLU A 1 150 ? -12.705 6.916   -2.460  1.00 19.55  ? 150 GLU A OE1   1 
ATOM   1057 O OE2   . GLU A 1 150 ? -13.628 8.704   -1.554  1.00 22.94  ? 150 GLU A OE2   1 
ATOM   1058 N N     . ILE A 1 151 ? -8.605  9.751   0.440   1.00 19.80  ? 151 ILE A N     1 
ATOM   1059 C CA    . ILE A 1 151 ? -8.313  11.133  0.808   1.00 20.06  ? 151 ILE A CA    1 
ATOM   1060 C C     . ILE A 1 151 ? -8.314  12.114  -0.356  1.00 22.27  ? 151 ILE A C     1 
ATOM   1061 O O     . ILE A 1 151 ? -8.310  11.718  -1.527  1.00 21.39  ? 151 ILE A O     1 
ATOM   1062 C CB    . ILE A 1 151 ? -6.925  11.239  1.490   1.00 21.38  ? 151 ILE A CB    1 
ATOM   1063 C CG1   . ILE A 1 151 ? -5.847  10.664  0.555   1.00 19.43  ? 151 ILE A CG1   1 
ATOM   1064 C CG2   . ILE A 1 151 ? -6.937  10.495  2.824   1.00 20.57  ? 151 ILE A CG2   1 
ATOM   1065 C CD1   . ILE A 1 151 ? -4.419  10.860  1.046   1.00 20.52  ? 151 ILE A CD1   1 
ATOM   1066 N N     . GLU A 1 152 ? -8.312  13.399  -0.013  1.00 23.13  ? 152 GLU A N     1 
ATOM   1067 C CA    . GLU A 1 152 ? -8.275  14.471  -0.993  1.00 26.11  ? 152 GLU A CA    1 
ATOM   1068 C C     . GLU A 1 152 ? -6.840  14.566  -1.511  1.00 27.40  ? 152 GLU A C     1 
ATOM   1069 O O     . GLU A 1 152 ? -5.927  13.964  -0.938  1.00 25.68  ? 152 GLU A O     1 
ATOM   1070 C CB    . GLU A 1 152 ? -8.691  15.795  -0.342  1.00 31.44  ? 152 GLU A CB    1 
ATOM   1071 C CG    . GLU A 1 152 ? -7.858  16.181  0.875   1.00 35.91  ? 152 GLU A CG    1 
ATOM   1072 C CD    . GLU A 1 152 ? -8.313  17.482  1.516   1.00 39.84  ? 152 GLU A CD    1 
ATOM   1073 O OE1   . GLU A 1 152 ? -8.183  18.548  0.876   1.00 42.29  ? 152 GLU A OE1   1 
ATOM   1074 O OE2   . GLU A 1 152 ? -8.807  17.436  2.663   1.00 43.20  ? 152 GLU A OE2   1 
ATOM   1075 N N     . ASP A 1 153 ? -6.637  15.325  -2.583  1.00 27.75  ? 153 ASP A N     1 
ATOM   1076 C CA    . ASP A 1 153 ? -5.312  15.464  -3.175  1.00 30.10  ? 153 ASP A CA    1 
ATOM   1077 C C     . ASP A 1 153 ? -4.403  16.431  -2.420  1.00 29.55  ? 153 ASP A C     1 
ATOM   1078 O O     . ASP A 1 153 ? -4.076  17.509  -2.914  1.00 31.64  ? 153 ASP A O     1 
ATOM   1079 C CB    . ASP A 1 153 ? -5.443  15.897  -4.643  1.00 31.84  ? 153 ASP A CB    1 
ATOM   1080 C CG    . ASP A 1 153 ? -4.099  15.984  -5.353  1.00 35.03  ? 153 ASP A CG    1 
ATOM   1081 O OD1   . ASP A 1 153 ? -3.249  15.091  -5.147  1.00 35.75  ? 153 ASP A OD1   1 
ATOM   1082 O OD2   . ASP A 1 153 ? -3.899  16.941  -6.130  1.00 38.35  ? 153 ASP A OD2   1 
ATOM   1083 N N     . ALA A 1 154 ? -3.999  16.036  -1.218  1.00 28.71  ? 154 ALA A N     1 
ATOM   1084 C CA    . ALA A 1 154 ? -3.111  16.854  -0.399  1.00 27.98  ? 154 ALA A CA    1 
ATOM   1085 C C     . ALA A 1 154 ? -1.730  16.209  -0.375  1.00 27.62  ? 154 ALA A C     1 
ATOM   1086 O O     . ALA A 1 154 ? -1.600  15.011  -0.615  1.00 27.53  ? 154 ALA A O     1 
ATOM   1087 C CB    . ALA A 1 154 ? -3.654  16.964  1.020   1.00 26.18  ? 154 ALA A CB    1 
ATOM   1088 N N     . TYR A 1 155 ? -0.706  17.011  -0.107  1.00 28.21  ? 155 TYR A N     1 
ATOM   1089 C CA    . TYR A 1 155 ? 0.663   16.514  -0.023  1.00 28.62  ? 155 TYR A CA    1 
ATOM   1090 C C     . TYR A 1 155 ? 0.752   15.755  1.297   1.00 27.28  ? 155 TYR A C     1 
ATOM   1091 O O     . TYR A 1 155 ? 0.860   16.365  2.363   1.00 26.85  ? 155 TYR A O     1 
ATOM   1092 C CB    . TYR A 1 155 ? 1.648   17.687  -0.012  1.00 33.09  ? 155 TYR A CB    1 
ATOM   1093 C CG    . TYR A 1 155 ? 3.105   17.283  -0.065  1.00 38.03  ? 155 TYR A CG    1 
ATOM   1094 C CD1   . TYR A 1 155 ? 3.863   17.493  -1.216  1.00 40.29  ? 155 TYR A CD1   1 
ATOM   1095 C CD2   . TYR A 1 155 ? 3.727   16.684  1.032   1.00 39.99  ? 155 TYR A CD2   1 
ATOM   1096 C CE1   . TYR A 1 155 ? 5.205   17.117  -1.274  1.00 41.74  ? 155 TYR A CE1   1 
ATOM   1097 C CE2   . TYR A 1 155 ? 5.065   16.304  0.984   1.00 41.28  ? 155 TYR A CE2   1 
ATOM   1098 C CZ    . TYR A 1 155 ? 5.797   16.524  -0.172  1.00 42.80  ? 155 TYR A CZ    1 
ATOM   1099 O OH    . TYR A 1 155 ? 7.123   16.154  -0.226  1.00 43.87  ? 155 TYR A OH    1 
ATOM   1100 N N     . VAL A 1 156 ? 0.706   14.428  1.233   1.00 23.79  ? 156 VAL A N     1 
ATOM   1101 C CA    . VAL A 1 156 ? 0.759   13.628  2.452   1.00 23.01  ? 156 VAL A CA    1 
ATOM   1102 C C     . VAL A 1 156 ? 2.094   12.930  2.668   1.00 22.01  ? 156 VAL A C     1 
ATOM   1103 O O     . VAL A 1 156 ? 2.847   12.696  1.723   1.00 23.63  ? 156 VAL A O     1 
ATOM   1104 C CB    . VAL A 1 156 ? -0.363  12.562  2.462   1.00 24.13  ? 156 VAL A CB    1 
ATOM   1105 C CG1   . VAL A 1 156 ? -1.730  13.248  2.453   1.00 25.39  ? 156 VAL A CG1   1 
ATOM   1106 C CG2   . VAL A 1 156 ? -0.224  11.649  1.255   1.00 22.57  ? 156 VAL A CG2   1 
ATOM   1107 N N     . TYR A 1 157 ? 2.377   12.598  3.922   1.00 20.48  ? 157 TYR A N     1 
ATOM   1108 C CA    . TYR A 1 157 ? 3.613   11.918  4.270   1.00 20.39  ? 157 TYR A CA    1 
ATOM   1109 C C     . TYR A 1 157 ? 3.506   11.276  5.645   1.00 21.04  ? 157 TYR A C     1 
ATOM   1110 O O     . TYR A 1 157 ? 2.527   11.491  6.371   1.00 21.47  ? 157 TYR A O     1 
ATOM   1111 C CB    . TYR A 1 157 ? 4.795   12.897  4.213   1.00 21.72  ? 157 TYR A CB    1 
ATOM   1112 C CG    . TYR A 1 157 ? 4.692   14.086  5.147   1.00 23.18  ? 157 TYR A CG    1 
ATOM   1113 C CD1   . TYR A 1 157 ? 5.343   14.085  6.379   1.00 22.75  ? 157 TYR A CD1   1 
ATOM   1114 C CD2   . TYR A 1 157 ? 3.954   15.219  4.790   1.00 24.13  ? 157 TYR A CD2   1 
ATOM   1115 C CE1   . TYR A 1 157 ? 5.270   15.184  7.235   1.00 25.59  ? 157 TYR A CE1   1 
ATOM   1116 C CE2   . TYR A 1 157 ? 3.873   16.325  5.641   1.00 25.13  ? 157 TYR A CE2   1 
ATOM   1117 C CZ    . TYR A 1 157 ? 4.536   16.298  6.862   1.00 25.77  ? 157 TYR A CZ    1 
ATOM   1118 O OH    . TYR A 1 157 ? 4.471   17.382  7.708   1.00 26.81  ? 157 TYR A OH    1 
ATOM   1119 N N     . GLY A 1 158 ? 4.512   10.477  5.991   1.00 18.95  ? 158 GLY A N     1 
ATOM   1120 C CA    . GLY A 1 158 ? 4.521   9.782   7.266   1.00 17.52  ? 158 GLY A CA    1 
ATOM   1121 C C     . GLY A 1 158 ? 4.130   8.326   7.064   1.00 17.04  ? 158 GLY A C     1 
ATOM   1122 O O     . GLY A 1 158 ? 3.681   7.954   5.979   1.00 16.03  ? 158 GLY A O     1 
ATOM   1123 N N     . TYR A 1 159 ? 4.312   7.503   8.093   1.00 14.90  ? 159 TYR A N     1 
ATOM   1124 C CA    . TYR A 1 159 ? 3.961   6.081   8.035   1.00 16.06  ? 159 TYR A CA    1 
ATOM   1125 C C     . TYR A 1 159 ? 4.525   5.404   6.775   1.00 16.65  ? 159 TYR A C     1 
ATOM   1126 O O     . TYR A 1 159 ? 3.813   4.685   6.070   1.00 16.10  ? 159 TYR A O     1 
ATOM   1127 C CB    . TYR A 1 159 ? 2.432   5.921   8.084   1.00 14.52  ? 159 TYR A CB    1 
ATOM   1128 C CG    . TYR A 1 159 ? 1.947   4.522   8.411   1.00 14.45  ? 159 TYR A CG    1 
ATOM   1129 C CD1   . TYR A 1 159 ? 2.083   3.995   9.696   1.00 13.85  ? 159 TYR A CD1   1 
ATOM   1130 C CD2   . TYR A 1 159 ? 1.367   3.721   7.429   1.00 15.79  ? 159 TYR A CD2   1 
ATOM   1131 C CE1   . TYR A 1 159 ? 1.652   2.695   9.993   1.00 15.18  ? 159 TYR A CE1   1 
ATOM   1132 C CE2   . TYR A 1 159 ? 0.937   2.426   7.717   1.00 16.16  ? 159 TYR A CE2   1 
ATOM   1133 C CZ    . TYR A 1 159 ? 1.084   1.919   8.997   1.00 15.08  ? 159 TYR A CZ    1 
ATOM   1134 O OH    . TYR A 1 159 ? 0.675   0.629   9.263   1.00 15.65  ? 159 TYR A OH    1 
ATOM   1135 N N     . GLY A 1 160 ? 5.807   5.643   6.501   1.00 16.42  ? 160 GLY A N     1 
ATOM   1136 C CA    . GLY A 1 160 ? 6.442   5.047   5.340   1.00 16.79  ? 160 GLY A CA    1 
ATOM   1137 C C     . GLY A 1 160 ? 6.585   5.990   4.155   1.00 17.88  ? 160 GLY A C     1 
ATOM   1138 O O     . GLY A 1 160 ? 7.534   5.865   3.381   1.00 16.82  ? 160 GLY A O     1 
ATOM   1139 N N     . LEU A 1 161 ? 5.644   6.923   4.008   1.00 17.59  ? 161 LEU A N     1 
ATOM   1140 C CA    . LEU A 1 161 ? 5.665   7.898   2.915   1.00 17.71  ? 161 LEU A CA    1 
ATOM   1141 C C     . LEU A 1 161 ? 6.603   9.042   3.287   1.00 19.49  ? 161 LEU A C     1 
ATOM   1142 O O     . LEU A 1 161 ? 6.587   9.522   4.424   1.00 17.66  ? 161 LEU A O     1 
ATOM   1143 C CB    . LEU A 1 161 ? 4.258   8.439   2.655   1.00 22.23  ? 161 LEU A CB    1 
ATOM   1144 C CG    . LEU A 1 161 ? 3.234   7.488   2.023   1.00 25.48  ? 161 LEU A CG    1 
ATOM   1145 C CD1   . LEU A 1 161 ? 3.061   6.235   2.875   1.00 27.94  ? 161 LEU A CD1   1 
ATOM   1146 C CD2   . LEU A 1 161 ? 1.908   8.219   1.894   1.00 28.46  ? 161 LEU A CD2   1 
ATOM   1147 N N     . ASP A 1 162 ? 7.398   9.497   2.325   1.00 18.90  ? 162 ASP A N     1 
ATOM   1148 C CA    . ASP A 1 162 ? 8.376   10.540  2.594   1.00 19.01  ? 162 ASP A CA    1 
ATOM   1149 C C     . ASP A 1 162 ? 8.041   11.959  2.177   1.00 20.36  ? 162 ASP A C     1 
ATOM   1150 O O     . ASP A 1 162 ? 7.117   12.215  1.408   1.00 20.51  ? 162 ASP A O     1 
ATOM   1151 C CB    . ASP A 1 162 ? 9.709   10.174  1.938   1.00 19.14  ? 162 ASP A CB    1 
ATOM   1152 C CG    . ASP A 1 162 ? 9.670   10.325  0.424   1.00 20.64  ? 162 ASP A CG    1 
ATOM   1153 O OD1   . ASP A 1 162 ? 8.829   9.663   -0.213  1.00 19.20  ? 162 ASP A OD1   1 
ATOM   1154 O OD2   . ASP A 1 162 ? 10.472  11.109  -0.130  1.00 22.19  ? 162 ASP A OD2   1 
ATOM   1155 N N     . ARG A 1 163 ? 8.832   12.876  2.714   1.00 19.45  ? 163 ARG A N     1 
ATOM   1156 C CA    . ARG A 1 163 ? 8.745   14.292  2.397   1.00 22.87  ? 163 ARG A CA    1 
ATOM   1157 C C     . ARG A 1 163 ? 10.212  14.592  2.089   1.00 21.25  ? 163 ARG A C     1 
ATOM   1158 O O     . ARG A 1 163 ? 11.000  14.880  2.991   1.00 22.99  ? 163 ARG A O     1 
ATOM   1159 C CB    . ARG A 1 163 ? 8.260   15.093  3.610   1.00 23.59  ? 163 ARG A CB    1 
ATOM   1160 C CG    . ARG A 1 163 ? 8.067   16.582  3.344   1.00 27.81  ? 163 ARG A CG    1 
ATOM   1161 C CD    . ARG A 1 163 ? 7.483   17.294  4.564   1.00 29.09  ? 163 ARG A CD    1 
ATOM   1162 N NE    . ARG A 1 163 ? 8.334   17.161  5.746   1.00 35.98  ? 163 ARG A NE    1 
ATOM   1163 C CZ    . ARG A 1 163 ? 9.544   17.705  5.871   1.00 39.94  ? 163 ARG A CZ    1 
ATOM   1164 N NH1   . ARG A 1 163 ? 10.056  18.431  4.883   1.00 40.87  ? 163 ARG A NH1   1 
ATOM   1165 N NH2   . ARG A 1 163 ? 10.251  17.518  6.982   1.00 38.34  ? 163 ARG A NH2   1 
ATOM   1166 N N     . ALA A 1 164 ? 10.581  14.472  0.816   1.00 23.16  ? 164 ALA A N     1 
ATOM   1167 C CA    . ALA A 1 164 ? 11.960  14.692  0.384   1.00 22.48  ? 164 ALA A CA    1 
ATOM   1168 C C     . ALA A 1 164 ? 12.890  13.715  1.118   1.00 23.32  ? 164 ALA A C     1 
ATOM   1169 O O     . ALA A 1 164 ? 13.956  14.101  1.601   1.00 22.21  ? 164 ALA A O     1 
ATOM   1170 C CB    . ALA A 1 164 ? 12.381  16.134  0.666   1.00 24.40  ? 164 ALA A CB    1 
ATOM   1171 N N     . GLN A 1 165 ? 12.462  12.454  1.200   1.00 20.24  ? 165 GLN A N     1 
ATOM   1172 C CA    . GLN A 1 165 ? 13.213  11.376  1.862   1.00 20.35  ? 165 GLN A CA    1 
ATOM   1173 C C     . GLN A 1 165 ? 13.107  11.362  3.383   1.00 20.93  ? 165 GLN A C     1 
ATOM   1174 O O     . GLN A 1 165 ? 13.446  10.365  4.026   1.00 19.81  ? 165 GLN A O     1 
ATOM   1175 C CB    . GLN A 1 165 ? 14.694  11.409  1.463   1.00 20.88  ? 165 GLN A CB    1 
ATOM   1176 C CG    . GLN A 1 165 ? 14.959  11.041  0.009   1.00 23.20  ? 165 GLN A CG    1 
ATOM   1177 C CD    . GLN A 1 165 ? 14.259  9.755   -0.405  1.00 24.99  ? 165 GLN A CD    1 
ATOM   1178 O OE1   . GLN A 1 165 ? 14.180  8.799   0.369   1.00 25.19  ? 165 GLN A OE1   1 
ATOM   1179 N NE2   . GLN A 1 165 ? 13.758  9.725   -1.633  1.00 27.40  ? 165 GLN A NE2   1 
ATOM   1180 N N     . PHE A 1 166 ? 12.633  12.461  3.959   1.00 20.61  ? 166 PHE A N     1 
ATOM   1181 C CA    . PHE A 1 166 ? 12.479  12.567  5.411   1.00 21.82  ? 166 PHE A CA    1 
ATOM   1182 C C     . PHE A 1 166 ? 11.068  12.198  5.857   1.00 20.79  ? 166 PHE A C     1 
ATOM   1183 O O     . PHE A 1 166 ? 10.154  12.057  5.043   1.00 20.79  ? 166 PHE A O     1 
ATOM   1184 C CB    . PHE A 1 166 ? 12.763  14.005  5.875   1.00 23.33  ? 166 PHE A CB    1 
ATOM   1185 C CG    . PHE A 1 166 ? 14.217  14.379  5.863   1.00 25.72  ? 166 PHE A CG    1 
ATOM   1186 C CD1   . PHE A 1 166 ? 15.046  14.023  6.922   1.00 26.50  ? 166 PHE A CD1   1 
ATOM   1187 C CD2   . PHE A 1 166 ? 14.759  15.078  4.789   1.00 25.58  ? 166 PHE A CD2   1 
ATOM   1188 C CE1   . PHE A 1 166 ? 16.399  14.360  6.910   1.00 28.65  ? 166 PHE A CE1   1 
ATOM   1189 C CE2   . PHE A 1 166 ? 16.109  15.418  4.767   1.00 26.73  ? 166 PHE A CE2   1 
ATOM   1190 C CZ    . PHE A 1 166 ? 16.931  15.059  5.829   1.00 26.92  ? 166 PHE A CZ    1 
ATOM   1191 N N     . ASP A 1 167 ? 10.911  12.043  7.166   1.00 20.14  ? 167 ASP A N     1 
ATOM   1192 C CA    . ASP A 1 167 ? 9.624   11.755  7.786   1.00 19.69  ? 167 ASP A CA    1 
ATOM   1193 C C     . ASP A 1 167 ? 8.909   10.436  7.530   1.00 20.11  ? 167 ASP A C     1 
ATOM   1194 O O     . ASP A 1 167 ? 7.730   10.311  7.875   1.00 18.21  ? 167 ASP A O     1 
ATOM   1195 C CB    . ASP A 1 167 ? 8.649   12.899  7.494   1.00 22.74  ? 167 ASP A CB    1 
ATOM   1196 C CG    . ASP A 1 167 ? 9.130   14.229  8.048   1.00 25.31  ? 167 ASP A CG    1 
ATOM   1197 O OD1   . ASP A 1 167 ? 9.651   14.253  9.183   1.00 26.73  ? 167 ASP A OD1   1 
ATOM   1198 O OD2   . ASP A 1 167 ? 8.977   15.252  7.351   1.00 27.96  ? 167 ASP A OD2   1 
ATOM   1199 N N     . ARG A 1 168 ? 9.585   9.456   6.936   1.00 19.23  ? 168 ARG A N     1 
ATOM   1200 C CA    . ARG A 1 168 ? 8.940   8.166   6.709   1.00 17.69  ? 168 ARG A CA    1 
ATOM   1201 C C     . ARG A 1 168 ? 8.702   7.513   8.070   1.00 18.29  ? 168 ARG A C     1 
ATOM   1202 O O     . ARG A 1 168 ? 7.866   6.615   8.200   1.00 17.50  ? 168 ARG A O     1 
ATOM   1203 C CB    . ARG A 1 168 ? 9.829   7.217   5.896   1.00 17.69  ? 168 ARG A CB    1 
ATOM   1204 C CG    . ARG A 1 168 ? 10.064  7.567   4.437   1.00 18.81  ? 168 ARG A CG    1 
ATOM   1205 C CD    . ARG A 1 168 ? 10.915  6.462   3.798   1.00 19.76  ? 168 ARG A CD    1 
ATOM   1206 N NE    . ARG A 1 168 ? 11.429  6.814   2.472   1.00 18.58  ? 168 ARG A NE    1 
ATOM   1207 C CZ    . ARG A 1 168 ? 10.701  6.829   1.361   1.00 17.61  ? 168 ARG A CZ    1 
ATOM   1208 N NH1   . ARG A 1 168 ? 9.411   6.510   1.404   1.00 15.05  ? 168 ARG A NH1   1 
ATOM   1209 N NH2   . ARG A 1 168 ? 11.264  7.170   0.207   1.00 15.69  ? 168 ARG A NH2   1 
ATOM   1210 N N     . ASN A 1 169 ? 9.448   7.964   9.079   1.00 17.12  ? 169 ASN A N     1 
ATOM   1211 C CA    . ASN A 1 169 ? 9.344   7.388   10.417  1.00 17.86  ? 169 ASN A CA    1 
ATOM   1212 C C     . ASN A 1 169 ? 8.195   7.889   11.291  1.00 19.13  ? 169 ASN A C     1 
ATOM   1213 O O     . ASN A 1 169 ? 7.999   7.404   12.408  1.00 18.86  ? 169 ASN A O     1 
ATOM   1214 C CB    . ASN A 1 169 ? 10.684  7.529   11.155  1.00 17.77  ? 169 ASN A CB    1 
ATOM   1215 C CG    . ASN A 1 169 ? 11.147  8.967   11.274  1.00 19.09  ? 169 ASN A CG    1 
ATOM   1216 O OD1   . ASN A 1 169 ? 11.018  9.757   10.338  1.00 20.01  ? 169 ASN A OD1   1 
ATOM   1217 N ND2   . ASN A 1 169 ? 11.718  9.304   12.419  1.00 17.30  ? 169 ASN A ND2   1 
ATOM   1218 N N     . LEU A 1 170 ? 7.428   8.851   10.791  1.00 19.41  ? 170 LEU A N     1 
ATOM   1219 C CA    . LEU A 1 170 ? 6.285   9.345   11.552  1.00 21.28  ? 170 LEU A CA    1 
ATOM   1220 C C     . LEU A 1 170 ? 5.311   8.180   11.708  1.00 20.53  ? 170 LEU A C     1 
ATOM   1221 O O     . LEU A 1 170 ? 5.003   7.490   10.742  1.00 21.10  ? 170 LEU A O     1 
ATOM   1222 C CB    . LEU A 1 170 ? 5.604   10.500  10.810  1.00 22.12  ? 170 LEU A CB    1 
ATOM   1223 C CG    . LEU A 1 170 ? 6.144   11.916  11.043  1.00 24.55  ? 170 LEU A CG    1 
ATOM   1224 C CD1   . LEU A 1 170 ? 7.654   11.959  10.885  1.00 28.15  ? 170 LEU A CD1   1 
ATOM   1225 C CD2   . LEU A 1 170 ? 5.472   12.861  10.067  1.00 25.86  ? 170 LEU A CD2   1 
ATOM   1226 N N     . PRO A 1 171 ? 4.825   7.935   12.936  1.00 21.61  ? 171 PRO A N     1 
ATOM   1227 C CA    . PRO A 1 171 ? 3.886   6.830   13.157  1.00 20.08  ? 171 PRO A CA    1 
ATOM   1228 C C     . PRO A 1 171 ? 2.470   7.125   12.672  1.00 19.05  ? 171 PRO A C     1 
ATOM   1229 O O     . PRO A 1 171 ? 1.596   6.260   12.714  1.00 18.73  ? 171 PRO A O     1 
ATOM   1230 C CB    . PRO A 1 171 ? 3.958   6.613   14.667  1.00 20.96  ? 171 PRO A CB    1 
ATOM   1231 C CG    . PRO A 1 171 ? 4.239   7.987   15.187  1.00 23.84  ? 171 PRO A CG    1 
ATOM   1232 C CD    . PRO A 1 171 ? 5.267   8.522   14.215  1.00 21.05  ? 171 PRO A CD    1 
ATOM   1233 N N     . PHE A 1 172 ? 2.251   8.345   12.201  1.00 18.34  ? 172 PHE A N     1 
ATOM   1234 C CA    . PHE A 1 172 ? 0.935   8.741   11.715  1.00 20.19  ? 172 PHE A CA    1 
ATOM   1235 C C     . PHE A 1 172 ? 1.052   9.336   10.327  1.00 20.16  ? 172 PHE A C     1 
ATOM   1236 O O     . PHE A 1 172 ? 2.157   9.593   9.852   1.00 21.17  ? 172 PHE A O     1 
ATOM   1237 C CB    . PHE A 1 172 ? 0.321   9.771   12.671  1.00 21.53  ? 172 PHE A CB    1 
ATOM   1238 C CG    . PHE A 1 172 ? 1.230   10.932  12.979  1.00 22.69  ? 172 PHE A CG    1 
ATOM   1239 C CD1   . PHE A 1 172 ? 1.470   11.922  12.029  1.00 22.53  ? 172 PHE A CD1   1 
ATOM   1240 C CD2   . PHE A 1 172 ? 1.870   11.021  14.214  1.00 23.18  ? 172 PHE A CD2   1 
ATOM   1241 C CE1   . PHE A 1 172 ? 2.337   12.980  12.301  1.00 24.31  ? 172 PHE A CE1   1 
ATOM   1242 C CE2   . PHE A 1 172 ? 2.739   12.073  14.498  1.00 24.98  ? 172 PHE A CE2   1 
ATOM   1243 C CZ    . PHE A 1 172 ? 2.974   13.056  13.538  1.00 24.90  ? 172 PHE A CZ    1 
ATOM   1244 N N     . ILE A 1 173 ? -0.088  9.535   9.675   1.00 20.79  ? 173 ILE A N     1 
ATOM   1245 C CA    . ILE A 1 173 ? -0.121  10.139  8.349   1.00 20.58  ? 173 ILE A CA    1 
ATOM   1246 C C     . ILE A 1 173 ? -0.496  11.600  8.550   1.00 22.51  ? 173 ILE A C     1 
ATOM   1247 O O     . ILE A 1 173 ? -1.463  11.913  9.256   1.00 21.49  ? 173 ILE A O     1 
ATOM   1248 C CB    . ILE A 1 173 ? -1.190  9.493   7.432   1.00 22.31  ? 173 ILE A CB    1 
ATOM   1249 C CG1   . ILE A 1 173 ? -0.762  8.078   7.025   1.00 22.11  ? 173 ILE A CG1   1 
ATOM   1250 C CG2   . ILE A 1 173 ? -1.390  10.359  6.182   1.00 18.50  ? 173 ILE A CG2   1 
ATOM   1251 C CD1   . ILE A 1 173 ? 0.436   8.050   6.104   1.00 25.81  ? 173 ILE A CD1   1 
ATOM   1252 N N     . THR A 1 174 ? 0.267   12.493  7.939   1.00 22.51  ? 174 THR A N     1 
ATOM   1253 C CA    . THR A 1 174 ? -0.007  13.915  8.068   1.00 23.46  ? 174 THR A CA    1 
ATOM   1254 C C     . THR A 1 174 ? 0.164   14.579  6.708   1.00 24.61  ? 174 THR A C     1 
ATOM   1255 O O     . THR A 1 174 ? 0.349   13.892  5.702   1.00 23.46  ? 174 THR A O     1 
ATOM   1256 C CB    . THR A 1 174 ? 0.931   14.561  9.121   1.00 23.85  ? 174 THR A CB    1 
ATOM   1257 O OG1   . THR A 1 174 ? 0.534   15.918  9.354   1.00 23.77  ? 174 THR A OG1   1 
ATOM   1258 C CG2   . THR A 1 174 ? 2.379   14.523  8.652   1.00 23.37  ? 174 THR A CG2   1 
ATOM   1259 N N     . SER A 1 175 ? 0.097   15.906  6.669   1.00 24.32  ? 175 SER A N     1 
ATOM   1260 C CA    . SER A 1 175 ? 0.234   16.623  5.406   1.00 26.16  ? 175 SER A CA    1 
ATOM   1261 C C     . SER A 1 175 ? 0.618   18.083  5.606   1.00 28.26  ? 175 SER A C     1 
ATOM   1262 O O     . SER A 1 175 ? 0.635   18.584  6.731   1.00 27.46  ? 175 SER A O     1 
ATOM   1263 C CB    . SER A 1 175 ? -1.085  16.557  4.626   1.00 26.75  ? 175 SER A CB    1 
ATOM   1264 O OG    . SER A 1 175 ? -2.142  17.152  5.365   1.00 26.11  ? 175 SER A OG    1 
ATOM   1265 N N     . ILE A 1 176 ? 0.923   18.757  4.501   1.00 30.34  ? 176 ILE A N     1 
ATOM   1266 C CA    . ILE A 1 176 ? 1.282   20.174  4.536   1.00 34.47  ? 176 ILE A CA    1 
ATOM   1267 C C     . ILE A 1 176 ? 0.302   20.938  3.649   1.00 36.49  ? 176 ILE A C     1 
ATOM   1268 O O     . ILE A 1 176 ? -0.437  20.334  2.872   1.00 34.24  ? 176 ILE A O     1 
ATOM   1269 C CB    . ILE A 1 176 ? 2.715   20.420  4.001   1.00 34.83  ? 176 ILE A CB    1 
ATOM   1270 C CG1   . ILE A 1 176 ? 2.810   19.983  2.537   1.00 35.41  ? 176 ILE A CG1   1 
ATOM   1271 C CG2   . ILE A 1 176 ? 3.728   19.668  4.855   1.00 36.30  ? 176 ILE A CG2   1 
ATOM   1272 C CD1   . ILE A 1 176 ? 4.161   20.255  1.896   1.00 36.75  ? 176 ILE A CD1   1 
ATOM   1273 N N     . ARG A 1 177 ? 0.296   22.263  3.767   1.00 39.99  ? 177 ARG A N     1 
ATOM   1274 C CA    . ARG A 1 177 ? -0.592  23.095  2.960   1.00 43.69  ? 177 ARG A CA    1 
ATOM   1275 C C     . ARG A 1 177 ? 0.035   23.342  1.596   1.00 45.69  ? 177 ARG A C     1 
ATOM   1276 O O     . ARG A 1 177 ? 1.257   23.361  1.464   1.00 45.49  ? 177 ARG A O     1 
ATOM   1277 C CB    . ARG A 1 177 ? -0.839  24.440  3.645   1.00 44.18  ? 177 ARG A CB    1 
ATOM   1278 C CG    . ARG A 1 177 ? -1.508  24.342  4.997   1.00 45.00  ? 177 ARG A CG    1 
ATOM   1279 C CD    . ARG A 1 177 ? -1.698  25.722  5.599   1.00 47.35  ? 177 ARG A CD    1 
ATOM   1280 N NE    . ARG A 1 177 ? -2.332  25.662  6.910   1.00 48.58  ? 177 ARG A NE    1 
ATOM   1281 C CZ    . ARG A 1 177 ? -2.580  26.726  7.668   1.00 49.24  ? 177 ARG A CZ    1 
ATOM   1282 N NH1   . ARG A 1 177 ? -2.246  27.938  7.244   1.00 48.32  ? 177 ARG A NH1   1 
ATOM   1283 N NH2   . ARG A 1 177 ? -3.159  26.575  8.851   1.00 48.67  ? 177 ARG A NH2   1 
ATOM   1284 N N     . PRO A 1 178 ? -0.796  23.539  0.562   1.00 48.98  ? 178 PRO A N     1 
ATOM   1285 C CA    . PRO A 1 178 ? -0.303  23.788  -0.797  1.00 52.35  ? 178 PRO A CA    1 
ATOM   1286 C C     . PRO A 1 178 ? 0.742   24.905  -0.865  1.00 56.11  ? 178 PRO A C     1 
ATOM   1287 O O     . PRO A 1 178 ? 1.755   24.780  -1.554  1.00 56.53  ? 178 PRO A O     1 
ATOM   1288 C CB    . PRO A 1 178 ? -1.575  24.139  -1.559  1.00 51.89  ? 178 PRO A CB    1 
ATOM   1289 C CG    . PRO A 1 178 ? -2.604  23.287  -0.882  1.00 50.13  ? 178 PRO A CG    1 
ATOM   1290 C CD    . PRO A 1 178 ? -2.269  23.476  0.581   1.00 48.92  ? 178 PRO A CD    1 
ATOM   1291 N N     . GLU A 1 179 ? 0.491   25.992  -0.141  1.00 59.62  ? 179 GLU A N     1 
ATOM   1292 C CA    . GLU A 1 179 ? 1.402   27.133  -0.126  1.00 63.66  ? 179 GLU A CA    1 
ATOM   1293 C C     . GLU A 1 179 ? 2.823   26.719  0.249   1.00 65.30  ? 179 GLU A C     1 
ATOM   1294 O O     . GLU A 1 179 ? 3.794   27.132  -0.391  1.00 65.50  ? 179 GLU A O     1 
ATOM   1295 C CB    . GLU A 1 179 ? 0.909   28.193  0.865   1.00 65.15  ? 179 GLU A CB    1 
ATOM   1296 C CG    . GLU A 1 179 ? -0.559  28.571  0.719   1.00 67.81  ? 179 GLU A CG    1 
ATOM   1297 C CD    . GLU A 1 179 ? -1.494  27.547  1.338   1.00 69.20  ? 179 GLU A CD    1 
ATOM   1298 O OE1   . GLU A 1 179 ? -1.407  27.325  2.565   1.00 70.91  ? 179 GLU A OE1   1 
ATOM   1299 O OE2   . GLU A 1 179 ? -2.319  26.967  0.602   1.00 70.15  ? 179 GLU A OE2   1 
ATOM   1300 N N     . GLU A 1 180 ? 2.940   25.907  1.294   1.00 66.83  ? 180 GLU A N     1 
ATOM   1301 C CA    . GLU A 1 180 ? 4.238   25.443  1.765   1.00 68.07  ? 180 GLU A CA    1 
ATOM   1302 C C     . GLU A 1 180 ? 4.677   24.164  1.067   1.00 67.92  ? 180 GLU A C     1 
ATOM   1303 O O     . GLU A 1 180 ? 5.873   23.920  0.897   1.00 68.14  ? 180 GLU A O     1 
ATOM   1304 C CB    . GLU A 1 180 ? 4.191   25.221  3.279   1.00 69.28  ? 180 GLU A CB    1 
ATOM   1305 C CG    . GLU A 1 180 ? 3.042   24.339  3.738   1.00 71.24  ? 180 GLU A CG    1 
ATOM   1306 C CD    . GLU A 1 180 ? 2.983   24.201  5.245   1.00 71.77  ? 180 GLU A CD    1 
ATOM   1307 O OE1   . GLU A 1 180 ? 2.894   25.238  5.934   1.00 72.38  ? 180 GLU A OE1   1 
ATOM   1308 O OE2   . GLU A 1 180 ? 3.023   23.054  5.739   1.00 72.95  ? 180 GLU A OE2   1 
HETATM 1309 C C1    . DIO B 2 .   ? -10.050 -16.249 -3.509  1.00 53.80  ? 791 DIO A C1    1 
HETATM 1310 C C2    . DIO B 2 .   ? -9.095  -15.242 -5.467  1.00 54.23  ? 791 DIO A C2    1 
HETATM 1311 C "C1'" . DIO B 2 .   ? -9.823  -14.949 -2.731  1.00 53.12  ? 791 DIO A "C1'" 1 
HETATM 1312 C "C2'" . DIO B 2 .   ? -8.857  -13.918 -4.687  1.00 52.89  ? 791 DIO A "C2'" 1 
HETATM 1313 O O1    . DIO B 2 .   ? -9.030  -16.369 -4.542  1.00 54.29  ? 791 DIO A O1    1 
HETATM 1314 O "O1'" . DIO B 2 .   ? -9.883  -13.810 -3.658  1.00 54.45  ? 791 DIO A "O1'" 1 
HETATM 1315 C C1    . DIO C 2 .   ? -0.702  -18.032 10.514  1.00 54.79  ? 792 DIO A C1    1 
HETATM 1316 C C2    . DIO C 2 .   ? -1.140  -20.274 9.793   1.00 55.88  ? 792 DIO A C2    1 
HETATM 1317 C "C1'" . DIO C 2 .   ? 0.810   -18.287 10.384  1.00 54.79  ? 792 DIO A "C1'" 1 
HETATM 1318 C "C2'" . DIO C 2 .   ? 0.384   -20.550 9.666   1.00 55.59  ? 792 DIO A "C2'" 1 
HETATM 1319 O O1    . DIO C 2 .   ? -1.371  -19.274 10.835  1.00 55.52  ? 792 DIO A O1    1 
HETATM 1320 O "O1'" . DIO C 2 .   ? 1.042   -19.290 9.335   1.00 54.92  ? 792 DIO A "O1'" 1 
HETATM 1321 O O     . HOH D 3 .   ? 6.225   -15.284 4.941   1.00 17.24  ? 793 HOH A O     1 
HETATM 1322 O O     . HOH D 3 .   ? -0.227  2.531   13.577  1.00 19.54  ? 794 HOH A O     1 
HETATM 1323 O O     . HOH D 3 .   ? 14.125  8.022   3.059   1.00 16.81  ? 795 HOH A O     1 
HETATM 1324 O O     . HOH D 3 .   ? 4.134   2.224   4.709   1.00 17.75  ? 796 HOH A O     1 
HETATM 1325 O O     . HOH D 3 .   ? -0.924  -18.908 -3.836  1.00 18.97  ? 797 HOH A O     1 
HETATM 1326 O O     . HOH D 3 .   ? 12.020  -17.193 -9.005  1.00 23.50  ? 798 HOH A O     1 
HETATM 1327 O O     . HOH D 3 .   ? 7.261   -12.476 -6.178  1.00 22.55  ? 799 HOH A O     1 
HETATM 1328 O O     . HOH D 3 .   ? -5.217  -12.626 -5.064  1.00 17.40  ? 800 HOH A O     1 
HETATM 1329 O O     . HOH D 3 .   ? -9.399  2.521   -7.539  1.00 25.56  ? 801 HOH A O     1 
HETATM 1330 O O     . HOH D 3 .   ? -8.997  12.315  -3.984  1.00 22.54  ? 802 HOH A O     1 
HETATM 1331 O O     . HOH D 3 .   ? -11.829 -1.648  0.981   1.00 25.47  ? 803 HOH A O     1 
HETATM 1332 O O     . HOH D 3 .   ? 2.229   3.688   13.333  1.00 21.28  ? 804 HOH A O     1 
HETATM 1333 O O     . HOH D 3 .   ? 6.714   4.191   -2.683  1.00 25.67  ? 805 HOH A O     1 
HETATM 1334 O O     . HOH D 3 .   ? -0.795  4.489   -8.964  1.00 40.96  ? 806 HOH A O     1 
HETATM 1335 O O     . HOH D 3 .   ? 12.357  12.044  9.564   1.00 25.27  ? 807 HOH A O     1 
HETATM 1336 O O     . HOH D 3 .   ? -13.374 -2.494  4.322   1.00 44.30  ? 808 HOH A O     1 
HETATM 1337 O O     . HOH D 3 .   ? -1.050  9.278   16.145  1.00 21.73  ? 809 HOH A O     1 
HETATM 1338 O O     . HOH D 3 .   ? -10.709 5.481   -3.583  1.00 21.78  ? 810 HOH A O     1 
HETATM 1339 O O     . HOH D 3 .   ? -0.911  -5.187  12.694  1.00 29.93  ? 811 HOH A O     1 
HETATM 1340 O O     . HOH D 3 .   ? 1.378   13.429  -1.624  1.00 28.49  ? 812 HOH A O     1 
HETATM 1341 O O     . HOH D 3 .   ? -6.765  -7.307  -9.822  1.00 35.22  ? 813 HOH A O     1 
HETATM 1342 O O     . HOH D 3 .   ? -0.308  -0.085  13.116  1.00 26.59  ? 814 HOH A O     1 
HETATM 1343 O O     . HOH D 3 .   ? 0.158   11.682  -4.187  1.00 34.24  ? 815 HOH A O     1 
HETATM 1344 O O     . HOH D 3 .   ? 5.992   -18.527 -5.337  1.00 25.76  ? 816 HOH A O     1 
HETATM 1345 O O     . HOH D 3 .   ? -9.687  3.779   -10.547 1.00 23.57  ? 817 HOH A O     1 
HETATM 1346 O O     . HOH D 3 .   ? -11.419 4.425   5.585   1.00 40.79  ? 818 HOH A O     1 
HETATM 1347 O O     . HOH D 3 .   ? -4.941  -21.392 4.482   1.00 37.20  ? 819 HOH A O     1 
HETATM 1348 O O     . HOH D 3 .   ? -7.576  -11.800 -10.492 1.00 29.12  ? 820 HOH A O     1 
HETATM 1349 O O     . HOH D 3 .   ? -12.096 -1.267  -1.761  1.00 27.24  ? 821 HOH A O     1 
HETATM 1350 O O     . HOH D 3 .   ? -3.289  -19.969 -2.672  1.00 31.72  ? 822 HOH A O     1 
HETATM 1351 O O     . HOH D 3 .   ? -9.545  3.661   11.646  1.00 29.29  ? 823 HOH A O     1 
HETATM 1352 O O     . HOH D 3 .   ? 10.877  -13.208 0.197   1.00 31.22  ? 824 HOH A O     1 
HETATM 1353 O O     . HOH D 3 .   ? 6.299   -10.145 -16.082 1.00 32.48  ? 825 HOH A O     1 
HETATM 1354 O O     . HOH D 3 .   ? -0.920  18.090  -3.507  1.00 46.63  ? 826 HOH A O     1 
HETATM 1355 O O     . HOH D 3 .   ? 5.016   11.317  0.370   1.00 34.87  ? 827 HOH A O     1 
HETATM 1356 O O     . HOH D 3 .   ? 7.923   6.669   -1.084  1.00 36.68  ? 828 HOH A O     1 
HETATM 1357 O O     . HOH D 3 .   ? -13.269 -15.086 -0.947  1.00 38.74  ? 829 HOH A O     1 
HETATM 1358 O O     . HOH D 3 .   ? -1.561  13.342  11.849  1.00 34.85  ? 830 HOH A O     1 
HETATM 1359 O O     . HOH D 3 .   ? -9.185  13.826  2.756   1.00 41.54  ? 831 HOH A O     1 
HETATM 1360 O O     . HOH D 3 .   ? -10.695 -12.790 9.826   1.00 38.43  ? 832 HOH A O     1 
HETATM 1361 O O     . HOH D 3 .   ? -4.208  -2.757  -16.015 1.00 49.76  ? 833 HOH A O     1 
HETATM 1362 O O     . HOH D 3 .   ? -10.110 18.167  7.336   1.00 67.92  ? 834 HOH A O     1 
HETATM 1363 O O     . HOH D 3 .   ? -5.033  22.673  6.384   1.00 40.19  ? 835 HOH A O     1 
HETATM 1364 O O     . HOH D 3 .   ? -11.928 -1.407  -6.634  1.00 37.42  ? 836 HOH A O     1 
HETATM 1365 O O     . HOH D 3 .   ? -7.876  13.799  7.712   1.00 39.82  ? 837 HOH A O     1 
HETATM 1366 O O     . HOH D 3 .   ? -9.114  16.459  -4.058  1.00 37.79  ? 838 HOH A O     1 
HETATM 1367 O O     . HOH D 3 .   ? -6.860  -18.812 -11.797 1.00 43.35  ? 839 HOH A O     1 
HETATM 1368 O O     . HOH D 3 .   ? -10.780 -10.256 -7.057  1.00 40.75  ? 840 HOH A O     1 
HETATM 1369 O O     . HOH D 3 .   ? -12.049 -7.053  9.398   1.00 30.27  ? 841 HOH A O     1 
HETATM 1370 O O     . HOH D 3 .   ? 10.783  7.171   -2.651  1.00 53.23  ? 842 HOH A O     1 
HETATM 1371 O O     . HOH D 3 .   ? -11.471 1.718   10.690  1.00 41.99  ? 843 HOH A O     1 
HETATM 1372 O O     . HOH D 3 .   ? 6.801   3.386   -14.934 1.00 61.62  ? 844 HOH A O     1 
HETATM 1373 O O     . HOH D 3 .   ? -3.638  13.236  -11.839 1.00 41.54  ? 845 HOH A O     1 
HETATM 1374 O O     . HOH D 3 .   ? -1.683  -21.101 -5.107  1.00 44.53  ? 846 HOH A O     1 
HETATM 1375 O O     . HOH D 3 .   ? -12.509 -2.801  13.892  1.00 48.49  ? 847 HOH A O     1 
HETATM 1376 O O     . HOH D 3 .   ? 8.458   18.224  -1.510  1.00 52.12  ? 848 HOH A O     1 
HETATM 1377 O O     . HOH D 3 .   ? -12.553 -4.005  1.671   1.00 46.46  ? 849 HOH A O     1 
HETATM 1378 O O     . HOH D 3 .   ? -15.239 -13.832 2.173   1.00 52.57  ? 850 HOH A O     1 
HETATM 1379 O O     . HOH D 3 .   ? -4.820  -7.604  -12.183 1.00 35.09  ? 851 HOH A O     1 
HETATM 1380 O O     . HOH D 3 .   ? 5.754   17.284  10.022  1.00 37.15  ? 852 HOH A O     1 
HETATM 1381 O O     . HOH D 3 .   ? -10.696 -18.474 0.158   1.00 39.30  ? 853 HOH A O     1 
HETATM 1382 O O     . HOH D 3 .   ? 2.282   -13.383 -21.634 1.00 44.72  ? 854 HOH A O     1 
HETATM 1383 O O     . HOH D 3 .   ? -8.418  14.426  10.555  1.00 44.74  ? 855 HOH A O     1 
HETATM 1384 O O     . HOH D 3 .   ? -1.960  -2.475  12.701  1.00 50.45  ? 856 HOH A O     1 
HETATM 1385 O O     . HOH D 3 .   ? -11.913 2.720   -3.730  1.00 33.66  ? 857 HOH A O     1 
HETATM 1386 O O     . HOH D 3 .   ? -11.554 1.338   -6.038  1.00 33.19  ? 858 HOH A O     1 
HETATM 1387 O O     . HOH D 3 .   ? -13.138 0.681   1.858   1.00 29.55  ? 859 HOH A O     1 
HETATM 1388 O O     . HOH D 3 .   ? 8.060   16.377  10.488  1.00 33.11  ? 860 HOH A O     1 
HETATM 1389 O O     . HOH D 3 .   ? 5.865   -21.046 -6.195  1.00 41.98  ? 861 HOH A O     1 
HETATM 1390 O O     . HOH D 3 .   ? -7.294  10.285  12.757  1.00 27.94  ? 862 HOH A O     1 
HETATM 1391 O O     . HOH D 3 .   ? 4.061   12.724  -1.929  1.00 51.80  ? 863 HOH A O     1 
HETATM 1392 O O     . HOH D 3 .   ? 1.313   -4.830  14.649  1.00 42.97  ? 864 HOH A O     1 
HETATM 1393 O O     . HOH D 3 .   ? 6.908   5.260   -16.670 1.00 49.40  ? 865 HOH A O     1 
HETATM 1394 O O     . HOH D 3 .   ? -8.627  -13.033 11.286  1.00 34.69  ? 866 HOH A O     1 
HETATM 1395 O O     . HOH D 3 .   ? -2.927  12.828  13.813  1.00 47.45  ? 867 HOH A O     1 
HETATM 1396 O O     . HOH D 3 .   ? -6.819  -2.608  -14.672 1.00 59.45  ? 868 HOH A O     1 
HETATM 1397 O O     . HOH D 3 .   ? 0.785   -14.155 -19.738 1.00 50.82  ? 869 HOH A O     1 
HETATM 1398 O O     . HOH D 3 .   ? 7.816   -19.152 -3.089  1.00 38.19  ? 870 HOH A O     1 
HETATM 1399 O O     . HOH D 3 .   ? 3.211   3.305   16.026  1.00 31.33  ? 871 HOH A O     1 
HETATM 1400 O O     . HOH D 3 .   ? 10.148  4.560   -3.303  1.00 43.81  ? 872 HOH A O     1 
HETATM 1401 O O     . HOH D 3 .   ? -12.191 -1.137  -9.741  1.00 53.54  ? 873 HOH A O     1 
HETATM 1402 O O     . HOH D 3 .   ? 10.716  11.428  -2.672  1.00 43.03  ? 875 HOH A O     1 
HETATM 1403 O O     . HOH D 3 .   ? 15.400  -10.730 -9.769  1.00 50.37  ? 876 HOH A O     1 
HETATM 1404 O O     . HOH D 3 .   ? -7.759  -18.533 -7.007  1.00 46.19  ? 877 HOH A O     1 
HETATM 1405 O O     . HOH D 3 .   ? -13.225 -10.254 8.924   1.00 56.73  ? 878 HOH A O     1 
HETATM 1406 O O     . HOH D 3 .   ? 8.916   -10.691 -15.779 1.00 48.48  ? 879 HOH A O     1 
HETATM 1407 O O     . HOH D 3 .   ? -13.647 -12.452 -1.238  1.00 36.20  ? 880 HOH A O     1 
HETATM 1408 O O     . HOH D 3 .   ? -11.806 1.772   -10.510 1.00 45.20  ? 881 HOH A O     1 
HETATM 1409 O O     . HOH D 3 .   ? 14.414  -8.739  -2.041  1.00 40.48  ? 882 HOH A O     1 
HETATM 1410 O O     . HOH D 3 .   ? -3.907  -23.815 3.679   1.00 51.22  ? 883 HOH A O     1 
HETATM 1411 O O     . HOH D 3 .   ? -6.895  -10.122 11.715  1.00 49.75  ? 884 HOH A O     1 
HETATM 1412 O O     . HOH D 3 .   ? -10.945 5.454   -12.248 1.00 32.57  ? 885 HOH A O     1 
HETATM 1413 O O     . HOH D 3 .   ? -2.733  7.831   17.723  1.00 35.90  ? 886 HOH A O     1 
HETATM 1414 O O     . HOH D 3 .   ? -7.440  -21.014 5.995   1.00 46.61  ? 887 HOH A O     1 
HETATM 1415 O O     . HOH D 3 .   ? -8.879  11.719  6.235   1.00 50.52  ? 888 HOH A O     1 
HETATM 1416 O O     . HOH D 3 .   ? 6.112   19.878  10.030  1.00 44.60  ? 889 HOH A O     1 
HETATM 1417 O O     . HOH D 3 .   ? -5.211  -13.238 -12.585 1.00 34.80  ? 890 HOH A O     1 
HETATM 1418 O O     . HOH D 3 .   ? 5.026   -1.435  10.150  1.00 120.35 ? 891 HOH A O     1 
HETATM 1419 O O     . HOH D 3 .   ? -4.585  9.484   19.064  1.00 49.53  ? 892 HOH A O     1 
HETATM 1420 O O     . HOH D 3 .   ? -2.330  -6.158  14.857  1.00 55.30  ? 893 HOH A O     1 
HETATM 1421 O O     . HOH D 3 .   ? -15.346 -1.509  5.901   1.00 53.09  ? 894 HOH A O     1 
HETATM 1422 O O     . HOH D 3 .   ? -0.074  -23.498 2.685   1.00 48.00  ? 895 HOH A O     1 
HETATM 1423 O O     . HOH D 3 .   ? -14.015 -5.551  8.647   1.00 56.71  ? 896 HOH A O     1 
HETATM 1424 O O     . HOH D 3 .   ? -1.301  20.036  0.441   1.00 37.98  ? 897 HOH A O     1 
HETATM 1425 O O     . HOH D 3 .   ? -0.986  13.767  -11.783 1.00 50.57  ? 898 HOH A O     1 
HETATM 1426 O O     . HOH D 3 .   ? 3.829   18.344  18.289  1.00 51.63  ? 899 HOH A O     1 
HETATM 1427 O O     . HOH D 3 .   ? -9.085  3.064   -17.840 1.00 46.27  ? 900 HOH A O     1 
HETATM 1428 O O     . HOH D 3 .   ? 11.974  16.659  9.480   1.00 45.65  ? 901 HOH A O     1 
HETATM 1429 O O     . HOH D 3 .   ? 15.113  -15.047 -8.402  1.00 46.24  ? 902 HOH A O     1 
HETATM 1430 O O     . HOH D 3 .   ? -9.267  -11.215 -8.695  1.00 57.67  ? 903 HOH A O     1 
HETATM 1431 O O     . HOH D 3 .   ? -5.180  -20.923 -6.112  1.00 44.50  ? 904 HOH A O     1 
HETATM 1432 O O     . HOH D 3 .   ? -1.354  18.942  -5.824  1.00 58.18  ? 905 HOH A O     1 
HETATM 1433 O O     . HOH D 3 .   ? -12.850 -7.421  -2.106  1.00 46.04  ? 906 HOH A O     1 
HETATM 1434 O O     . HOH D 3 .   ? -13.704 -8.248  0.475   1.00 47.06  ? 907 HOH A O     1 
HETATM 1435 O O     . HOH D 3 .   ? 0.094   -8.448  -18.971 1.00 40.92  ? 908 HOH A O     1 
HETATM 1436 O O     . HOH D 3 .   ? -2.423  -19.893 -12.824 1.00 46.44  ? 909 HOH A O     1 
HETATM 1437 O O     . HOH D 3 .   ? -13.713 5.549   -11.934 1.00 50.62  ? 910 HOH A O     1 
HETATM 1438 O O     . HOH D 3 .   ? 13.932  17.770  8.102   1.00 56.49  ? 911 HOH A O     1 
HETATM 1439 O O     . HOH D 3 .   ? 0.612   15.402  -3.910  1.00 38.79  ? 912 HOH A O     1 
HETATM 1440 O O     . HOH D 3 .   ? 13.523  14.559  24.716  1.00 44.55  ? 914 HOH A O     1 
HETATM 1441 O O     . HOH D 3 .   ? 12.554  15.530  22.487  1.00 62.45  ? 915 HOH A O     1 
HETATM 1442 O O     . HOH D 3 .   ? 1.826   8.027   17.655  1.00 47.70  ? 916 HOH A O     1 
HETATM 1443 O O     . HOH D 3 .   ? -9.657  -12.081 -1.475  1.00 86.14  ? 917 HOH A O     1 
HETATM 1444 O O     . HOH D 3 .   ? 6.461   -21.248 -2.139  1.00 48.13  ? 919 HOH A O     1 
HETATM 1445 O O     . HOH D 3 .   ? -1.029  -9.069  15.235  1.00 49.46  ? 920 HOH A O     1 
HETATM 1446 O O     . HOH D 3 .   ? 12.475  -8.973  -4.802  1.00 36.40  ? 921 HOH A O     1 
HETATM 1447 O O     . HOH D 3 .   ? 2.935   -7.219  -20.565 1.00 53.93  ? 922 HOH A O     1 
# 
loop_
_pdbx_poly_seq_scheme.asym_id 
_pdbx_poly_seq_scheme.entity_id 
_pdbx_poly_seq_scheme.seq_id 
_pdbx_poly_seq_scheme.mon_id 
_pdbx_poly_seq_scheme.ndb_seq_num 
_pdbx_poly_seq_scheme.pdb_seq_num 
_pdbx_poly_seq_scheme.auth_seq_num 
_pdbx_poly_seq_scheme.pdb_mon_id 
_pdbx_poly_seq_scheme.auth_mon_id 
_pdbx_poly_seq_scheme.pdb_strand_id 
_pdbx_poly_seq_scheme.pdb_ins_code 
_pdbx_poly_seq_scheme.hetero 
A 1 1   MET 1   1   ?   ?   ?   A . n 
A 1 2   LYS 2   2   ?   ?   ?   A . n 
A 1 3   GLY 3   3   3   GLY GLY A . n 
A 1 4   MET 4   4   4   MET MET A . n 
A 1 5   PHE 5   5   5   PHE PHE A . n 
A 1 6   THR 6   6   6   THR THR A . n 
A 1 7   PRO 7   7   7   PRO PRO A . n 
A 1 8   GLY 8   8   8   GLY GLY A . n 
A 1 9   ASN 9   9   9   ASN ASN A . n 
A 1 10  GLY 10  10  10  GLY GLY A . n 
A 1 11  PRO 11  11  11  PRO PRO A . n 
A 1 12  VAL 12  12  12  VAL VAL A . n 
A 1 13  GLN 13  13  13  GLN GLN A . n 
A 1 14  ILE 14  14  14  ILE ILE A . n 
A 1 15  SER 15  15  15  SER SER A . n 
A 1 16  ALA 16  16  16  ALA ALA A . n 
A 1 17  GLU 17  17  17  GLU GLU A . n 
A 1 18  ALA 18  18  18  ALA ALA A . n 
A 1 19  ILE 19  19  19  ILE ILE A . n 
A 1 20  LYS 20  20  20  LYS LYS A . n 
A 1 21  LYS 21  21  21  LYS LYS A . n 
A 1 22  ARG 22  22  22  ARG ARG A . n 
A 1 23  VAL 23  23  23  VAL VAL A . n 
A 1 24  GLU 24  24  24  GLU GLU A . n 
A 1 25  GLU 25  25  25  GLU GLU A . n 
A 1 26  LEU 26  26  26  LEU LEU A . n 
A 1 27  GLY 27  27  27  GLY GLY A . n 
A 1 28  GLY 28  28  28  GLY GLY A . n 
A 1 29  GLU 29  29  29  GLU GLU A . n 
A 1 30  ILE 30  30  30  ILE ILE A . n 
A 1 31  ALA 31  31  31  ALA ALA A . n 
A 1 32  ARG 32  32  32  ARG ARG A . n 
A 1 33  ASP 33  33  33  ASP ASP A . n 
A 1 34  TYR 34  34  34  TYR TYR A . n 
A 1 35  GLN 35  35  35  GLN GLN A . n 
A 1 36  GLY 36  36  36  GLY GLY A . n 
A 1 37  LYS 37  37  37  LYS LYS A . n 
A 1 38  THR 38  38  38  THR THR A . n 
A 1 39  PRO 39  39  39  PRO PRO A . n 
A 1 40  HIS 40  40  40  HIS HIS A . n 
A 1 41  LEU 41  41  41  LEU LEU A . n 
A 1 42  ILE 42  42  42  ILE ILE A . n 
A 1 43  CYS 43  43  43  CYS CYS A . n 
A 1 44  VAL 44  44  44  VAL VAL A . n 
A 1 45  LEU 45  45  45  LEU LEU A . n 
A 1 46  ASN 46  46  46  ASN ASN A . n 
A 1 47  GLY 47  47  47  GLY GLY A . n 
A 1 48  ALA 48  48  48  ALA ALA A . n 
A 1 49  PHE 49  49  49  PHE PHE A . n 
A 1 50  ILE 50  50  50  ILE ILE A . n 
A 1 51  PHE 51  51  51  PHE PHE A . n 
A 1 52  MET 52  52  52  MET MET A . n 
A 1 53  ALA 53  53  53  ALA ALA A . n 
A 1 54  ASP 54  54  54  ASP ASP A . n 
A 1 55  LEU 55  55  55  LEU LEU A . n 
A 1 56  VAL 56  56  56  VAL VAL A . n 
A 1 57  ARG 57  57  57  ARG ARG A . n 
A 1 58  ALA 58  58  58  ALA ALA A . n 
A 1 59  ILE 59  59  59  ILE ILE A . n 
A 1 60  PRO 60  60  60  PRO PRO A . n 
A 1 61  LEU 61  61  61  LEU LEU A . n 
A 1 62  PRO 62  62  62  PRO PRO A . n 
A 1 63  LEU 63  63  63  LEU LEU A . n 
A 1 64  THR 64  64  64  THR THR A . n 
A 1 65  MET 65  65  65  MET MET A . n 
A 1 66  ASP 66  66  66  ASP ASP A . n 
A 1 67  PHE 67  67  67  PHE PHE A . n 
A 1 68  ILE 68  68  68  ILE ILE A . n 
A 1 69  ALA 69  69  69  ALA ALA A . n 
A 1 70  ILE 70  70  70  ILE ILE A . n 
A 1 71  SER 71  71  71  SER SER A . n 
A 1 72  SER 72  72  ?   ?   ?   A . n 
A 1 73  TYR 73  73  ?   ?   ?   A . n 
A 1 74  GLY 74  74  ?   ?   ?   A . n 
A 1 75  ASN 75  75  ?   ?   ?   A . n 
A 1 76  ALA 76  76  ?   ?   ?   A . n 
A 1 77  PHE 77  77  ?   ?   ?   A . n 
A 1 78  LYS 78  78  ?   ?   ?   A . n 
A 1 79  SER 79  79  ?   ?   ?   A . n 
A 1 80  SER 80  80  ?   ?   ?   A . n 
A 1 81  GLY 81  81  ?   ?   ?   A . n 
A 1 82  GLU 82  82  ?   ?   ?   A . n 
A 1 83  VAL 83  83  ?   ?   ?   A . n 
A 1 84  GLU 84  84  84  GLU GLU A . n 
A 1 85  LEU 85  85  85  LEU LEU A . n 
A 1 86  LEU 86  86  86  LEU LEU A . n 
A 1 87  LYS 87  87  87  LYS LYS A . n 
A 1 88  ASP 88  88  88  ASP ASP A . n 
A 1 89  LEU 89  89  89  LEU LEU A . n 
A 1 90  ARG 90  90  90  ARG ARG A . n 
A 1 91  LEU 91  91  91  LEU LEU A . n 
A 1 92  PRO 92  92  92  PRO PRO A . n 
A 1 93  ILE 93  93  93  ILE ILE A . n 
A 1 94  HIS 94  94  94  HIS HIS A . n 
A 1 95  GLY 95  95  95  GLY GLY A . n 
A 1 96  ARG 96  96  96  ARG ARG A . n 
A 1 97  ASP 97  97  97  ASP ASP A . n 
A 1 98  VAL 98  98  98  VAL VAL A . n 
A 1 99  ILE 99  99  99  ILE ILE A . n 
A 1 100 VAL 100 100 100 VAL VAL A . n 
A 1 101 VAL 101 101 101 VAL VAL A . n 
A 1 102 GLU 102 102 102 GLU GLU A . n 
A 1 103 ASP 103 103 103 ASP ASP A . n 
A 1 104 ILE 104 104 104 ILE ILE A . n 
A 1 105 VAL 105 105 105 VAL VAL A . n 
A 1 106 ASP 106 106 106 ASP ASP A . n 
A 1 107 THR 107 107 107 THR THR A . n 
A 1 108 GLY 108 108 108 GLY GLY A . n 
A 1 109 LEU 109 109 109 LEU LEU A . n 
A 1 110 THR 110 110 110 THR THR A . n 
A 1 111 LEU 111 111 111 LEU LEU A . n 
A 1 112 SER 112 112 112 SER SER A . n 
A 1 113 TYR 113 113 113 TYR TYR A . n 
A 1 114 LEU 114 114 114 LEU LEU A . n 
A 1 115 LEU 115 115 115 LEU LEU A . n 
A 1 116 ASP 116 116 116 ASP ASP A . n 
A 1 117 TYR 117 117 117 TYR TYR A . n 
A 1 118 LEU 118 118 118 LEU LEU A . n 
A 1 119 GLU 119 119 119 GLU GLU A . n 
A 1 120 ALA 120 120 120 ALA ALA A . n 
A 1 121 ARG 121 121 121 ARG ARG A . n 
A 1 122 LYS 122 122 122 LYS LYS A . n 
A 1 123 PRO 123 123 123 PRO PRO A . n 
A 1 124 ALA 124 124 124 ALA ALA A . n 
A 1 125 SER 125 125 125 SER SER A . n 
A 1 126 VAL 126 126 126 VAL VAL A . n 
A 1 127 ARG 127 127 127 ARG ARG A . n 
A 1 128 VAL 128 128 128 VAL VAL A . n 
A 1 129 ALA 129 129 129 ALA ALA A . n 
A 1 130 ALA 130 130 130 ALA ALA A . n 
A 1 131 LEU 131 131 131 LEU LEU A . n 
A 1 132 LEU 132 132 132 LEU LEU A . n 
A 1 133 SER 133 133 133 SER SER A . n 
A 1 134 LYS 134 134 134 LYS LYS A . n 
A 1 135 PRO 135 135 135 PRO PRO A . n 
A 1 136 SER 136 136 136 SER SER A . n 
A 1 137 ARG 137 137 137 ARG ARG A . n 
A 1 138 ARG 138 138 138 ARG ARG A . n 
A 1 139 GLN 139 139 139 GLN GLN A . n 
A 1 140 VAL 140 140 140 VAL VAL A . n 
A 1 141 GLU 141 141 141 GLU GLU A . n 
A 1 142 VAL 142 142 142 VAL VAL A . n 
A 1 143 PRO 143 143 143 PRO PRO A . n 
A 1 144 ILE 144 144 144 ILE ILE A . n 
A 1 145 HIS 145 145 145 HIS HIS A . n 
A 1 146 TYR 146 146 146 TYR TYR A . n 
A 1 147 LEU 147 147 147 LEU LEU A . n 
A 1 148 GLY 148 148 148 GLY GLY A . n 
A 1 149 PHE 149 149 149 PHE PHE A . n 
A 1 150 GLU 150 150 150 GLU GLU A . n 
A 1 151 ILE 151 151 151 ILE ILE A . n 
A 1 152 GLU 152 152 152 GLU GLU A . n 
A 1 153 ASP 153 153 153 ASP ASP A . n 
A 1 154 ALA 154 154 154 ALA ALA A . n 
A 1 155 TYR 155 155 155 TYR TYR A . n 
A 1 156 VAL 156 156 156 VAL VAL A . n 
A 1 157 TYR 157 157 157 TYR TYR A . n 
A 1 158 GLY 158 158 158 GLY GLY A . n 
A 1 159 TYR 159 159 159 TYR TYR A . n 
A 1 160 GLY 160 160 160 GLY GLY A . n 
A 1 161 LEU 161 161 161 LEU LEU A . n 
A 1 162 ASP 162 162 162 ASP ASP A . n 
A 1 163 ARG 163 163 163 ARG ARG A . n 
A 1 164 ALA 164 164 164 ALA ALA A . n 
A 1 165 GLN 165 165 165 GLN GLN A . n 
A 1 166 PHE 166 166 166 PHE PHE A . n 
A 1 167 ASP 167 167 167 ASP ASP A . n 
A 1 168 ARG 168 168 168 ARG ARG A . n 
A 1 169 ASN 169 169 169 ASN ASN A . n 
A 1 170 LEU 170 170 170 LEU LEU A . n 
A 1 171 PRO 171 171 171 PRO PRO A . n 
A 1 172 PHE 172 172 172 PHE PHE A . n 
A 1 173 ILE 173 173 173 ILE ILE A . n 
A 1 174 THR 174 174 174 THR THR A . n 
A 1 175 SER 175 175 175 SER SER A . n 
A 1 176 ILE 176 176 176 ILE ILE A . n 
A 1 177 ARG 177 177 177 ARG ARG A . n 
A 1 178 PRO 178 178 178 PRO PRO A . n 
A 1 179 GLU 179 179 179 GLU GLU A . n 
A 1 180 GLU 180 180 180 GLU GLU A . n 
A 1 181 GLU 181 181 ?   ?   ?   A . n 
# 
_pdbx_SG_project.id                    1 
_pdbx_SG_project.project_name          'NPPSFA, National Project on Protein Structural and Functional Analyses' 
_pdbx_SG_project.full_name_of_center   'RIKEN Structural Genomics/Proteomics Initiative' 
_pdbx_SG_project.initial_of_center     RSGI 
# 
loop_
_pdbx_nonpoly_scheme.asym_id 
_pdbx_nonpoly_scheme.entity_id 
_pdbx_nonpoly_scheme.mon_id 
_pdbx_nonpoly_scheme.ndb_seq_num 
_pdbx_nonpoly_scheme.pdb_seq_num 
_pdbx_nonpoly_scheme.auth_seq_num 
_pdbx_nonpoly_scheme.pdb_mon_id 
_pdbx_nonpoly_scheme.auth_mon_id 
_pdbx_nonpoly_scheme.pdb_strand_id 
_pdbx_nonpoly_scheme.pdb_ins_code 
B 2 DIO 1   791 791 DIO DIO A . 
C 2 DIO 1   792 792 DIO DIO A . 
D 3 HOH 1   793 793 HOH HOH A . 
D 3 HOH 2   794 794 HOH HOH A . 
D 3 HOH 3   795 795 HOH HOH A . 
D 3 HOH 4   796 796 HOH HOH A . 
D 3 HOH 5   797 797 HOH HOH A . 
D 3 HOH 6   798 798 HOH HOH A . 
D 3 HOH 7   799 799 HOH HOH A . 
D 3 HOH 8   800 800 HOH HOH A . 
D 3 HOH 9   801 801 HOH HOH A . 
D 3 HOH 10  802 802 HOH HOH A . 
D 3 HOH 11  803 803 HOH HOH A . 
D 3 HOH 12  804 804 HOH HOH A . 
D 3 HOH 13  805 805 HOH HOH A . 
D 3 HOH 14  806 806 HOH HOH A . 
D 3 HOH 15  807 807 HOH HOH A . 
D 3 HOH 16  808 808 HOH HOH A . 
D 3 HOH 17  809 809 HOH HOH A . 
D 3 HOH 18  810 810 HOH HOH A . 
D 3 HOH 19  811 811 HOH HOH A . 
D 3 HOH 20  812 812 HOH HOH A . 
D 3 HOH 21  813 813 HOH HOH A . 
D 3 HOH 22  814 814 HOH HOH A . 
D 3 HOH 23  815 815 HOH HOH A . 
D 3 HOH 24  816 816 HOH HOH A . 
D 3 HOH 25  817 817 HOH HOH A . 
D 3 HOH 26  818 818 HOH HOH A . 
D 3 HOH 27  819 819 HOH HOH A . 
D 3 HOH 28  820 820 HOH HOH A . 
D 3 HOH 29  821 821 HOH HOH A . 
D 3 HOH 30  822 822 HOH HOH A . 
D 3 HOH 31  823 823 HOH HOH A . 
D 3 HOH 32  824 824 HOH HOH A . 
D 3 HOH 33  825 825 HOH HOH A . 
D 3 HOH 34  826 826 HOH HOH A . 
D 3 HOH 35  827 827 HOH HOH A . 
D 3 HOH 36  828 828 HOH HOH A . 
D 3 HOH 37  829 829 HOH HOH A . 
D 3 HOH 38  830 830 HOH HOH A . 
D 3 HOH 39  831 831 HOH HOH A . 
D 3 HOH 40  832 832 HOH HOH A . 
D 3 HOH 41  833 833 HOH HOH A . 
D 3 HOH 42  834 834 HOH HOH A . 
D 3 HOH 43  835 835 HOH HOH A . 
D 3 HOH 44  836 836 HOH HOH A . 
D 3 HOH 45  837 837 HOH HOH A . 
D 3 HOH 46  838 838 HOH HOH A . 
D 3 HOH 47  839 839 HOH HOH A . 
D 3 HOH 48  840 840 HOH HOH A . 
D 3 HOH 49  841 841 HOH HOH A . 
D 3 HOH 50  842 842 HOH HOH A . 
D 3 HOH 51  843 843 HOH HOH A . 
D 3 HOH 52  844 844 HOH HOH A . 
D 3 HOH 53  845 845 HOH HOH A . 
D 3 HOH 54  846 846 HOH HOH A . 
D 3 HOH 55  847 847 HOH HOH A . 
D 3 HOH 56  848 848 HOH HOH A . 
D 3 HOH 57  849 849 HOH HOH A . 
D 3 HOH 58  850 850 HOH HOH A . 
D 3 HOH 59  851 851 HOH HOH A . 
D 3 HOH 60  852 852 HOH HOH A . 
D 3 HOH 61  853 853 HOH HOH A . 
D 3 HOH 62  854 854 HOH HOH A . 
D 3 HOH 63  855 855 HOH HOH A . 
D 3 HOH 64  856 856 HOH HOH A . 
D 3 HOH 65  857 857 HOH HOH A . 
D 3 HOH 66  858 858 HOH HOH A . 
D 3 HOH 67  859 859 HOH HOH A . 
D 3 HOH 68  860 860 HOH HOH A . 
D 3 HOH 69  861 861 HOH HOH A . 
D 3 HOH 70  862 862 HOH HOH A . 
D 3 HOH 71  863 863 HOH HOH A . 
D 3 HOH 72  864 864 HOH HOH A . 
D 3 HOH 73  865 865 HOH HOH A . 
D 3 HOH 74  866 866 HOH HOH A . 
D 3 HOH 75  867 867 HOH HOH A . 
D 3 HOH 76  868 868 HOH HOH A . 
D 3 HOH 77  869 869 HOH HOH A . 
D 3 HOH 78  870 870 HOH HOH A . 
D 3 HOH 79  871 871 HOH HOH A . 
D 3 HOH 80  872 872 HOH HOH A . 
D 3 HOH 81  873 873 HOH HOH A . 
D 3 HOH 82  875 875 HOH HOH A . 
D 3 HOH 83  876 876 HOH HOH A . 
D 3 HOH 84  877 877 HOH HOH A . 
D 3 HOH 85  878 878 HOH HOH A . 
D 3 HOH 86  879 879 HOH HOH A . 
D 3 HOH 87  880 880 HOH HOH A . 
D 3 HOH 88  881 881 HOH HOH A . 
D 3 HOH 89  882 882 HOH HOH A . 
D 3 HOH 90  883 883 HOH HOH A . 
D 3 HOH 91  884 884 HOH HOH A . 
D 3 HOH 92  885 885 HOH HOH A . 
D 3 HOH 93  886 886 HOH HOH A . 
D 3 HOH 94  887 887 HOH HOH A . 
D 3 HOH 95  888 888 HOH HOH A . 
D 3 HOH 96  889 889 HOH HOH A . 
D 3 HOH 97  890 890 HOH HOH A . 
D 3 HOH 98  891 891 HOH HOH A . 
D 3 HOH 99  892 892 HOH HOH A . 
D 3 HOH 100 893 893 HOH HOH A . 
D 3 HOH 101 894 894 HOH HOH A . 
D 3 HOH 102 895 895 HOH HOH A . 
D 3 HOH 103 896 896 HOH HOH A . 
D 3 HOH 104 897 897 HOH HOH A . 
D 3 HOH 105 898 898 HOH HOH A . 
D 3 HOH 106 899 899 HOH HOH A . 
D 3 HOH 107 900 900 HOH HOH A . 
D 3 HOH 108 901 901 HOH HOH A . 
D 3 HOH 109 902 902 HOH HOH A . 
D 3 HOH 110 903 903 HOH HOH A . 
D 3 HOH 111 904 904 HOH HOH A . 
D 3 HOH 112 905 905 HOH HOH A . 
D 3 HOH 113 906 906 HOH HOH A . 
D 3 HOH 114 907 907 HOH HOH A . 
D 3 HOH 115 908 908 HOH HOH A . 
D 3 HOH 116 909 909 HOH HOH A . 
D 3 HOH 117 910 910 HOH HOH A . 
D 3 HOH 118 911 911 HOH HOH A . 
D 3 HOH 119 912 912 HOH HOH A . 
D 3 HOH 120 914 914 HOH HOH A . 
D 3 HOH 121 915 915 HOH HOH A . 
D 3 HOH 122 916 916 HOH HOH A . 
D 3 HOH 123 917 917 HOH HOH A . 
D 3 HOH 124 919 919 HOH HOH A . 
D 3 HOH 125 920 920 HOH HOH A . 
D 3 HOH 126 921 921 HOH HOH A . 
D 3 HOH 127 922 922 HOH HOH A . 
# 
_pdbx_struct_assembly.id                   1 
_pdbx_struct_assembly.details              author_and_software_defined_assembly 
_pdbx_struct_assembly.method_details       PISA 
_pdbx_struct_assembly.oligomeric_details   dimeric 
_pdbx_struct_assembly.oligomeric_count     2 
# 
_pdbx_struct_assembly_gen.assembly_id       1 
_pdbx_struct_assembly_gen.oper_expression   1,2 
_pdbx_struct_assembly_gen.asym_id_list      A,B,C,D 
# 
loop_
_pdbx_struct_assembly_prop.biol_id 
_pdbx_struct_assembly_prop.type 
_pdbx_struct_assembly_prop.value 
_pdbx_struct_assembly_prop.details 
1 'ABSA (A^2)' 2910  ? 
1 MORE         -19   ? 
1 'SSA (A^2)'  14320 ? 
# 
loop_
_pdbx_struct_oper_list.id 
_pdbx_struct_oper_list.type 
_pdbx_struct_oper_list.name 
_pdbx_struct_oper_list.symmetry_operation 
_pdbx_struct_oper_list.matrix[1][1] 
_pdbx_struct_oper_list.matrix[1][2] 
_pdbx_struct_oper_list.matrix[1][3] 
_pdbx_struct_oper_list.vector[1] 
_pdbx_struct_oper_list.matrix[2][1] 
_pdbx_struct_oper_list.matrix[2][2] 
_pdbx_struct_oper_list.matrix[2][3] 
_pdbx_struct_oper_list.vector[2] 
_pdbx_struct_oper_list.matrix[3][1] 
_pdbx_struct_oper_list.matrix[3][2] 
_pdbx_struct_oper_list.matrix[3][3] 
_pdbx_struct_oper_list.vector[3] 
1 'identity operation'         1_555  x,y,z            1.0000000000  0.0000000000  0.0000000000  0.0000000000  0.0000000000  1.0000000000  0.0000000000 0.0000000000  0.0000000000  0.0000000000 1.0000000000 0.0000000000  
2 'crystal symmetry operation' 10_665 -y+1,-x+1,-z+1/6 -0.4461632108 -0.0921721442 -0.8901924989 18.2616821196 -0.0921721442 -0.9846602748 0.1481500561 -6.0265185846 -0.8901924989 0.1481500561 0.4308234856 11.9855745168 
# 
loop_
_pdbx_audit_revision_history.ordinal 
_pdbx_audit_revision_history.data_content_type 
_pdbx_audit_revision_history.major_revision 
_pdbx_audit_revision_history.minor_revision 
_pdbx_audit_revision_history.revision_date 
1 'Structure model' 1 0 2010-02-09 
2 'Structure model' 1 1 2011-07-13 
3 'Structure model' 1 2 2023-11-01 
# 
_pdbx_audit_revision_details.ordinal             1 
_pdbx_audit_revision_details.revision_ordinal    1 
_pdbx_audit_revision_details.data_content_type   'Structure model' 
_pdbx_audit_revision_details.provider            repository 
_pdbx_audit_revision_details.type                'Initial release' 
_pdbx_audit_revision_details.description         ? 
_pdbx_audit_revision_details.details             ? 
# 
loop_
_pdbx_audit_revision_group.ordinal 
_pdbx_audit_revision_group.revision_ordinal 
_pdbx_audit_revision_group.data_content_type 
_pdbx_audit_revision_group.group 
1 2 'Structure model' 'Version format compliance' 
2 3 'Structure model' 'Data collection'           
3 3 'Structure model' 'Database references'       
4 3 'Structure model' 'Derived calculations'      
5 3 'Structure model' 'Refinement description'    
# 
loop_
_pdbx_audit_revision_category.ordinal 
_pdbx_audit_revision_category.revision_ordinal 
_pdbx_audit_revision_category.data_content_type 
_pdbx_audit_revision_category.category 
1 3 'Structure model' chem_comp_atom                
2 3 'Structure model' chem_comp_bond                
3 3 'Structure model' database_2                    
4 3 'Structure model' pdbx_initial_refinement_model 
5 3 'Structure model' struct_site                   
# 
loop_
_pdbx_audit_revision_item.ordinal 
_pdbx_audit_revision_item.revision_ordinal 
_pdbx_audit_revision_item.data_content_type 
_pdbx_audit_revision_item.item 
1 3 'Structure model' '_database_2.pdbx_DOI'                
2 3 'Structure model' '_database_2.pdbx_database_accession' 
3 3 'Structure model' '_struct_site.pdbx_auth_asym_id'      
4 3 'Structure model' '_struct_site.pdbx_auth_comp_id'      
5 3 'Structure model' '_struct_site.pdbx_auth_seq_id'       
# 
loop_
_software.name 
_software.classification 
_software.version 
_software.citation_id 
_software.pdbx_ordinal 
HKL-2000 'data collection' .   ? 1 
MOLREP   phasing           .   ? 2 
CNS      refinement        1.1 ? 3 
HKL-2000 'data reduction'  .   ? 4 
HKL-2000 'data scaling'    .   ? 5 
# 
loop_
_pdbx_validate_torsion.id 
_pdbx_validate_torsion.PDB_model_num 
_pdbx_validate_torsion.auth_comp_id 
_pdbx_validate_torsion.auth_asym_id 
_pdbx_validate_torsion.auth_seq_id 
_pdbx_validate_torsion.PDB_ins_code 
_pdbx_validate_torsion.label_alt_id 
_pdbx_validate_torsion.phi 
_pdbx_validate_torsion.psi 
1 1 MET A 4   ? ? -163.46 0.18   
2 1 ASP A 106 ? ? -113.25 -75.58 
3 1 LYS A 134 ? ? -115.20 79.29  
4 1 GLN A 165 ? ? 79.18   -15.12 
# 
loop_
_pdbx_unobs_or_zero_occ_residues.id 
_pdbx_unobs_or_zero_occ_residues.PDB_model_num 
_pdbx_unobs_or_zero_occ_residues.polymer_flag 
_pdbx_unobs_or_zero_occ_residues.occupancy_flag 
_pdbx_unobs_or_zero_occ_residues.auth_asym_id 
_pdbx_unobs_or_zero_occ_residues.auth_comp_id 
_pdbx_unobs_or_zero_occ_residues.auth_seq_id 
_pdbx_unobs_or_zero_occ_residues.PDB_ins_code 
_pdbx_unobs_or_zero_occ_residues.label_asym_id 
_pdbx_unobs_or_zero_occ_residues.label_comp_id 
_pdbx_unobs_or_zero_occ_residues.label_seq_id 
1  1 Y 1 A MET 1   ? A MET 1   
2  1 Y 1 A LYS 2   ? A LYS 2   
3  1 Y 1 A SER 72  ? A SER 72  
4  1 Y 1 A TYR 73  ? A TYR 73  
5  1 Y 1 A GLY 74  ? A GLY 74  
6  1 Y 1 A ASN 75  ? A ASN 75  
7  1 Y 1 A ALA 76  ? A ALA 76  
8  1 Y 1 A PHE 77  ? A PHE 77  
9  1 Y 1 A LYS 78  ? A LYS 78  
10 1 Y 1 A SER 79  ? A SER 79  
11 1 Y 1 A SER 80  ? A SER 80  
12 1 Y 1 A GLY 81  ? A GLY 81  
13 1 Y 1 A GLU 82  ? A GLU 82  
14 1 Y 1 A VAL 83  ? A VAL 83  
15 1 Y 1 A GLU 181 ? A GLU 181 
# 
loop_
_chem_comp_atom.comp_id 
_chem_comp_atom.atom_id 
_chem_comp_atom.type_symbol 
_chem_comp_atom.pdbx_aromatic_flag 
_chem_comp_atom.pdbx_stereo_config 
_chem_comp_atom.pdbx_ordinal 
ALA N      N N N 1   
ALA CA     C N S 2   
ALA C      C N N 3   
ALA O      O N N 4   
ALA CB     C N N 5   
ALA OXT    O N N 6   
ALA H      H N N 7   
ALA H2     H N N 8   
ALA HA     H N N 9   
ALA HB1    H N N 10  
ALA HB2    H N N 11  
ALA HB3    H N N 12  
ALA HXT    H N N 13  
ARG N      N N N 14  
ARG CA     C N S 15  
ARG C      C N N 16  
ARG O      O N N 17  
ARG CB     C N N 18  
ARG CG     C N N 19  
ARG CD     C N N 20  
ARG NE     N N N 21  
ARG CZ     C N N 22  
ARG NH1    N N N 23  
ARG NH2    N N N 24  
ARG OXT    O N N 25  
ARG H      H N N 26  
ARG H2     H N N 27  
ARG HA     H N N 28  
ARG HB2    H N N 29  
ARG HB3    H N N 30  
ARG HG2    H N N 31  
ARG HG3    H N N 32  
ARG HD2    H N N 33  
ARG HD3    H N N 34  
ARG HE     H N N 35  
ARG HH11   H N N 36  
ARG HH12   H N N 37  
ARG HH21   H N N 38  
ARG HH22   H N N 39  
ARG HXT    H N N 40  
ASN N      N N N 41  
ASN CA     C N S 42  
ASN C      C N N 43  
ASN O      O N N 44  
ASN CB     C N N 45  
ASN CG     C N N 46  
ASN OD1    O N N 47  
ASN ND2    N N N 48  
ASN OXT    O N N 49  
ASN H      H N N 50  
ASN H2     H N N 51  
ASN HA     H N N 52  
ASN HB2    H N N 53  
ASN HB3    H N N 54  
ASN HD21   H N N 55  
ASN HD22   H N N 56  
ASN HXT    H N N 57  
ASP N      N N N 58  
ASP CA     C N S 59  
ASP C      C N N 60  
ASP O      O N N 61  
ASP CB     C N N 62  
ASP CG     C N N 63  
ASP OD1    O N N 64  
ASP OD2    O N N 65  
ASP OXT    O N N 66  
ASP H      H N N 67  
ASP H2     H N N 68  
ASP HA     H N N 69  
ASP HB2    H N N 70  
ASP HB3    H N N 71  
ASP HD2    H N N 72  
ASP HXT    H N N 73  
CYS N      N N N 74  
CYS CA     C N R 75  
CYS C      C N N 76  
CYS O      O N N 77  
CYS CB     C N N 78  
CYS SG     S N N 79  
CYS OXT    O N N 80  
CYS H      H N N 81  
CYS H2     H N N 82  
CYS HA     H N N 83  
CYS HB2    H N N 84  
CYS HB3    H N N 85  
CYS HG     H N N 86  
CYS HXT    H N N 87  
DIO C1     C N N 88  
DIO C2     C N N 89  
DIO "C1'"  C N N 90  
DIO "C2'"  C N N 91  
DIO O1     O N N 92  
DIO "O1'"  O N N 93  
DIO H11    H N N 94  
DIO H12    H N N 95  
DIO H21    H N N 96  
DIO H22    H N N 97  
DIO "H1'1" H N N 98  
DIO "H1'2" H N N 99  
DIO "H2'1" H N N 100 
DIO "H2'2" H N N 101 
GLN N      N N N 102 
GLN CA     C N S 103 
GLN C      C N N 104 
GLN O      O N N 105 
GLN CB     C N N 106 
GLN CG     C N N 107 
GLN CD     C N N 108 
GLN OE1    O N N 109 
GLN NE2    N N N 110 
GLN OXT    O N N 111 
GLN H      H N N 112 
GLN H2     H N N 113 
GLN HA     H N N 114 
GLN HB2    H N N 115 
GLN HB3    H N N 116 
GLN HG2    H N N 117 
GLN HG3    H N N 118 
GLN HE21   H N N 119 
GLN HE22   H N N 120 
GLN HXT    H N N 121 
GLU N      N N N 122 
GLU CA     C N S 123 
GLU C      C N N 124 
GLU O      O N N 125 
GLU CB     C N N 126 
GLU CG     C N N 127 
GLU CD     C N N 128 
GLU OE1    O N N 129 
GLU OE2    O N N 130 
GLU OXT    O N N 131 
GLU H      H N N 132 
GLU H2     H N N 133 
GLU HA     H N N 134 
GLU HB2    H N N 135 
GLU HB3    H N N 136 
GLU HG2    H N N 137 
GLU HG3    H N N 138 
GLU HE2    H N N 139 
GLU HXT    H N N 140 
GLY N      N N N 141 
GLY CA     C N N 142 
GLY C      C N N 143 
GLY O      O N N 144 
GLY OXT    O N N 145 
GLY H      H N N 146 
GLY H2     H N N 147 
GLY HA2    H N N 148 
GLY HA3    H N N 149 
GLY HXT    H N N 150 
HIS N      N N N 151 
HIS CA     C N S 152 
HIS C      C N N 153 
HIS O      O N N 154 
HIS CB     C N N 155 
HIS CG     C Y N 156 
HIS ND1    N Y N 157 
HIS CD2    C Y N 158 
HIS CE1    C Y N 159 
HIS NE2    N Y N 160 
HIS OXT    O N N 161 
HIS H      H N N 162 
HIS H2     H N N 163 
HIS HA     H N N 164 
HIS HB2    H N N 165 
HIS HB3    H N N 166 
HIS HD1    H N N 167 
HIS HD2    H N N 168 
HIS HE1    H N N 169 
HIS HE2    H N N 170 
HIS HXT    H N N 171 
HOH O      O N N 172 
HOH H1     H N N 173 
HOH H2     H N N 174 
ILE N      N N N 175 
ILE CA     C N S 176 
ILE C      C N N 177 
ILE O      O N N 178 
ILE CB     C N S 179 
ILE CG1    C N N 180 
ILE CG2    C N N 181 
ILE CD1    C N N 182 
ILE OXT    O N N 183 
ILE H      H N N 184 
ILE H2     H N N 185 
ILE HA     H N N 186 
ILE HB     H N N 187 
ILE HG12   H N N 188 
ILE HG13   H N N 189 
ILE HG21   H N N 190 
ILE HG22   H N N 191 
ILE HG23   H N N 192 
ILE HD11   H N N 193 
ILE HD12   H N N 194 
ILE HD13   H N N 195 
ILE HXT    H N N 196 
LEU N      N N N 197 
LEU CA     C N S 198 
LEU C      C N N 199 
LEU O      O N N 200 
LEU CB     C N N 201 
LEU CG     C N N 202 
LEU CD1    C N N 203 
LEU CD2    C N N 204 
LEU OXT    O N N 205 
LEU H      H N N 206 
LEU H2     H N N 207 
LEU HA     H N N 208 
LEU HB2    H N N 209 
LEU HB3    H N N 210 
LEU HG     H N N 211 
LEU HD11   H N N 212 
LEU HD12   H N N 213 
LEU HD13   H N N 214 
LEU HD21   H N N 215 
LEU HD22   H N N 216 
LEU HD23   H N N 217 
LEU HXT    H N N 218 
LYS N      N N N 219 
LYS CA     C N S 220 
LYS C      C N N 221 
LYS O      O N N 222 
LYS CB     C N N 223 
LYS CG     C N N 224 
LYS CD     C N N 225 
LYS CE     C N N 226 
LYS NZ     N N N 227 
LYS OXT    O N N 228 
LYS H      H N N 229 
LYS H2     H N N 230 
LYS HA     H N N 231 
LYS HB2    H N N 232 
LYS HB3    H N N 233 
LYS HG2    H N N 234 
LYS HG3    H N N 235 
LYS HD2    H N N 236 
LYS HD3    H N N 237 
LYS HE2    H N N 238 
LYS HE3    H N N 239 
LYS HZ1    H N N 240 
LYS HZ2    H N N 241 
LYS HZ3    H N N 242 
LYS HXT    H N N 243 
MET N      N N N 244 
MET CA     C N S 245 
MET C      C N N 246 
MET O      O N N 247 
MET CB     C N N 248 
MET CG     C N N 249 
MET SD     S N N 250 
MET CE     C N N 251 
MET OXT    O N N 252 
MET H      H N N 253 
MET H2     H N N 254 
MET HA     H N N 255 
MET HB2    H N N 256 
MET HB3    H N N 257 
MET HG2    H N N 258 
MET HG3    H N N 259 
MET HE1    H N N 260 
MET HE2    H N N 261 
MET HE3    H N N 262 
MET HXT    H N N 263 
PHE N      N N N 264 
PHE CA     C N S 265 
PHE C      C N N 266 
PHE O      O N N 267 
PHE CB     C N N 268 
PHE CG     C Y N 269 
PHE CD1    C Y N 270 
PHE CD2    C Y N 271 
PHE CE1    C Y N 272 
PHE CE2    C Y N 273 
PHE CZ     C Y N 274 
PHE OXT    O N N 275 
PHE H      H N N 276 
PHE H2     H N N 277 
PHE HA     H N N 278 
PHE HB2    H N N 279 
PHE HB3    H N N 280 
PHE HD1    H N N 281 
PHE HD2    H N N 282 
PHE HE1    H N N 283 
PHE HE2    H N N 284 
PHE HZ     H N N 285 
PHE HXT    H N N 286 
PRO N      N N N 287 
PRO CA     C N S 288 
PRO C      C N N 289 
PRO O      O N N 290 
PRO CB     C N N 291 
PRO CG     C N N 292 
PRO CD     C N N 293 
PRO OXT    O N N 294 
PRO H      H N N 295 
PRO HA     H N N 296 
PRO HB2    H N N 297 
PRO HB3    H N N 298 
PRO HG2    H N N 299 
PRO HG3    H N N 300 
PRO HD2    H N N 301 
PRO HD3    H N N 302 
PRO HXT    H N N 303 
SER N      N N N 304 
SER CA     C N S 305 
SER C      C N N 306 
SER O      O N N 307 
SER CB     C N N 308 
SER OG     O N N 309 
SER OXT    O N N 310 
SER H      H N N 311 
SER H2     H N N 312 
SER HA     H N N 313 
SER HB2    H N N 314 
SER HB3    H N N 315 
SER HG     H N N 316 
SER HXT    H N N 317 
THR N      N N N 318 
THR CA     C N S 319 
THR C      C N N 320 
THR O      O N N 321 
THR CB     C N R 322 
THR OG1    O N N 323 
THR CG2    C N N 324 
THR OXT    O N N 325 
THR H      H N N 326 
THR H2     H N N 327 
THR HA     H N N 328 
THR HB     H N N 329 
THR HG1    H N N 330 
THR HG21   H N N 331 
THR HG22   H N N 332 
THR HG23   H N N 333 
THR HXT    H N N 334 
TYR N      N N N 335 
TYR CA     C N S 336 
TYR C      C N N 337 
TYR O      O N N 338 
TYR CB     C N N 339 
TYR CG     C Y N 340 
TYR CD1    C Y N 341 
TYR CD2    C Y N 342 
TYR CE1    C Y N 343 
TYR CE2    C Y N 344 
TYR CZ     C Y N 345 
TYR OH     O N N 346 
TYR OXT    O N N 347 
TYR H      H N N 348 
TYR H2     H N N 349 
TYR HA     H N N 350 
TYR HB2    H N N 351 
TYR HB3    H N N 352 
TYR HD1    H N N 353 
TYR HD2    H N N 354 
TYR HE1    H N N 355 
TYR HE2    H N N 356 
TYR HH     H N N 357 
TYR HXT    H N N 358 
VAL N      N N N 359 
VAL CA     C N S 360 
VAL C      C N N 361 
VAL O      O N N 362 
VAL CB     C N N 363 
VAL CG1    C N N 364 
VAL CG2    C N N 365 
VAL OXT    O N N 366 
VAL H      H N N 367 
VAL H2     H N N 368 
VAL HA     H N N 369 
VAL HB     H N N 370 
VAL HG11   H N N 371 
VAL HG12   H N N 372 
VAL HG13   H N N 373 
VAL HG21   H N N 374 
VAL HG22   H N N 375 
VAL HG23   H N N 376 
VAL HXT    H N N 377 
# 
loop_
_chem_comp_bond.comp_id 
_chem_comp_bond.atom_id_1 
_chem_comp_bond.atom_id_2 
_chem_comp_bond.value_order 
_chem_comp_bond.pdbx_aromatic_flag 
_chem_comp_bond.pdbx_stereo_config 
_chem_comp_bond.pdbx_ordinal 
ALA N     CA     sing N N 1   
ALA N     H      sing N N 2   
ALA N     H2     sing N N 3   
ALA CA    C      sing N N 4   
ALA CA    CB     sing N N 5   
ALA CA    HA     sing N N 6   
ALA C     O      doub N N 7   
ALA C     OXT    sing N N 8   
ALA CB    HB1    sing N N 9   
ALA CB    HB2    sing N N 10  
ALA CB    HB3    sing N N 11  
ALA OXT   HXT    sing N N 12  
ARG N     CA     sing N N 13  
ARG N     H      sing N N 14  
ARG N     H2     sing N N 15  
ARG CA    C      sing N N 16  
ARG CA    CB     sing N N 17  
ARG CA    HA     sing N N 18  
ARG C     O      doub N N 19  
ARG C     OXT    sing N N 20  
ARG CB    CG     sing N N 21  
ARG CB    HB2    sing N N 22  
ARG CB    HB3    sing N N 23  
ARG CG    CD     sing N N 24  
ARG CG    HG2    sing N N 25  
ARG CG    HG3    sing N N 26  
ARG CD    NE     sing N N 27  
ARG CD    HD2    sing N N 28  
ARG CD    HD3    sing N N 29  
ARG NE    CZ     sing N N 30  
ARG NE    HE     sing N N 31  
ARG CZ    NH1    sing N N 32  
ARG CZ    NH2    doub N N 33  
ARG NH1   HH11   sing N N 34  
ARG NH1   HH12   sing N N 35  
ARG NH2   HH21   sing N N 36  
ARG NH2   HH22   sing N N 37  
ARG OXT   HXT    sing N N 38  
ASN N     CA     sing N N 39  
ASN N     H      sing N N 40  
ASN N     H2     sing N N 41  
ASN CA    C      sing N N 42  
ASN CA    CB     sing N N 43  
ASN CA    HA     sing N N 44  
ASN C     O      doub N N 45  
ASN C     OXT    sing N N 46  
ASN CB    CG     sing N N 47  
ASN CB    HB2    sing N N 48  
ASN CB    HB3    sing N N 49  
ASN CG    OD1    doub N N 50  
ASN CG    ND2    sing N N 51  
ASN ND2   HD21   sing N N 52  
ASN ND2   HD22   sing N N 53  
ASN OXT   HXT    sing N N 54  
ASP N     CA     sing N N 55  
ASP N     H      sing N N 56  
ASP N     H2     sing N N 57  
ASP CA    C      sing N N 58  
ASP CA    CB     sing N N 59  
ASP CA    HA     sing N N 60  
ASP C     O      doub N N 61  
ASP C     OXT    sing N N 62  
ASP CB    CG     sing N N 63  
ASP CB    HB2    sing N N 64  
ASP CB    HB3    sing N N 65  
ASP CG    OD1    doub N N 66  
ASP CG    OD2    sing N N 67  
ASP OD2   HD2    sing N N 68  
ASP OXT   HXT    sing N N 69  
CYS N     CA     sing N N 70  
CYS N     H      sing N N 71  
CYS N     H2     sing N N 72  
CYS CA    C      sing N N 73  
CYS CA    CB     sing N N 74  
CYS CA    HA     sing N N 75  
CYS C     O      doub N N 76  
CYS C     OXT    sing N N 77  
CYS CB    SG     sing N N 78  
CYS CB    HB2    sing N N 79  
CYS CB    HB3    sing N N 80  
CYS SG    HG     sing N N 81  
CYS OXT   HXT    sing N N 82  
DIO C1    "C1'"  sing N N 83  
DIO C1    O1     sing N N 84  
DIO C1    H11    sing N N 85  
DIO C1    H12    sing N N 86  
DIO C2    "C2'"  sing N N 87  
DIO C2    O1     sing N N 88  
DIO C2    H21    sing N N 89  
DIO C2    H22    sing N N 90  
DIO "C1'" "O1'"  sing N N 91  
DIO "C1'" "H1'1" sing N N 92  
DIO "C1'" "H1'2" sing N N 93  
DIO "C2'" "O1'"  sing N N 94  
DIO "C2'" "H2'1" sing N N 95  
DIO "C2'" "H2'2" sing N N 96  
GLN N     CA     sing N N 97  
GLN N     H      sing N N 98  
GLN N     H2     sing N N 99  
GLN CA    C      sing N N 100 
GLN CA    CB     sing N N 101 
GLN CA    HA     sing N N 102 
GLN C     O      doub N N 103 
GLN C     OXT    sing N N 104 
GLN CB    CG     sing N N 105 
GLN CB    HB2    sing N N 106 
GLN CB    HB3    sing N N 107 
GLN CG    CD     sing N N 108 
GLN CG    HG2    sing N N 109 
GLN CG    HG3    sing N N 110 
GLN CD    OE1    doub N N 111 
GLN CD    NE2    sing N N 112 
GLN NE2   HE21   sing N N 113 
GLN NE2   HE22   sing N N 114 
GLN OXT   HXT    sing N N 115 
GLU N     CA     sing N N 116 
GLU N     H      sing N N 117 
GLU N     H2     sing N N 118 
GLU CA    C      sing N N 119 
GLU CA    CB     sing N N 120 
GLU CA    HA     sing N N 121 
GLU C     O      doub N N 122 
GLU C     OXT    sing N N 123 
GLU CB    CG     sing N N 124 
GLU CB    HB2    sing N N 125 
GLU CB    HB3    sing N N 126 
GLU CG    CD     sing N N 127 
GLU CG    HG2    sing N N 128 
GLU CG    HG3    sing N N 129 
GLU CD    OE1    doub N N 130 
GLU CD    OE2    sing N N 131 
GLU OE2   HE2    sing N N 132 
GLU OXT   HXT    sing N N 133 
GLY N     CA     sing N N 134 
GLY N     H      sing N N 135 
GLY N     H2     sing N N 136 
GLY CA    C      sing N N 137 
GLY CA    HA2    sing N N 138 
GLY CA    HA3    sing N N 139 
GLY C     O      doub N N 140 
GLY C     OXT    sing N N 141 
GLY OXT   HXT    sing N N 142 
HIS N     CA     sing N N 143 
HIS N     H      sing N N 144 
HIS N     H2     sing N N 145 
HIS CA    C      sing N N 146 
HIS CA    CB     sing N N 147 
HIS CA    HA     sing N N 148 
HIS C     O      doub N N 149 
HIS C     OXT    sing N N 150 
HIS CB    CG     sing N N 151 
HIS CB    HB2    sing N N 152 
HIS CB    HB3    sing N N 153 
HIS CG    ND1    sing Y N 154 
HIS CG    CD2    doub Y N 155 
HIS ND1   CE1    doub Y N 156 
HIS ND1   HD1    sing N N 157 
HIS CD2   NE2    sing Y N 158 
HIS CD2   HD2    sing N N 159 
HIS CE1   NE2    sing Y N 160 
HIS CE1   HE1    sing N N 161 
HIS NE2   HE2    sing N N 162 
HIS OXT   HXT    sing N N 163 
HOH O     H1     sing N N 164 
HOH O     H2     sing N N 165 
ILE N     CA     sing N N 166 
ILE N     H      sing N N 167 
ILE N     H2     sing N N 168 
ILE CA    C      sing N N 169 
ILE CA    CB     sing N N 170 
ILE CA    HA     sing N N 171 
ILE C     O      doub N N 172 
ILE C     OXT    sing N N 173 
ILE CB    CG1    sing N N 174 
ILE CB    CG2    sing N N 175 
ILE CB    HB     sing N N 176 
ILE CG1   CD1    sing N N 177 
ILE CG1   HG12   sing N N 178 
ILE CG1   HG13   sing N N 179 
ILE CG2   HG21   sing N N 180 
ILE CG2   HG22   sing N N 181 
ILE CG2   HG23   sing N N 182 
ILE CD1   HD11   sing N N 183 
ILE CD1   HD12   sing N N 184 
ILE CD1   HD13   sing N N 185 
ILE OXT   HXT    sing N N 186 
LEU N     CA     sing N N 187 
LEU N     H      sing N N 188 
LEU N     H2     sing N N 189 
LEU CA    C      sing N N 190 
LEU CA    CB     sing N N 191 
LEU CA    HA     sing N N 192 
LEU C     O      doub N N 193 
LEU C     OXT    sing N N 194 
LEU CB    CG     sing N N 195 
LEU CB    HB2    sing N N 196 
LEU CB    HB3    sing N N 197 
LEU CG    CD1    sing N N 198 
LEU CG    CD2    sing N N 199 
LEU CG    HG     sing N N 200 
LEU CD1   HD11   sing N N 201 
LEU CD1   HD12   sing N N 202 
LEU CD1   HD13   sing N N 203 
LEU CD2   HD21   sing N N 204 
LEU CD2   HD22   sing N N 205 
LEU CD2   HD23   sing N N 206 
LEU OXT   HXT    sing N N 207 
LYS N     CA     sing N N 208 
LYS N     H      sing N N 209 
LYS N     H2     sing N N 210 
LYS CA    C      sing N N 211 
LYS CA    CB     sing N N 212 
LYS CA    HA     sing N N 213 
LYS C     O      doub N N 214 
LYS C     OXT    sing N N 215 
LYS CB    CG     sing N N 216 
LYS CB    HB2    sing N N 217 
LYS CB    HB3    sing N N 218 
LYS CG    CD     sing N N 219 
LYS CG    HG2    sing N N 220 
LYS CG    HG3    sing N N 221 
LYS CD    CE     sing N N 222 
LYS CD    HD2    sing N N 223 
LYS CD    HD3    sing N N 224 
LYS CE    NZ     sing N N 225 
LYS CE    HE2    sing N N 226 
LYS CE    HE3    sing N N 227 
LYS NZ    HZ1    sing N N 228 
LYS NZ    HZ2    sing N N 229 
LYS NZ    HZ3    sing N N 230 
LYS OXT   HXT    sing N N 231 
MET N     CA     sing N N 232 
MET N     H      sing N N 233 
MET N     H2     sing N N 234 
MET CA    C      sing N N 235 
MET CA    CB     sing N N 236 
MET CA    HA     sing N N 237 
MET C     O      doub N N 238 
MET C     OXT    sing N N 239 
MET CB    CG     sing N N 240 
MET CB    HB2    sing N N 241 
MET CB    HB3    sing N N 242 
MET CG    SD     sing N N 243 
MET CG    HG2    sing N N 244 
MET CG    HG3    sing N N 245 
MET SD    CE     sing N N 246 
MET CE    HE1    sing N N 247 
MET CE    HE2    sing N N 248 
MET CE    HE3    sing N N 249 
MET OXT   HXT    sing N N 250 
PHE N     CA     sing N N 251 
PHE N     H      sing N N 252 
PHE N     H2     sing N N 253 
PHE CA    C      sing N N 254 
PHE CA    CB     sing N N 255 
PHE CA    HA     sing N N 256 
PHE C     O      doub N N 257 
PHE C     OXT    sing N N 258 
PHE CB    CG     sing N N 259 
PHE CB    HB2    sing N N 260 
PHE CB    HB3    sing N N 261 
PHE CG    CD1    doub Y N 262 
PHE CG    CD2    sing Y N 263 
PHE CD1   CE1    sing Y N 264 
PHE CD1   HD1    sing N N 265 
PHE CD2   CE2    doub Y N 266 
PHE CD2   HD2    sing N N 267 
PHE CE1   CZ     doub Y N 268 
PHE CE1   HE1    sing N N 269 
PHE CE2   CZ     sing Y N 270 
PHE CE2   HE2    sing N N 271 
PHE CZ    HZ     sing N N 272 
PHE OXT   HXT    sing N N 273 
PRO N     CA     sing N N 274 
PRO N     CD     sing N N 275 
PRO N     H      sing N N 276 
PRO CA    C      sing N N 277 
PRO CA    CB     sing N N 278 
PRO CA    HA     sing N N 279 
PRO C     O      doub N N 280 
PRO C     OXT    sing N N 281 
PRO CB    CG     sing N N 282 
PRO CB    HB2    sing N N 283 
PRO CB    HB3    sing N N 284 
PRO CG    CD     sing N N 285 
PRO CG    HG2    sing N N 286 
PRO CG    HG3    sing N N 287 
PRO CD    HD2    sing N N 288 
PRO CD    HD3    sing N N 289 
PRO OXT   HXT    sing N N 290 
SER N     CA     sing N N 291 
SER N     H      sing N N 292 
SER N     H2     sing N N 293 
SER CA    C      sing N N 294 
SER CA    CB     sing N N 295 
SER CA    HA     sing N N 296 
SER C     O      doub N N 297 
SER C     OXT    sing N N 298 
SER CB    OG     sing N N 299 
SER CB    HB2    sing N N 300 
SER CB    HB3    sing N N 301 
SER OG    HG     sing N N 302 
SER OXT   HXT    sing N N 303 
THR N     CA     sing N N 304 
THR N     H      sing N N 305 
THR N     H2     sing N N 306 
THR CA    C      sing N N 307 
THR CA    CB     sing N N 308 
THR CA    HA     sing N N 309 
THR C     O      doub N N 310 
THR C     OXT    sing N N 311 
THR CB    OG1    sing N N 312 
THR CB    CG2    sing N N 313 
THR CB    HB     sing N N 314 
THR OG1   HG1    sing N N 315 
THR CG2   HG21   sing N N 316 
THR CG2   HG22   sing N N 317 
THR CG2   HG23   sing N N 318 
THR OXT   HXT    sing N N 319 
TYR N     CA     sing N N 320 
TYR N     H      sing N N 321 
TYR N     H2     sing N N 322 
TYR CA    C      sing N N 323 
TYR CA    CB     sing N N 324 
TYR CA    HA     sing N N 325 
TYR C     O      doub N N 326 
TYR C     OXT    sing N N 327 
TYR CB    CG     sing N N 328 
TYR CB    HB2    sing N N 329 
TYR CB    HB3    sing N N 330 
TYR CG    CD1    doub Y N 331 
TYR CG    CD2    sing Y N 332 
TYR CD1   CE1    sing Y N 333 
TYR CD1   HD1    sing N N 334 
TYR CD2   CE2    doub Y N 335 
TYR CD2   HD2    sing N N 336 
TYR CE1   CZ     doub Y N 337 
TYR CE1   HE1    sing N N 338 
TYR CE2   CZ     sing Y N 339 
TYR CE2   HE2    sing N N 340 
TYR CZ    OH     sing N N 341 
TYR OH    HH     sing N N 342 
TYR OXT   HXT    sing N N 343 
VAL N     CA     sing N N 344 
VAL N     H      sing N N 345 
VAL N     H2     sing N N 346 
VAL CA    C      sing N N 347 
VAL CA    CB     sing N N 348 
VAL CA    HA     sing N N 349 
VAL C     O      doub N N 350 
VAL C     OXT    sing N N 351 
VAL CB    CG1    sing N N 352 
VAL CB    CG2    sing N N 353 
VAL CB    HB     sing N N 354 
VAL CG1   HG11   sing N N 355 
VAL CG1   HG12   sing N N 356 
VAL CG1   HG13   sing N N 357 
VAL CG2   HG21   sing N N 358 
VAL CG2   HG22   sing N N 359 
VAL CG2   HG23   sing N N 360 
VAL OXT   HXT    sing N N 361 
# 
loop_
_pdbx_entity_nonpoly.entity_id 
_pdbx_entity_nonpoly.name 
_pdbx_entity_nonpoly.comp_id 
2 '1,4-DIETHYLENE DIOXIDE' DIO 
3 water                    HOH 
# 
_pdbx_initial_refinement_model.id               1 
_pdbx_initial_refinement_model.entity_id_list   ? 
_pdbx_initial_refinement_model.type             'experimental model' 
_pdbx_initial_refinement_model.source_name      PDB 
_pdbx_initial_refinement_model.accession_code   1YFZ 
_pdbx_initial_refinement_model.details          ? 
# 
